data_7ZFT
# 
_entry.id   7ZFT 
# 
_audit_conform.dict_name       mmcif_pdbx.dic 
_audit_conform.dict_version    5.384 
_audit_conform.dict_location   http://mmcif.pdb.org/dictionaries/ascii/mmcif_pdbx.dic 
# 
loop_
_database_2.database_id 
_database_2.database_code 
_database_2.pdbx_database_accession 
_database_2.pdbx_DOI 
PDB   7ZFT         pdb_00007zft 10.2210/pdb7zft/pdb 
WWPDB D_1292122180 ?            ?                   
# 
loop_
_pdbx_audit_revision_history.ordinal 
_pdbx_audit_revision_history.data_content_type 
_pdbx_audit_revision_history.major_revision 
_pdbx_audit_revision_history.minor_revision 
_pdbx_audit_revision_history.revision_date 
1 'Structure model' 1 0 2022-11-23 
2 'Structure model' 1 1 2022-12-07 
3 'Structure model' 1 2 2023-01-11 
4 'Structure model' 1 3 2024-01-31 
# 
_pdbx_audit_revision_details.ordinal             1 
_pdbx_audit_revision_details.revision_ordinal    1 
_pdbx_audit_revision_details.data_content_type   'Structure model' 
_pdbx_audit_revision_details.provider            repository 
_pdbx_audit_revision_details.type                'Initial release' 
_pdbx_audit_revision_details.description         ? 
_pdbx_audit_revision_details.details             ? 
# 
loop_
_pdbx_audit_revision_group.ordinal 
_pdbx_audit_revision_group.revision_ordinal 
_pdbx_audit_revision_group.data_content_type 
_pdbx_audit_revision_group.group 
1 2 'Structure model' 'Database references'    
2 3 'Structure model' 'Database references'    
3 4 'Structure model' 'Data collection'        
4 4 'Structure model' 'Refinement description' 
# 
loop_
_pdbx_audit_revision_category.ordinal 
_pdbx_audit_revision_category.revision_ordinal 
_pdbx_audit_revision_category.data_content_type 
_pdbx_audit_revision_category.category 
1 2 'Structure model' citation                      
2 2 'Structure model' citation_author               
3 3 'Structure model' citation_author               
4 4 'Structure model' chem_comp_atom                
5 4 'Structure model' chem_comp_bond                
6 4 'Structure model' pdbx_initial_refinement_model 
# 
loop_
_pdbx_audit_revision_item.ordinal 
_pdbx_audit_revision_item.revision_ordinal 
_pdbx_audit_revision_item.data_content_type 
_pdbx_audit_revision_item.item 
1 2 'Structure model' '_citation.journal_volume'          
2 2 'Structure model' '_citation.page_first'              
3 2 'Structure model' '_citation.page_last'               
4 2 'Structure model' '_citation_author.identifier_ORCID' 
5 3 'Structure model' '_citation_author.identifier_ORCID' 
# 
_pdbx_database_status.status_code                     REL 
_pdbx_database_status.status_code_sf                  REL 
_pdbx_database_status.status_code_mr                  ? 
_pdbx_database_status.entry_id                        7ZFT 
_pdbx_database_status.recvd_initial_deposition_date   2022-04-01 
_pdbx_database_status.SG_entry                        N 
_pdbx_database_status.deposit_site                    PDBE 
_pdbx_database_status.process_site                    PDBE 
_pdbx_database_status.status_code_cs                  ? 
_pdbx_database_status.status_code_nmr_data            ? 
_pdbx_database_status.methods_development_category    ? 
_pdbx_database_status.pdb_format_compatible           N 
# 
_pdbx_contact_author.id                 2 
_pdbx_contact_author.email              martin.noble@ncl.ac.uk 
_pdbx_contact_author.name_first         Martin 
_pdbx_contact_author.name_last          Noble 
_pdbx_contact_author.name_mi            E.M. 
_pdbx_contact_author.role               'principal investigator/group leader' 
_pdbx_contact_author.identifier_ORCID   0000-0002-3595-9807 
# 
loop_
_audit_author.name 
_audit_author.pdbx_ordinal 
_audit_author.identifier_ORCID 
'Turberville, S.' 1 0000-0003-2173-9675 
'Martin, M.P.'    2 0000-0003-4810-3351 
'Hope, I.'        3 ?                   
'Noble, M.E.M.'   4 0000-0002-3595-9807 
# 
_citation.abstract                  ? 
_citation.abstract_id_CAS           ? 
_citation.book_id_ISBN              ? 
_citation.book_publisher            ? 
_citation.book_publisher_city       ? 
_citation.book_title                ? 
_citation.coordinate_linkage        ? 
_citation.country                   US 
_citation.database_id_Medline       ? 
_citation.details                   ? 
_citation.id                        primary 
_citation.journal_abbrev            J.Med.Chem. 
_citation.journal_id_ASTM           JMCMAR 
_citation.journal_id_CSD            0151 
_citation.journal_id_ISSN           0022-2623 
_citation.journal_full              ? 
_citation.journal_issue             ? 
_citation.journal_volume            65 
_citation.language                  ? 
_citation.page_first                15416 
_citation.page_last                 15432 
_citation.title                     
;Mapping Ligand Interactions of Bromodomains BRD4 and ATAD2 with FragLites and PepLites&#9472;Halogenated Probes of Druglike and Peptide-like Molecular Interactions.
;
_citation.year                      2022 
_citation.database_id_CSD           ? 
_citation.pdbx_database_id_DOI      10.1021/acs.jmedchem.2c01357 
_citation.pdbx_database_id_PubMed   36367089 
_citation.pdbx_database_id_patent   ? 
_citation.unpublished_flag          ? 
# 
loop_
_citation_author.citation_id 
_citation_author.name 
_citation_author.ordinal 
_citation_author.identifier_ORCID 
primary 'Davison, G.'       1  0000-0001-5466-2702 
primary 'Martin, M.P.'      2  ?                   
primary 'Turberville, S.'   3  ?                   
primary 'Dormen, S.'        4  ?                   
primary 'Heath, R.'         5  ?                   
primary 'Heptinstall, A.B.' 6  ?                   
primary 'Lawson, M.'        7  ?                   
primary 'Miller, D.C.'      8  0000-0001-6846-2007 
primary 'Ng, Y.M.'          9  ?                   
primary 'Sanderson, J.N.'   10 0000-0003-1000-2897 
primary 'Hope, I.'          11 0000-0002-8002-5026 
primary 'Wood, D.J.'        12 ?                   
primary 'Cano, C.'          13 0000-0002-2032-2272 
primary 'Endicott, J.A.'    14 ?                   
primary 'Hardcastle, I.R.'  15 0000-0001-7495-3769 
primary 'Noble, M.E.M.'     16 ?                   
primary 'Waring, M.J.'      17 0000-0002-9110-8783 
# 
loop_
_entity.id 
_entity.type 
_entity.src_method 
_entity.pdbx_description 
_entity.formula_weight 
_entity.pdbx_number_of_molecules 
_entity.pdbx_ec 
_entity.pdbx_mutation 
_entity.pdbx_fragment 
_entity.details 
1 polymer     man 'Bromodomain-containing protein 4'         15294.578 1   ? ? ? ? 
2 non-polymer syn 3-azanyl-5-bromanyl-1-methyl-pyridin-2-one 203.037   1   ? ? ? ? 
3 non-polymer syn GLYCEROL                                   92.094    3   ? ? ? ? 
4 water       nat water                                      18.015    144 ? ? ? ? 
# 
_entity_name_com.entity_id   1 
_entity_name_com.name        'Protein HUNK1' 
# 
_entity_poly.entity_id                      1 
_entity_poly.type                           'polypeptide(L)' 
_entity_poly.nstd_linkage                   no 
_entity_poly.nstd_monomer                   no 
_entity_poly.pdbx_seq_one_letter_code       
;GSHMNPPPPETSNPNKPKRQTNQLQYLLRVVLKTLWKHQFAWPFQQPVDAVKLNLPDYYKIIKTPMDMGTIKKRLENNYY
WNAQECIQDFNTMFTNCYIYNKPGDDIVLMAEALEKLFLQKINELPTEE
;
_entity_poly.pdbx_seq_one_letter_code_can   
;GSHMNPPPPETSNPNKPKRQTNQLQYLLRVVLKTLWKHQFAWPFQQPVDAVKLNLPDYYKIIKTPMDMGTIKKRLENNYY
WNAQECIQDFNTMFTNCYIYNKPGDDIVLMAEALEKLFLQKINELPTEE
;
_entity_poly.pdbx_strand_id                 AAA 
_entity_poly.pdbx_target_identifier         ? 
# 
loop_
_pdbx_entity_nonpoly.entity_id 
_pdbx_entity_nonpoly.name 
_pdbx_entity_nonpoly.comp_id 
2 3-azanyl-5-bromanyl-1-methyl-pyridin-2-one HWC 
3 GLYCEROL                                   GOL 
4 water                                      HOH 
# 
loop_
_entity_poly_seq.entity_id 
_entity_poly_seq.num 
_entity_poly_seq.mon_id 
_entity_poly_seq.hetero 
1 1   GLY n 
1 2   SER n 
1 3   HIS n 
1 4   MET n 
1 5   ASN n 
1 6   PRO n 
1 7   PRO n 
1 8   PRO n 
1 9   PRO n 
1 10  GLU n 
1 11  THR n 
1 12  SER n 
1 13  ASN n 
1 14  PRO n 
1 15  ASN n 
1 16  LYS n 
1 17  PRO n 
1 18  LYS n 
1 19  ARG n 
1 20  GLN n 
1 21  THR n 
1 22  ASN n 
1 23  GLN n 
1 24  LEU n 
1 25  GLN n 
1 26  TYR n 
1 27  LEU n 
1 28  LEU n 
1 29  ARG n 
1 30  VAL n 
1 31  VAL n 
1 32  LEU n 
1 33  LYS n 
1 34  THR n 
1 35  LEU n 
1 36  TRP n 
1 37  LYS n 
1 38  HIS n 
1 39  GLN n 
1 40  PHE n 
1 41  ALA n 
1 42  TRP n 
1 43  PRO n 
1 44  PHE n 
1 45  GLN n 
1 46  GLN n 
1 47  PRO n 
1 48  VAL n 
1 49  ASP n 
1 50  ALA n 
1 51  VAL n 
1 52  LYS n 
1 53  LEU n 
1 54  ASN n 
1 55  LEU n 
1 56  PRO n 
1 57  ASP n 
1 58  TYR n 
1 59  TYR n 
1 60  LYS n 
1 61  ILE n 
1 62  ILE n 
1 63  LYS n 
1 64  THR n 
1 65  PRO n 
1 66  MET n 
1 67  ASP n 
1 68  MET n 
1 69  GLY n 
1 70  THR n 
1 71  ILE n 
1 72  LYS n 
1 73  LYS n 
1 74  ARG n 
1 75  LEU n 
1 76  GLU n 
1 77  ASN n 
1 78  ASN n 
1 79  TYR n 
1 80  TYR n 
1 81  TRP n 
1 82  ASN n 
1 83  ALA n 
1 84  GLN n 
1 85  GLU n 
1 86  CYS n 
1 87  ILE n 
1 88  GLN n 
1 89  ASP n 
1 90  PHE n 
1 91  ASN n 
1 92  THR n 
1 93  MET n 
1 94  PHE n 
1 95  THR n 
1 96  ASN n 
1 97  CYS n 
1 98  TYR n 
1 99  ILE n 
1 100 TYR n 
1 101 ASN n 
1 102 LYS n 
1 103 PRO n 
1 104 GLY n 
1 105 ASP n 
1 106 ASP n 
1 107 ILE n 
1 108 VAL n 
1 109 LEU n 
1 110 MET n 
1 111 ALA n 
1 112 GLU n 
1 113 ALA n 
1 114 LEU n 
1 115 GLU n 
1 116 LYS n 
1 117 LEU n 
1 118 PHE n 
1 119 LEU n 
1 120 GLN n 
1 121 LYS n 
1 122 ILE n 
1 123 ASN n 
1 124 GLU n 
1 125 LEU n 
1 126 PRO n 
1 127 THR n 
1 128 GLU n 
1 129 GLU n 
# 
_entity_src_gen.entity_id                          1 
_entity_src_gen.pdbx_src_id                        1 
_entity_src_gen.pdbx_alt_source_flag               sample 
_entity_src_gen.pdbx_seq_type                      'Biological sequence' 
_entity_src_gen.pdbx_beg_seq_num                   1 
_entity_src_gen.pdbx_end_seq_num                   129 
_entity_src_gen.gene_src_common_name               human 
_entity_src_gen.gene_src_genus                     ? 
_entity_src_gen.pdbx_gene_src_gene                 'BRD4, HUNK1' 
_entity_src_gen.gene_src_species                   ? 
_entity_src_gen.gene_src_strain                    ? 
_entity_src_gen.gene_src_tissue                    ? 
_entity_src_gen.gene_src_tissue_fraction           ? 
_entity_src_gen.gene_src_details                   ? 
_entity_src_gen.pdbx_gene_src_fragment             ? 
_entity_src_gen.pdbx_gene_src_scientific_name      'Homo sapiens' 
_entity_src_gen.pdbx_gene_src_ncbi_taxonomy_id     9606 
_entity_src_gen.pdbx_gene_src_variant              ? 
_entity_src_gen.pdbx_gene_src_cell_line            ? 
_entity_src_gen.pdbx_gene_src_atcc                 ? 
_entity_src_gen.pdbx_gene_src_organ                ? 
_entity_src_gen.pdbx_gene_src_organelle            ? 
_entity_src_gen.pdbx_gene_src_cell                 ? 
_entity_src_gen.pdbx_gene_src_cellular_location    ? 
_entity_src_gen.host_org_common_name               ? 
_entity_src_gen.pdbx_host_org_scientific_name      'Escherichia coli BL21(DE3)' 
_entity_src_gen.pdbx_host_org_ncbi_taxonomy_id     469008 
_entity_src_gen.host_org_genus                     ? 
_entity_src_gen.pdbx_host_org_gene                 ? 
_entity_src_gen.pdbx_host_org_organ                ? 
_entity_src_gen.host_org_species                   ? 
_entity_src_gen.pdbx_host_org_tissue               ? 
_entity_src_gen.pdbx_host_org_tissue_fraction      ? 
_entity_src_gen.pdbx_host_org_strain               ? 
_entity_src_gen.pdbx_host_org_variant              ? 
_entity_src_gen.pdbx_host_org_cell_line            ? 
_entity_src_gen.pdbx_host_org_atcc                 ? 
_entity_src_gen.pdbx_host_org_culture_collection   ? 
_entity_src_gen.pdbx_host_org_cell                 ? 
_entity_src_gen.pdbx_host_org_organelle            ? 
_entity_src_gen.pdbx_host_org_cellular_location    ? 
_entity_src_gen.pdbx_host_org_vector_type          ? 
_entity_src_gen.pdbx_host_org_vector               ? 
_entity_src_gen.host_org_details                   ? 
_entity_src_gen.expression_system_id               ? 
_entity_src_gen.plasmid_name                       pET28b 
_entity_src_gen.plasmid_details                    ? 
_entity_src_gen.pdbx_description                   ? 
# 
loop_
_chem_comp.id 
_chem_comp.type 
_chem_comp.mon_nstd_flag 
_chem_comp.name 
_chem_comp.pdbx_synonyms 
_chem_comp.formula 
_chem_comp.formula_weight 
ALA 'L-peptide linking' y ALANINE                                    ?                               'C3 H7 N O2'     89.093  
ARG 'L-peptide linking' y ARGININE                                   ?                               'C6 H15 N4 O2 1' 175.209 
ASN 'L-peptide linking' y ASPARAGINE                                 ?                               'C4 H8 N2 O3'    132.118 
ASP 'L-peptide linking' y 'ASPARTIC ACID'                            ?                               'C4 H7 N O4'     133.103 
CYS 'L-peptide linking' y CYSTEINE                                   ?                               'C3 H7 N O2 S'   121.158 
GLN 'L-peptide linking' y GLUTAMINE                                  ?                               'C5 H10 N2 O3'   146.144 
GLU 'L-peptide linking' y 'GLUTAMIC ACID'                            ?                               'C5 H9 N O4'     147.129 
GLY 'peptide linking'   y GLYCINE                                    ?                               'C2 H5 N O2'     75.067  
GOL non-polymer         . GLYCEROL                                   'GLYCERIN; PROPANE-1,2,3-TRIOL' 'C3 H8 O3'       92.094  
HIS 'L-peptide linking' y HISTIDINE                                  ?                               'C6 H10 N3 O2 1' 156.162 
HOH non-polymer         . WATER                                      ?                               'H2 O'           18.015  
HWC non-polymer         . 3-azanyl-5-bromanyl-1-methyl-pyridin-2-one ?                               'C6 H7 Br N2 O'  203.037 
ILE 'L-peptide linking' y ISOLEUCINE                                 ?                               'C6 H13 N O2'    131.173 
LEU 'L-peptide linking' y LEUCINE                                    ?                               'C6 H13 N O2'    131.173 
LYS 'L-peptide linking' y LYSINE                                     ?                               'C6 H15 N2 O2 1' 147.195 
MET 'L-peptide linking' y METHIONINE                                 ?                               'C5 H11 N O2 S'  149.211 
PHE 'L-peptide linking' y PHENYLALANINE                              ?                               'C9 H11 N O2'    165.189 
PRO 'L-peptide linking' y PROLINE                                    ?                               'C5 H9 N O2'     115.130 
SER 'L-peptide linking' y SERINE                                     ?                               'C3 H7 N O3'     105.093 
THR 'L-peptide linking' y THREONINE                                  ?                               'C4 H9 N O3'     119.119 
TRP 'L-peptide linking' y TRYPTOPHAN                                 ?                               'C11 H12 N2 O2'  204.225 
TYR 'L-peptide linking' y TYROSINE                                   ?                               'C9 H11 N O3'    181.189 
VAL 'L-peptide linking' y VALINE                                     ?                               'C5 H11 N O2'    117.146 
# 
loop_
_pdbx_poly_seq_scheme.asym_id 
_pdbx_poly_seq_scheme.entity_id 
_pdbx_poly_seq_scheme.seq_id 
_pdbx_poly_seq_scheme.mon_id 
_pdbx_poly_seq_scheme.ndb_seq_num 
_pdbx_poly_seq_scheme.pdb_seq_num 
_pdbx_poly_seq_scheme.auth_seq_num 
_pdbx_poly_seq_scheme.pdb_mon_id 
_pdbx_poly_seq_scheme.auth_mon_id 
_pdbx_poly_seq_scheme.pdb_strand_id 
_pdbx_poly_seq_scheme.pdb_ins_code 
_pdbx_poly_seq_scheme.hetero 
A 1 1   GLY 1   40  40  GLY GLY AAA . n 
A 1 2   SER 2   41  41  SER SER AAA . n 
A 1 3   HIS 3   42  42  HIS HIS AAA . n 
A 1 4   MET 4   43  43  MET MET AAA . n 
A 1 5   ASN 5   44  44  ASN ASN AAA . n 
A 1 6   PRO 6   45  45  PRO PRO AAA . n 
A 1 7   PRO 7   46  46  PRO PRO AAA . n 
A 1 8   PRO 8   47  47  PRO PRO AAA . n 
A 1 9   PRO 9   48  48  PRO PRO AAA . n 
A 1 10  GLU 10  49  49  GLU GLU AAA . n 
A 1 11  THR 11  50  50  THR THR AAA . n 
A 1 12  SER 12  51  51  SER SER AAA . n 
A 1 13  ASN 13  52  52  ASN ASN AAA . n 
A 1 14  PRO 14  53  53  PRO PRO AAA . n 
A 1 15  ASN 15  54  54  ASN ASN AAA . n 
A 1 16  LYS 16  55  55  LYS LYS AAA . n 
A 1 17  PRO 17  56  56  PRO PRO AAA . n 
A 1 18  LYS 18  57  57  LYS LYS AAA . n 
A 1 19  ARG 19  58  58  ARG ARG AAA . n 
A 1 20  GLN 20  59  59  GLN GLN AAA . n 
A 1 21  THR 21  60  60  THR THR AAA . n 
A 1 22  ASN 22  61  61  ASN ASN AAA . n 
A 1 23  GLN 23  62  62  GLN GLN AAA . n 
A 1 24  LEU 24  63  63  LEU LEU AAA . n 
A 1 25  GLN 25  64  64  GLN GLN AAA . n 
A 1 26  TYR 26  65  65  TYR TYR AAA . n 
A 1 27  LEU 27  66  66  LEU LEU AAA . n 
A 1 28  LEU 28  67  67  LEU LEU AAA . n 
A 1 29  ARG 29  68  68  ARG ARG AAA . n 
A 1 30  VAL 30  69  69  VAL VAL AAA . n 
A 1 31  VAL 31  70  70  VAL VAL AAA . n 
A 1 32  LEU 32  71  71  LEU LEU AAA . n 
A 1 33  LYS 33  72  72  LYS LYS AAA . n 
A 1 34  THR 34  73  73  THR THR AAA . n 
A 1 35  LEU 35  74  74  LEU LEU AAA . n 
A 1 36  TRP 36  75  75  TRP TRP AAA . n 
A 1 37  LYS 37  76  76  LYS LYS AAA . n 
A 1 38  HIS 38  77  77  HIS HIS AAA . n 
A 1 39  GLN 39  78  78  GLN GLN AAA . n 
A 1 40  PHE 40  79  79  PHE PHE AAA . n 
A 1 41  ALA 41  80  80  ALA ALA AAA . n 
A 1 42  TRP 42  81  81  TRP TRP AAA . n 
A 1 43  PRO 43  82  82  PRO PRO AAA . n 
A 1 44  PHE 44  83  83  PHE PHE AAA . n 
A 1 45  GLN 45  84  84  GLN GLN AAA . n 
A 1 46  GLN 46  85  85  GLN GLN AAA . n 
A 1 47  PRO 47  86  86  PRO PRO AAA . n 
A 1 48  VAL 48  87  87  VAL VAL AAA . n 
A 1 49  ASP 49  88  88  ASP ASP AAA . n 
A 1 50  ALA 50  89  89  ALA ALA AAA . n 
A 1 51  VAL 51  90  90  VAL VAL AAA . n 
A 1 52  LYS 52  91  91  LYS LYS AAA . n 
A 1 53  LEU 53  92  92  LEU LEU AAA . n 
A 1 54  ASN 54  93  93  ASN ASN AAA . n 
A 1 55  LEU 55  94  94  LEU LEU AAA . n 
A 1 56  PRO 56  95  95  PRO PRO AAA . n 
A 1 57  ASP 57  96  96  ASP ASP AAA . n 
A 1 58  TYR 58  97  97  TYR TYR AAA . n 
A 1 59  TYR 59  98  98  TYR TYR AAA . n 
A 1 60  LYS 60  99  99  LYS LYS AAA . n 
A 1 61  ILE 61  100 100 ILE ILE AAA . n 
A 1 62  ILE 62  101 101 ILE ILE AAA . n 
A 1 63  LYS 63  102 102 LYS LYS AAA . n 
A 1 64  THR 64  103 103 THR THR AAA . n 
A 1 65  PRO 65  104 104 PRO PRO AAA . n 
A 1 66  MET 66  105 105 MET MET AAA . n 
A 1 67  ASP 67  106 106 ASP ASP AAA . n 
A 1 68  MET 68  107 107 MET MET AAA . n 
A 1 69  GLY 69  108 108 GLY GLY AAA . n 
A 1 70  THR 70  109 109 THR THR AAA . n 
A 1 71  ILE 71  110 110 ILE ILE AAA . n 
A 1 72  LYS 72  111 111 LYS LYS AAA . n 
A 1 73  LYS 73  112 112 LYS LYS AAA . n 
A 1 74  ARG 74  113 113 ARG ARG AAA . n 
A 1 75  LEU 75  114 114 LEU LEU AAA . n 
A 1 76  GLU 76  115 115 GLU GLU AAA . n 
A 1 77  ASN 77  116 116 ASN ASN AAA . n 
A 1 78  ASN 78  117 117 ASN ASN AAA . n 
A 1 79  TYR 79  118 118 TYR TYR AAA . n 
A 1 80  TYR 80  119 119 TYR TYR AAA . n 
A 1 81  TRP 81  120 120 TRP TRP AAA . n 
A 1 82  ASN 82  121 121 ASN ASN AAA . n 
A 1 83  ALA 83  122 122 ALA ALA AAA . n 
A 1 84  GLN 84  123 123 GLN GLN AAA . n 
A 1 85  GLU 85  124 124 GLU GLU AAA . n 
A 1 86  CYS 86  125 125 CYS CYS AAA . n 
A 1 87  ILE 87  126 126 ILE ILE AAA . n 
A 1 88  GLN 88  127 127 GLN GLN AAA . n 
A 1 89  ASP 89  128 128 ASP ASP AAA . n 
A 1 90  PHE 90  129 129 PHE PHE AAA . n 
A 1 91  ASN 91  130 130 ASN ASN AAA . n 
A 1 92  THR 92  131 131 THR THR AAA . n 
A 1 93  MET 93  132 132 MET MET AAA . n 
A 1 94  PHE 94  133 133 PHE PHE AAA . n 
A 1 95  THR 95  134 134 THR THR AAA . n 
A 1 96  ASN 96  135 135 ASN ASN AAA . n 
A 1 97  CYS 97  136 136 CYS CYS AAA . n 
A 1 98  TYR 98  137 137 TYR TYR AAA . n 
A 1 99  ILE 99  138 138 ILE ILE AAA . n 
A 1 100 TYR 100 139 139 TYR TYR AAA . n 
A 1 101 ASN 101 140 140 ASN ASN AAA . n 
A 1 102 LYS 102 141 141 LYS LYS AAA . n 
A 1 103 PRO 103 142 142 PRO PRO AAA . n 
A 1 104 GLY 104 143 143 GLY GLY AAA . n 
A 1 105 ASP 105 144 144 ASP ASP AAA . n 
A 1 106 ASP 106 145 145 ASP ASP AAA . n 
A 1 107 ILE 107 146 146 ILE ILE AAA . n 
A 1 108 VAL 108 147 147 VAL VAL AAA . n 
A 1 109 LEU 109 148 148 LEU LEU AAA . n 
A 1 110 MET 110 149 149 MET MET AAA . n 
A 1 111 ALA 111 150 150 ALA ALA AAA . n 
A 1 112 GLU 112 151 151 GLU GLU AAA . n 
A 1 113 ALA 113 152 152 ALA ALA AAA . n 
A 1 114 LEU 114 153 153 LEU LEU AAA . n 
A 1 115 GLU 115 154 154 GLU GLU AAA . n 
A 1 116 LYS 116 155 155 LYS LYS AAA . n 
A 1 117 LEU 117 156 156 LEU LEU AAA . n 
A 1 118 PHE 118 157 157 PHE PHE AAA . n 
A 1 119 LEU 119 158 158 LEU LEU AAA . n 
A 1 120 GLN 120 159 159 GLN GLN AAA . n 
A 1 121 LYS 121 160 160 LYS LYS AAA . n 
A 1 122 ILE 122 161 161 ILE ILE AAA . n 
A 1 123 ASN 123 162 162 ASN ASN AAA . n 
A 1 124 GLU 124 163 163 GLU GLU AAA . n 
A 1 125 LEU 125 164 164 LEU LEU AAA . n 
A 1 126 PRO 126 165 165 PRO PRO AAA . n 
A 1 127 THR 127 166 166 THR THR AAA . n 
A 1 128 GLU 128 167 167 GLU GLU AAA . n 
A 1 129 GLU 129 168 168 GLU GLU AAA . n 
# 
loop_
_pdbx_nonpoly_scheme.asym_id 
_pdbx_nonpoly_scheme.entity_id 
_pdbx_nonpoly_scheme.mon_id 
_pdbx_nonpoly_scheme.ndb_seq_num 
_pdbx_nonpoly_scheme.pdb_seq_num 
_pdbx_nonpoly_scheme.auth_seq_num 
_pdbx_nonpoly_scheme.pdb_mon_id 
_pdbx_nonpoly_scheme.auth_mon_id 
_pdbx_nonpoly_scheme.pdb_strand_id 
_pdbx_nonpoly_scheme.pdb_ins_code 
B 2 HWC 1   201 201 HWC DRG AAA . 
C 3 GOL 1   202 1   GOL GOL AAA . 
D 3 GOL 1   203 2   GOL GOL AAA . 
E 3 GOL 1   204 3   GOL GOL AAA . 
F 4 HOH 1   301 183 HOH HOH AAA . 
F 4 HOH 2   302 121 HOH HOH AAA . 
F 4 HOH 3   303 200 HOH HOH AAA . 
F 4 HOH 4   304 14  HOH HOH AAA . 
F 4 HOH 5   305 165 HOH HOH AAA . 
F 4 HOH 6   306 67  HOH HOH AAA . 
F 4 HOH 7   307 204 HOH HOH AAA . 
F 4 HOH 8   308 148 HOH HOH AAA . 
F 4 HOH 9   309 201 HOH HOH AAA . 
F 4 HOH 10  310 128 HOH HOH AAA . 
F 4 HOH 11  311 185 HOH HOH AAA . 
F 4 HOH 12  312 50  HOH HOH AAA . 
F 4 HOH 13  313 10  HOH HOH AAA . 
F 4 HOH 14  314 188 HOH HOH AAA . 
F 4 HOH 15  315 139 HOH HOH AAA . 
F 4 HOH 16  316 94  HOH HOH AAA . 
F 4 HOH 17  317 43  HOH HOH AAA . 
F 4 HOH 18  318 25  HOH HOH AAA . 
F 4 HOH 19  319 136 HOH HOH AAA . 
F 4 HOH 20  320 47  HOH HOH AAA . 
F 4 HOH 21  321 37  HOH HOH AAA . 
F 4 HOH 22  322 92  HOH HOH AAA . 
F 4 HOH 23  323 80  HOH HOH AAA . 
F 4 HOH 24  324 4   HOH HOH AAA . 
F 4 HOH 25  325 170 HOH HOH AAA . 
F 4 HOH 26  326 160 HOH HOH AAA . 
F 4 HOH 27  327 83  HOH HOH AAA . 
F 4 HOH 28  328 172 HOH HOH AAA . 
F 4 HOH 29  329 26  HOH HOH AAA . 
F 4 HOH 30  330 11  HOH HOH AAA . 
F 4 HOH 31  331 143 HOH HOH AAA . 
F 4 HOH 32  332 174 HOH HOH AAA . 
F 4 HOH 33  333 38  HOH HOH AAA . 
F 4 HOH 34  334 90  HOH HOH AAA . 
F 4 HOH 35  335 198 HOH HOH AAA . 
F 4 HOH 36  336 8   HOH HOH AAA . 
F 4 HOH 37  337 13  HOH HOH AAA . 
F 4 HOH 38  338 82  HOH HOH AAA . 
F 4 HOH 39  339 52  HOH HOH AAA . 
F 4 HOH 40  340 12  HOH HOH AAA . 
F 4 HOH 41  341 55  HOH HOH AAA . 
F 4 HOH 42  342 19  HOH HOH AAA . 
F 4 HOH 43  343 22  HOH HOH AAA . 
F 4 HOH 44  344 176 HOH HOH AAA . 
F 4 HOH 45  345 175 HOH HOH AAA . 
F 4 HOH 46  346 171 HOH HOH AAA . 
F 4 HOH 47  347 62  HOH HOH AAA . 
F 4 HOH 48  348 9   HOH HOH AAA . 
F 4 HOH 49  349 27  HOH HOH AAA . 
F 4 HOH 50  350 63  HOH HOH AAA . 
F 4 HOH 51  351 17  HOH HOH AAA . 
F 4 HOH 52  352 32  HOH HOH AAA . 
F 4 HOH 53  353 53  HOH HOH AAA . 
F 4 HOH 54  354 6   HOH HOH AAA . 
F 4 HOH 55  355 71  HOH HOH AAA . 
F 4 HOH 56  356 70  HOH HOH AAA . 
F 4 HOH 57  357 77  HOH HOH AAA . 
F 4 HOH 58  358 127 HOH HOH AAA . 
F 4 HOH 59  359 42  HOH HOH AAA . 
F 4 HOH 60  360 2   HOH HOH AAA . 
F 4 HOH 61  361 86  HOH HOH AAA . 
F 4 HOH 62  362 1   HOH HOH AAA . 
F 4 HOH 63  363 79  HOH HOH AAA . 
F 4 HOH 64  364 35  HOH HOH AAA . 
F 4 HOH 65  365 21  HOH HOH AAA . 
F 4 HOH 66  366 122 HOH HOH AAA . 
F 4 HOH 67  367 69  HOH HOH AAA . 
F 4 HOH 68  368 36  HOH HOH AAA . 
F 4 HOH 69  369 49  HOH HOH AAA . 
F 4 HOH 70  370 33  HOH HOH AAA . 
F 4 HOH 71  371 195 HOH HOH AAA . 
F 4 HOH 72  372 125 HOH HOH AAA . 
F 4 HOH 73  373 23  HOH HOH AAA . 
F 4 HOH 74  374 7   HOH HOH AAA . 
F 4 HOH 75  375 196 HOH HOH AAA . 
F 4 HOH 76  376 118 HOH HOH AAA . 
F 4 HOH 77  377 101 HOH HOH AAA . 
F 4 HOH 78  378 177 HOH HOH AAA . 
F 4 HOH 79  379 51  HOH HOH AAA . 
F 4 HOH 80  380 107 HOH HOH AAA . 
F 4 HOH 81  381 197 HOH HOH AAA . 
F 4 HOH 82  382 24  HOH HOH AAA . 
F 4 HOH 83  383 140 HOH HOH AAA . 
F 4 HOH 84  384 68  HOH HOH AAA . 
F 4 HOH 85  385 5   HOH HOH AAA . 
F 4 HOH 86  386 31  HOH HOH AAA . 
F 4 HOH 87  387 18  HOH HOH AAA . 
F 4 HOH 88  388 28  HOH HOH AAA . 
F 4 HOH 89  389 154 HOH HOH AAA . 
F 4 HOH 90  390 44  HOH HOH AAA . 
F 4 HOH 91  391 45  HOH HOH AAA . 
F 4 HOH 92  392 163 HOH HOH AAA . 
F 4 HOH 93  393 150 HOH HOH AAA . 
F 4 HOH 94  394 41  HOH HOH AAA . 
F 4 HOH 95  395 93  HOH HOH AAA . 
F 4 HOH 96  396 3   HOH HOH AAA . 
F 4 HOH 97  397 56  HOH HOH AAA . 
F 4 HOH 98  398 88  HOH HOH AAA . 
F 4 HOH 99  399 34  HOH HOH AAA . 
F 4 HOH 100 400 75  HOH HOH AAA . 
F 4 HOH 101 401 95  HOH HOH AAA . 
F 4 HOH 102 402 111 HOH HOH AAA . 
F 4 HOH 103 403 74  HOH HOH AAA . 
F 4 HOH 104 404 66  HOH HOH AAA . 
F 4 HOH 105 405 113 HOH HOH AAA . 
F 4 HOH 106 406 153 HOH HOH AAA . 
F 4 HOH 107 407 15  HOH HOH AAA . 
F 4 HOH 108 408 114 HOH HOH AAA . 
F 4 HOH 109 409 108 HOH HOH AAA . 
F 4 HOH 110 410 115 HOH HOH AAA . 
F 4 HOH 111 411 48  HOH HOH AAA . 
F 4 HOH 112 412 134 HOH HOH AAA . 
F 4 HOH 113 413 76  HOH HOH AAA . 
F 4 HOH 114 414 162 HOH HOH AAA . 
F 4 HOH 115 415 87  HOH HOH AAA . 
F 4 HOH 116 416 98  HOH HOH AAA . 
F 4 HOH 117 417 99  HOH HOH AAA . 
F 4 HOH 118 418 85  HOH HOH AAA . 
F 4 HOH 119 419 167 HOH HOH AAA . 
F 4 HOH 120 420 202 HOH HOH AAA . 
F 4 HOH 121 421 141 HOH HOH AAA . 
F 4 HOH 122 422 20  HOH HOH AAA . 
F 4 HOH 123 423 100 HOH HOH AAA . 
F 4 HOH 124 424 169 HOH HOH AAA . 
F 4 HOH 125 425 61  HOH HOH AAA . 
F 4 HOH 126 426 72  HOH HOH AAA . 
F 4 HOH 127 427 182 HOH HOH AAA . 
F 4 HOH 128 428 199 HOH HOH AAA . 
F 4 HOH 129 429 123 HOH HOH AAA . 
F 4 HOH 130 430 30  HOH HOH AAA . 
F 4 HOH 131 431 29  HOH HOH AAA . 
F 4 HOH 132 432 146 HOH HOH AAA . 
F 4 HOH 133 433 203 HOH HOH AAA . 
F 4 HOH 134 434 132 HOH HOH AAA . 
F 4 HOH 135 435 192 HOH HOH AAA . 
F 4 HOH 136 436 142 HOH HOH AAA . 
F 4 HOH 137 437 189 HOH HOH AAA . 
F 4 HOH 138 438 137 HOH HOH AAA . 
F 4 HOH 139 439 131 HOH HOH AAA . 
F 4 HOH 140 440 60  HOH HOH AAA . 
F 4 HOH 141 441 84  HOH HOH AAA . 
F 4 HOH 142 442 138 HOH HOH AAA . 
F 4 HOH 143 443 78  HOH HOH AAA . 
F 4 HOH 144 444 194 HOH HOH AAA . 
# 
loop_
_software.citation_id 
_software.classification 
_software.compiler_name 
_software.compiler_version 
_software.contact_author 
_software.contact_author_email 
_software.date 
_software.description 
_software.dependencies 
_software.hardware 
_software.language 
_software.location 
_software.mods 
_software.name 
_software.os 
_software.os_version 
_software.type 
_software.version 
_software.pdbx_ordinal 
? refinement       ? ? ? ? ? ? ? ? ? ? ? REFMAC  ? ? ? 5.8.0258 1 
? refinement       ? ? ? ? ? ? ? ? ? ? ? REFMAC  ? ? ? 5.8.0258 2 
? 'data scaling'   ? ? ? ? ? ? ? ? ? ? ? Aimless ? ? ? 0.7.4    3 
? 'data reduction' ? ? ? ? ? ? ? ? ? ? ? xia2    ? ? ? .        4 
? phasing          ? ? ? ? ? ? ? ? ? ? ? PHASER  ? ? ? .        5 
# 
_cell.angle_alpha                  90.000 
_cell.angle_alpha_esd              ? 
_cell.angle_beta                   90.000 
_cell.angle_beta_esd               ? 
_cell.angle_gamma                  90.000 
_cell.angle_gamma_esd              ? 
_cell.entry_id                     7ZFT 
_cell.details                      ? 
_cell.formula_units_Z              ? 
_cell.length_a                     37.746 
_cell.length_a_esd                 ? 
_cell.length_b                     43.221 
_cell.length_b_esd                 ? 
_cell.length_c                     78.538 
_cell.length_c_esd                 ? 
_cell.volume                       ? 
_cell.volume_esd                   ? 
_cell.Z_PDB                        4 
_cell.reciprocal_angle_alpha       ? 
_cell.reciprocal_angle_beta        ? 
_cell.reciprocal_angle_gamma       ? 
_cell.reciprocal_angle_alpha_esd   ? 
_cell.reciprocal_angle_beta_esd    ? 
_cell.reciprocal_angle_gamma_esd   ? 
_cell.reciprocal_length_a          ? 
_cell.reciprocal_length_b          ? 
_cell.reciprocal_length_c          ? 
_cell.reciprocal_length_a_esd      ? 
_cell.reciprocal_length_b_esd      ? 
_cell.reciprocal_length_c_esd      ? 
_cell.pdbx_unique_axis             ? 
# 
_symmetry.entry_id                         7ZFT 
_symmetry.cell_setting                     ? 
_symmetry.Int_Tables_number                19 
_symmetry.space_group_name_Hall            ? 
_symmetry.space_group_name_H-M             'P 21 21 21' 
_symmetry.pdbx_full_space_group_name_H-M   ? 
# 
_exptl.absorpt_coefficient_mu     ? 
_exptl.absorpt_correction_T_max   ? 
_exptl.absorpt_correction_T_min   ? 
_exptl.absorpt_correction_type    ? 
_exptl.absorpt_process_details    ? 
_exptl.entry_id                   7ZFT 
_exptl.crystals_number            1 
_exptl.details                    ? 
_exptl.method                     'X-RAY DIFFRACTION' 
_exptl.method_details             ? 
# 
_exptl_crystal.colour                      ? 
_exptl_crystal.density_diffrn              ? 
_exptl_crystal.density_Matthews            2.09 
_exptl_crystal.density_method              ? 
_exptl_crystal.density_percent_sol         41.27 
_exptl_crystal.description                 ? 
_exptl_crystal.F_000                       ? 
_exptl_crystal.id                          1 
_exptl_crystal.preparation                 ? 
_exptl_crystal.size_max                    ? 
_exptl_crystal.size_mid                    ? 
_exptl_crystal.size_min                    ? 
_exptl_crystal.size_rad                    ? 
_exptl_crystal.colour_lustre               ? 
_exptl_crystal.colour_modifier             ? 
_exptl_crystal.colour_primary              ? 
_exptl_crystal.density_meas                ? 
_exptl_crystal.density_meas_esd            ? 
_exptl_crystal.density_meas_gt             ? 
_exptl_crystal.density_meas_lt             ? 
_exptl_crystal.density_meas_temp           ? 
_exptl_crystal.density_meas_temp_esd       ? 
_exptl_crystal.density_meas_temp_gt        ? 
_exptl_crystal.density_meas_temp_lt        ? 
_exptl_crystal.pdbx_crystal_image_url      ? 
_exptl_crystal.pdbx_crystal_image_format   ? 
_exptl_crystal.pdbx_mosaicity              ? 
_exptl_crystal.pdbx_mosaicity_esd          ? 
# 
_exptl_crystal_grow.apparatus       ? 
_exptl_crystal_grow.atmosphere      ? 
_exptl_crystal_grow.crystal_id      1 
_exptl_crystal_grow.details         ? 
_exptl_crystal_grow.method          'VAPOR DIFFUSION, SITTING DROP' 
_exptl_crystal_grow.method_ref      ? 
_exptl_crystal_grow.pH              8.5 
_exptl_crystal_grow.pressure        ? 
_exptl_crystal_grow.pressure_esd    ? 
_exptl_crystal_grow.seeding         ? 
_exptl_crystal_grow.seeding_ref     ? 
_exptl_crystal_grow.temp            293 
_exptl_crystal_grow.temp_details    ? 
_exptl_crystal_grow.temp_esd        ? 
_exptl_crystal_grow.time            ? 
_exptl_crystal_grow.pdbx_details    
;0.1 M Buffer system 3 (1 M Tris, 1 M BICINE, pH 8.5), 34-44% Precipitant Solution 3 (20% PEG 4000, 40%) and 60-80 mM Halogens Mix (NaF, NaBr and NaI) solution
;
_exptl_crystal_grow.pdbx_pH_range   ? 
# 
_diffrn.ambient_environment              ? 
_diffrn.ambient_temp                     100 
_diffrn.ambient_temp_details             ? 
_diffrn.ambient_temp_esd                 ? 
_diffrn.crystal_id                       1 
_diffrn.crystal_support                  ? 
_diffrn.crystal_treatment                ? 
_diffrn.details                          ? 
_diffrn.id                               1 
_diffrn.ambient_pressure                 ? 
_diffrn.ambient_pressure_esd             ? 
_diffrn.ambient_pressure_gt              ? 
_diffrn.ambient_pressure_lt              ? 
_diffrn.ambient_temp_gt                  ? 
_diffrn.ambient_temp_lt                  ? 
_diffrn.pdbx_serial_crystal_experiment   N 
# 
_diffrn_detector.details                      ? 
_diffrn_detector.detector                     PIXEL 
_diffrn_detector.diffrn_id                    1 
_diffrn_detector.type                         'DECTRIS PILATUS 6M' 
_diffrn_detector.area_resol_mean              ? 
_diffrn_detector.dtime                        ? 
_diffrn_detector.pdbx_frames_total            ? 
_diffrn_detector.pdbx_collection_time_total   ? 
_diffrn_detector.pdbx_collection_date         2019-09-25 
_diffrn_detector.pdbx_frequency               ? 
# 
_diffrn_radiation.collimation                      ? 
_diffrn_radiation.diffrn_id                        1 
_diffrn_radiation.filter_edge                      ? 
_diffrn_radiation.inhomogeneity                    ? 
_diffrn_radiation.monochromator                    ? 
_diffrn_radiation.polarisn_norm                    ? 
_diffrn_radiation.polarisn_ratio                   ? 
_diffrn_radiation.probe                            ? 
_diffrn_radiation.type                             ? 
_diffrn_radiation.xray_symbol                      ? 
_diffrn_radiation.wavelength_id                    1 
_diffrn_radiation.pdbx_monochromatic_or_laue_m_l   M 
_diffrn_radiation.pdbx_wavelength_list             ? 
_diffrn_radiation.pdbx_wavelength                  ? 
_diffrn_radiation.pdbx_diffrn_protocol             'SINGLE WAVELENGTH' 
_diffrn_radiation.pdbx_analyzer                    ? 
_diffrn_radiation.pdbx_scattering_type             x-ray 
# 
_diffrn_radiation_wavelength.id           1 
_diffrn_radiation_wavelength.wavelength   0.911628 
_diffrn_radiation_wavelength.wt           1.0 
# 
_diffrn_source.current                     ? 
_diffrn_source.details                     ? 
_diffrn_source.diffrn_id                   1 
_diffrn_source.power                       ? 
_diffrn_source.size                        ? 
_diffrn_source.source                      SYNCHROTRON 
_diffrn_source.target                      ? 
_diffrn_source.type                        'DIAMOND BEAMLINE I04-1' 
_diffrn_source.voltage                     ? 
_diffrn_source.take-off_angle              ? 
_diffrn_source.pdbx_wavelength_list        0.911628 
_diffrn_source.pdbx_wavelength             ? 
_diffrn_source.pdbx_synchrotron_beamline   I04-1 
_diffrn_source.pdbx_synchrotron_site       Diamond 
# 
_reflns.B_iso_Wilson_estimate                          ? 
_reflns.entry_id                                       7ZFT 
_reflns.data_reduction_details                         ? 
_reflns.data_reduction_method                          ? 
_reflns.d_resolution_high                              1.28 
_reflns.d_resolution_low                               39.27 
_reflns.details                                        ? 
_reflns.limit_h_max                                    ? 
_reflns.limit_h_min                                    ? 
_reflns.limit_k_max                                    ? 
_reflns.limit_k_min                                    ? 
_reflns.limit_l_max                                    ? 
_reflns.limit_l_min                                    ? 
_reflns.number_all                                     ? 
_reflns.number_obs                                     33928 
_reflns.observed_criterion                             ? 
_reflns.observed_criterion_F_max                       ? 
_reflns.observed_criterion_F_min                       ? 
_reflns.observed_criterion_I_max                       ? 
_reflns.observed_criterion_I_min                       ? 
_reflns.observed_criterion_sigma_F                     ? 
_reflns.observed_criterion_sigma_I                     ? 
_reflns.percent_possible_obs                           100.0 
_reflns.R_free_details                                 ? 
_reflns.Rmerge_F_all                                   ? 
_reflns.Rmerge_F_obs                                   ? 
_reflns.Friedel_coverage                               ? 
_reflns.number_gt                                      ? 
_reflns.threshold_expression                           ? 
_reflns.pdbx_redundancy                                13.2 
_reflns.pdbx_Rmerge_I_obs                              0.120 
_reflns.pdbx_Rmerge_I_all                              ? 
_reflns.pdbx_Rsym_value                                ? 
_reflns.pdbx_netI_over_av_sigmaI                       ? 
_reflns.pdbx_netI_over_sigmaI                          9.4 
_reflns.pdbx_res_netI_over_av_sigmaI_2                 ? 
_reflns.pdbx_res_netI_over_sigmaI_2                    ? 
_reflns.pdbx_chi_squared                               ? 
_reflns.pdbx_scaling_rejects                           ? 
_reflns.pdbx_d_res_high_opt                            ? 
_reflns.pdbx_d_res_low_opt                             ? 
_reflns.pdbx_d_res_opt_method                          ? 
_reflns.phase_calculation_details                      ? 
_reflns.pdbx_Rrim_I_all                                0.130 
_reflns.pdbx_Rpim_I_all                                0.049 
_reflns.pdbx_d_opt                                     ? 
_reflns.pdbx_number_measured_all                       ? 
_reflns.pdbx_diffrn_id                                 1 
_reflns.pdbx_ordinal                                   1 
_reflns.pdbx_CC_half                                   0.999 
_reflns.pdbx_CC_star                                   ? 
_reflns.pdbx_R_split                                   ? 
_reflns.pdbx_aniso_diffraction_limit_axis_1_ortho[1]   ? 
_reflns.pdbx_aniso_diffraction_limit_axis_1_ortho[2]   ? 
_reflns.pdbx_aniso_diffraction_limit_axis_1_ortho[3]   ? 
_reflns.pdbx_aniso_diffraction_limit_axis_2_ortho[1]   ? 
_reflns.pdbx_aniso_diffraction_limit_axis_2_ortho[2]   ? 
_reflns.pdbx_aniso_diffraction_limit_axis_2_ortho[3]   ? 
_reflns.pdbx_aniso_diffraction_limit_axis_3_ortho[1]   ? 
_reflns.pdbx_aniso_diffraction_limit_axis_3_ortho[2]   ? 
_reflns.pdbx_aniso_diffraction_limit_axis_3_ortho[3]   ? 
_reflns.pdbx_aniso_diffraction_limit_1                 ? 
_reflns.pdbx_aniso_diffraction_limit_2                 ? 
_reflns.pdbx_aniso_diffraction_limit_3                 ? 
_reflns.pdbx_aniso_B_tensor_eigenvector_1_ortho[1]     ? 
_reflns.pdbx_aniso_B_tensor_eigenvector_1_ortho[2]     ? 
_reflns.pdbx_aniso_B_tensor_eigenvector_1_ortho[3]     ? 
_reflns.pdbx_aniso_B_tensor_eigenvector_2_ortho[1]     ? 
_reflns.pdbx_aniso_B_tensor_eigenvector_2_ortho[2]     ? 
_reflns.pdbx_aniso_B_tensor_eigenvector_2_ortho[3]     ? 
_reflns.pdbx_aniso_B_tensor_eigenvector_3_ortho[1]     ? 
_reflns.pdbx_aniso_B_tensor_eigenvector_3_ortho[2]     ? 
_reflns.pdbx_aniso_B_tensor_eigenvector_3_ortho[3]     ? 
_reflns.pdbx_aniso_B_tensor_eigenvalue_1               ? 
_reflns.pdbx_aniso_B_tensor_eigenvalue_2               ? 
_reflns.pdbx_aniso_B_tensor_eigenvalue_3               ? 
_reflns.pdbx_orthogonalization_convention              ? 
_reflns.pdbx_percent_possible_ellipsoidal              ? 
_reflns.pdbx_percent_possible_spherical                ? 
_reflns.pdbx_percent_possible_ellipsoidal_anomalous    ? 
_reflns.pdbx_percent_possible_spherical_anomalous      ? 
_reflns.pdbx_redundancy_anomalous                      ? 
_reflns.pdbx_CC_half_anomalous                         ? 
_reflns.pdbx_absDiff_over_sigma_anomalous              ? 
_reflns.pdbx_percent_possible_anomalous                ? 
_reflns.pdbx_observed_signal_threshold                 ? 
_reflns.pdbx_signal_type                               ? 
_reflns.pdbx_signal_details                            ? 
_reflns.pdbx_signal_software_id                        ? 
# 
loop_
_reflns_shell.d_res_high 
_reflns_shell.d_res_low 
_reflns_shell.meanI_over_sigI_all 
_reflns_shell.meanI_over_sigI_obs 
_reflns_shell.number_measured_all 
_reflns_shell.number_measured_obs 
_reflns_shell.number_possible 
_reflns_shell.number_unique_all 
_reflns_shell.number_unique_obs 
_reflns_shell.percent_possible_all 
_reflns_shell.percent_possible_obs 
_reflns_shell.Rmerge_F_all 
_reflns_shell.Rmerge_F_obs 
_reflns_shell.Rmerge_I_all 
_reflns_shell.Rmerge_I_obs 
_reflns_shell.meanI_over_sigI_gt 
_reflns_shell.meanI_over_uI_all 
_reflns_shell.meanI_over_uI_gt 
_reflns_shell.number_measured_gt 
_reflns_shell.number_unique_gt 
_reflns_shell.percent_possible_gt 
_reflns_shell.Rmerge_F_gt 
_reflns_shell.Rmerge_I_gt 
_reflns_shell.pdbx_redundancy 
_reflns_shell.pdbx_Rsym_value 
_reflns_shell.pdbx_chi_squared 
_reflns_shell.pdbx_netI_over_sigmaI_all 
_reflns_shell.pdbx_netI_over_sigmaI_obs 
_reflns_shell.pdbx_Rrim_I_all 
_reflns_shell.pdbx_Rpim_I_all 
_reflns_shell.pdbx_rejects 
_reflns_shell.pdbx_ordinal 
_reflns_shell.pdbx_diffrn_id 
_reflns_shell.pdbx_CC_half 
_reflns_shell.pdbx_CC_star 
_reflns_shell.pdbx_R_split 
_reflns_shell.pdbx_percent_possible_ellipsoidal 
_reflns_shell.pdbx_percent_possible_spherical 
_reflns_shell.pdbx_percent_possible_ellipsoidal_anomalous 
_reflns_shell.pdbx_percent_possible_spherical_anomalous 
_reflns_shell.pdbx_redundancy_anomalous 
_reflns_shell.pdbx_CC_half_anomalous 
_reflns_shell.pdbx_absDiff_over_sigma_anomalous 
_reflns_shell.pdbx_percent_possible_anomalous 
7.01 39.27 ? ? ? ? ? ? 266  ? ? ? ? ? 0.030 ? ? ? ? ? ? ? ? 10.3 ? ? ? ? 0.033 0.012 ? 1 1 0.999 ? ? ? ? ? ? ? ? ? ? 
1.28 1.30  ? ? ? ? ? ? 1668 ? ? ? ? ? 7.399 ? ? ? ? ? ? ? ? 13.1 ? ? ? ? 8.011 3.048 ? 2 1 0.372 ? ? ? ? ? ? ? ? ? ? 
# 
_refine.aniso_B[1][1]                            0.847 
_refine.aniso_B[1][2]                            0.000 
_refine.aniso_B[1][3]                            -0.000 
_refine.aniso_B[2][2]                            -1.730 
_refine.aniso_B[2][3]                            0.000 
_refine.aniso_B[3][3]                            0.883 
_refine.B_iso_max                                ? 
_refine.B_iso_mean                               22.343 
_refine.B_iso_min                                ? 
_refine.correlation_coeff_Fo_to_Fc               0.967 
_refine.correlation_coeff_Fo_to_Fc_free          0.954 
_refine.details                                  'Hydrogens have been added in their riding positions' 
_refine.diff_density_max                         ? 
_refine.diff_density_max_esd                     ? 
_refine.diff_density_min                         ? 
_refine.diff_density_min_esd                     ? 
_refine.diff_density_rms                         ? 
_refine.diff_density_rms_esd                     ? 
_refine.entry_id                                 7ZFT 
_refine.pdbx_refine_id                           'X-RAY DIFFRACTION' 
_refine.ls_abs_structure_details                 ? 
_refine.ls_abs_structure_Flack                   ? 
_refine.ls_abs_structure_Flack_esd               ? 
_refine.ls_abs_structure_Rogers                  ? 
_refine.ls_abs_structure_Rogers_esd              ? 
_refine.ls_d_res_high                            1.280 
_refine.ls_d_res_low                             39.27 
_refine.ls_extinction_coef                       ? 
_refine.ls_extinction_coef_esd                   ? 
_refine.ls_extinction_expression                 ? 
_refine.ls_extinction_method                     ? 
_refine.ls_goodness_of_fit_all                   ? 
_refine.ls_goodness_of_fit_all_esd               ? 
_refine.ls_goodness_of_fit_obs                   ? 
_refine.ls_goodness_of_fit_obs_esd               ? 
_refine.ls_hydrogen_treatment                    ? 
_refine.ls_matrix_type                           ? 
_refine.ls_number_constraints                    ? 
_refine.ls_number_parameters                     ? 
_refine.ls_number_reflns_all                     ? 
_refine.ls_number_reflns_obs                     33863 
_refine.ls_number_reflns_R_free                  1648 
_refine.ls_number_reflns_R_work                  32215 
_refine.ls_number_restraints                     ? 
_refine.ls_percent_reflns_obs                    99.959 
_refine.ls_percent_reflns_R_free                 4.867 
_refine.ls_R_factor_all                          0.217 
_refine.ls_R_factor_obs                          ? 
_refine.ls_R_factor_R_free                       0.2521 
_refine.ls_R_factor_R_free_error                 ? 
_refine.ls_R_factor_R_free_error_details         ? 
_refine.ls_R_factor_R_work                       0.2148 
_refine.ls_R_Fsqd_factor_obs                     ? 
_refine.ls_R_I_factor_obs                        ? 
_refine.ls_redundancy_reflns_all                 ? 
_refine.ls_redundancy_reflns_obs                 ? 
_refine.ls_restrained_S_all                      ? 
_refine.ls_restrained_S_obs                      ? 
_refine.ls_shift_over_esd_max                    ? 
_refine.ls_shift_over_esd_mean                   ? 
_refine.ls_structure_factor_coef                 ? 
_refine.ls_weighting_details                     ? 
_refine.ls_weighting_scheme                      ? 
_refine.ls_wR_factor_all                         ? 
_refine.ls_wR_factor_obs                         ? 
_refine.ls_wR_factor_R_free                      ? 
_refine.ls_wR_factor_R_work                      ? 
_refine.occupancy_max                            ? 
_refine.occupancy_min                            ? 
_refine.solvent_model_details                    'MASK BULK SOLVENT' 
_refine.solvent_model_param_bsol                 ? 
_refine.solvent_model_param_ksol                 ? 
_refine.pdbx_R_complete                          ? 
_refine.ls_R_factor_gt                           ? 
_refine.ls_goodness_of_fit_gt                    ? 
_refine.ls_goodness_of_fit_ref                   ? 
_refine.ls_shift_over_su_max                     ? 
_refine.ls_shift_over_su_max_lt                  ? 
_refine.ls_shift_over_su_mean                    ? 
_refine.ls_shift_over_su_mean_lt                 ? 
_refine.pdbx_ls_sigma_I                          ? 
_refine.pdbx_ls_sigma_F                          ? 
_refine.pdbx_ls_sigma_Fsqd                       ? 
_refine.pdbx_data_cutoff_high_absF               ? 
_refine.pdbx_data_cutoff_high_rms_absF           ? 
_refine.pdbx_data_cutoff_low_absF                ? 
_refine.pdbx_isotropic_thermal_model             ? 
_refine.pdbx_ls_cross_valid_method               'FREE R-VALUE' 
_refine.pdbx_method_to_determine_struct          'MOLECULAR REPLACEMENT' 
_refine.pdbx_starting_model                      5LRQ 
_refine.pdbx_stereochemistry_target_values       ? 
_refine.pdbx_R_Free_selection_details            ? 
_refine.pdbx_stereochem_target_val_spec_case     ? 
_refine.pdbx_overall_ESU_R                       0.060 
_refine.pdbx_overall_ESU_R_Free                  0.065 
_refine.pdbx_solvent_vdw_probe_radii             1.200 
_refine.pdbx_solvent_ion_probe_radii             0.800 
_refine.pdbx_solvent_shrinkage_radii             0.800 
_refine.pdbx_real_space_R                        ? 
_refine.pdbx_density_correlation                 ? 
_refine.pdbx_pd_number_of_powder_patterns        ? 
_refine.pdbx_pd_number_of_points                 ? 
_refine.pdbx_pd_meas_number_of_points            ? 
_refine.pdbx_pd_proc_ls_prof_R_factor            ? 
_refine.pdbx_pd_proc_ls_prof_wR_factor           ? 
_refine.pdbx_pd_Marquardt_correlation_coeff      ? 
_refine.pdbx_pd_Fsqrd_R_factor                   ? 
_refine.pdbx_pd_ls_matrix_band_width             ? 
_refine.pdbx_overall_phase_error                 ? 
_refine.pdbx_overall_SU_R_free_Cruickshank_DPI   ? 
_refine.pdbx_overall_SU_R_free_Blow_DPI          ? 
_refine.pdbx_overall_SU_R_Blow_DPI               ? 
_refine.pdbx_TLS_residual_ADP_flag               ? 
_refine.pdbx_diffrn_id                           1 
_refine.overall_SU_B                             1.856 
_refine.overall_SU_ML                            0.071 
_refine.overall_SU_R_Cruickshank_DPI             ? 
_refine.overall_SU_R_free                        ? 
_refine.overall_FOM_free_R_set                   ? 
_refine.overall_FOM_work_R_set                   ? 
_refine.pdbx_average_fsc_overall                 ? 
_refine.pdbx_average_fsc_work                    ? 
_refine.pdbx_average_fsc_free                    ? 
# 
_refine_hist.pdbx_refine_id                   'X-RAY DIFFRACTION' 
_refine_hist.cycle_id                         LAST 
_refine_hist.details                          ? 
_refine_hist.d_res_high                       1.280 
_refine_hist.d_res_low                        39.27 
_refine_hist.number_atoms_solvent             144 
_refine_hist.number_atoms_total               1248 
_refine_hist.number_reflns_all                ? 
_refine_hist.number_reflns_obs                ? 
_refine_hist.number_reflns_R_free             ? 
_refine_hist.number_reflns_R_work             ? 
_refine_hist.R_factor_all                     ? 
_refine_hist.R_factor_obs                     ? 
_refine_hist.R_factor_R_free                  ? 
_refine_hist.R_factor_R_work                  ? 
_refine_hist.pdbx_number_residues_total       ? 
_refine_hist.pdbx_B_iso_mean_ligand           ? 
_refine_hist.pdbx_B_iso_mean_solvent          ? 
_refine_hist.pdbx_number_atoms_protein        1076 
_refine_hist.pdbx_number_atoms_nucleic_acid   0 
_refine_hist.pdbx_number_atoms_ligand         28 
_refine_hist.pdbx_number_atoms_lipid          ? 
_refine_hist.pdbx_number_atoms_carb           ? 
_refine_hist.pdbx_pseudo_atom_details         ? 
# 
loop_
_refine_ls_restr.pdbx_refine_id 
_refine_ls_restr.criterion 
_refine_ls_restr.dev_ideal 
_refine_ls_restr.dev_ideal_target 
_refine_ls_restr.number 
_refine_ls_restr.rejects 
_refine_ls_restr.type 
_refine_ls_restr.weight 
_refine_ls_restr.pdbx_restraint_function 
'X-RAY DIFFRACTION' ? 0.009  0.012  1156 ? r_bond_refined_d               ? ? 
'X-RAY DIFFRACTION' ? 1.774  1.656  1573 ? r_angle_refined_deg            ? ? 
'X-RAY DIFFRACTION' ? 6.146  5.000  134  ? r_dihedral_angle_1_deg         ? ? 
'X-RAY DIFFRACTION' ? 36.001 25.167 60   ? r_dihedral_angle_2_deg         ? ? 
'X-RAY DIFFRACTION' ? 13.230 15.000 202  ? r_dihedral_angle_3_deg         ? ? 
'X-RAY DIFFRACTION' ? 29.743 15.000 3    ? r_dihedral_angle_4_deg         ? ? 
'X-RAY DIFFRACTION' ? 0.118  0.200  145  ? r_chiral_restr                 ? ? 
'X-RAY DIFFRACTION' ? 0.011  0.020  897  ? r_gen_planes_refined           ? ? 
'X-RAY DIFFRACTION' ? 0.223  0.200  566  ? r_nbd_refined                  ? ? 
'X-RAY DIFFRACTION' ? 0.328  0.200  775  ? r_nbtor_refined                ? ? 
'X-RAY DIFFRACTION' ? 0.168  0.200  92   ? r_xyhbond_nbd_refined          ? ? 
'X-RAY DIFFRACTION' ? 0.209  0.200  47   ? r_symmetry_nbd_refined         ? ? 
'X-RAY DIFFRACTION' ? 0.206  0.200  23   ? r_symmetry_xyhbond_nbd_refined ? ? 
'X-RAY DIFFRACTION' ? 1.717  1.917  527  ? r_mcbond_it                    ? ? 
'X-RAY DIFFRACTION' ? 2.440  2.871  661  ? r_mcangle_it                   ? ? 
'X-RAY DIFFRACTION' ? 2.871  2.190  629  ? r_scbond_it                    ? ? 
'X-RAY DIFFRACTION' ? 3.812  3.174  911  ? r_scangle_it                   ? ? 
'X-RAY DIFFRACTION' ? 5.388  27.300 1848 ? r_lrange_it                    ? ? 
# 
loop_
_refine_ls_shell.pdbx_refine_id 
_refine_ls_shell.d_res_high 
_refine_ls_shell.d_res_low 
_refine_ls_shell.number_reflns_all 
_refine_ls_shell.number_reflns_obs 
_refine_ls_shell.number_reflns_R_free 
_refine_ls_shell.number_reflns_R_work 
_refine_ls_shell.percent_reflns_obs 
_refine_ls_shell.percent_reflns_R_free 
_refine_ls_shell.R_factor_all 
_refine_ls_shell.R_factor_obs 
_refine_ls_shell.R_factor_R_free 
_refine_ls_shell.R_factor_R_free_error 
_refine_ls_shell.R_factor_R_work 
_refine_ls_shell.redundancy_reflns_all 
_refine_ls_shell.redundancy_reflns_obs 
_refine_ls_shell.wR_factor_all 
_refine_ls_shell.wR_factor_obs 
_refine_ls_shell.wR_factor_R_free 
_refine_ls_shell.wR_factor_R_work 
_refine_ls_shell.pdbx_R_complete 
_refine_ls_shell.pdbx_total_number_of_bins_used 
_refine_ls_shell.pdbx_phase_error 
_refine_ls_shell.pdbx_fsc_work 
_refine_ls_shell.pdbx_fsc_free 
'X-RAY DIFFRACTION' 1.280 1.313 . . 124 2341 99.9594  . . . 0.454 . 0.408 . . . . . . . . . . . 
'X-RAY DIFFRACTION' 1.313 1.349 . . 109 2296 100.0000 . . . 0.405 . 0.380 . . . . . . . . . . . 
'X-RAY DIFFRACTION' 1.349 1.388 . . 107 2216 100.0000 . . . 0.407 . 0.366 . . . . . . . . . . . 
'X-RAY DIFFRACTION' 1.388 1.431 . . 112 2174 100.0000 . . . 0.331 . 0.336 . . . . . . . . . . . 
'X-RAY DIFFRACTION' 1.431 1.478 . . 87  2124 100.0000 . . . 0.338 . 0.319 . . . . . . . . . . . 
'X-RAY DIFFRACTION' 1.478 1.530 . . 111 1997 99.9526  . . . 0.285 . 0.306 . . . . . . . . . . . 
'X-RAY DIFFRACTION' 1.530 1.588 . . 117 1957 99.9518  . . . 0.288 . 0.261 . . . . . . . . . . . 
'X-RAY DIFFRACTION' 1.588 1.652 . . 91  1903 100.0000 . . . 0.274 . 0.249 . . . . . . . . . . . 
'X-RAY DIFFRACTION' 1.652 1.726 . . 102 1823 99.9481  . . . 0.280 . 0.227 . . . . . . . . . . . 
'X-RAY DIFFRACTION' 1.726 1.810 . . 94  1734 100.0000 . . . 0.267 . 0.221 . . . . . . . . . . . 
'X-RAY DIFFRACTION' 1.810 1.908 . . 81  1666 100.0000 . . . 0.288 . 0.217 . . . . . . . . . . . 
'X-RAY DIFFRACTION' 1.908 2.023 . . 68  1583 99.9395  . . . 0.265 . 0.207 . . . . . . . . . . . 
'X-RAY DIFFRACTION' 2.023 2.163 . . 77  1486 100.0000 . . . 0.221 . 0.191 . . . . . . . . . . . 
'X-RAY DIFFRACTION' 2.163 2.336 . . 62  1397 100.0000 . . . 0.217 . 0.193 . . . . . . . . . . . 
'X-RAY DIFFRACTION' 2.336 2.559 . . 75  1290 100.0000 . . . 0.259 . 0.195 . . . . . . . . . . . 
'X-RAY DIFFRACTION' 2.559 2.861 . . 63  1166 100.0000 . . . 0.228 . 0.198 . . . . . . . . . . . 
'X-RAY DIFFRACTION' 2.861 3.302 . . 56  1033 100.0000 . . . 0.291 . 0.201 . . . . . . . . . . . 
'X-RAY DIFFRACTION' 3.302 4.043 . . 53  891  99.8942  . . . 0.189 . 0.165 . . . . . . . . . . . 
'X-RAY DIFFRACTION' 4.043 5.710 . . 35  712  100.0000 . . . 0.190 . 0.157 . . . . . . . . . . . 
'X-RAY DIFFRACTION' 5.710 39.27 . . 24  426  100.0000 . . . 0.231 . 0.212 . . . . . . . . . . . 
# 
_struct.entry_id                     7ZFT 
_struct.title                        'BRD4 in complex with FragLite33' 
_struct.pdbx_model_details           ? 
_struct.pdbx_formula_weight          ? 
_struct.pdbx_formula_weight_method   ? 
_struct.pdbx_model_type_details      ? 
_struct.pdbx_CASP_flag               N 
# 
_struct_keywords.entry_id        7ZFT 
_struct_keywords.text            'FragLites, anomalous, BRD4, Fragment screening, TRANSCRIPTION' 
_struct_keywords.pdbx_keywords   TRANSCRIPTION 
# 
loop_
_struct_asym.id 
_struct_asym.pdbx_blank_PDB_chainid_flag 
_struct_asym.pdbx_modified 
_struct_asym.entity_id 
_struct_asym.details 
A N N 1 ? 
B N N 2 ? 
C N N 3 ? 
D N N 3 ? 
E N N 3 ? 
F N N 4 ? 
# 
_struct_ref.id                         1 
_struct_ref.db_name                    UNP 
_struct_ref.db_code                    BRD4_HUMAN 
_struct_ref.pdbx_db_accession          O60885 
_struct_ref.pdbx_db_isoform            ? 
_struct_ref.entity_id                  1 
_struct_ref.pdbx_seq_one_letter_code   
;NPPPPETSNPNKPKRQTNQLQYLLRVVLKTLWKHQFAWPFQQPVDAVKLNLPDYYKIIKTPMDMGTIKKRLENNYYWNAQ
ECIQDFNTMFTNCYIYNKPGDDIVLMAEALEKLFLQKINELPTEE
;
_struct_ref.pdbx_align_begin           44 
# 
_struct_ref_seq.align_id                      1 
_struct_ref_seq.ref_id                        1 
_struct_ref_seq.pdbx_PDB_id_code              7ZFT 
_struct_ref_seq.pdbx_strand_id                AAA 
_struct_ref_seq.seq_align_beg                 5 
_struct_ref_seq.pdbx_seq_align_beg_ins_code   ? 
_struct_ref_seq.seq_align_end                 129 
_struct_ref_seq.pdbx_seq_align_end_ins_code   ? 
_struct_ref_seq.pdbx_db_accession             O60885 
_struct_ref_seq.db_align_beg                  44 
_struct_ref_seq.pdbx_db_align_beg_ins_code    ? 
_struct_ref_seq.db_align_end                  168 
_struct_ref_seq.pdbx_db_align_end_ins_code    ? 
_struct_ref_seq.pdbx_auth_seq_align_beg       44 
_struct_ref_seq.pdbx_auth_seq_align_end       168 
# 
loop_
_struct_ref_seq_dif.align_id 
_struct_ref_seq_dif.pdbx_pdb_id_code 
_struct_ref_seq_dif.mon_id 
_struct_ref_seq_dif.pdbx_pdb_strand_id 
_struct_ref_seq_dif.seq_num 
_struct_ref_seq_dif.pdbx_pdb_ins_code 
_struct_ref_seq_dif.pdbx_seq_db_name 
_struct_ref_seq_dif.pdbx_seq_db_accession_code 
_struct_ref_seq_dif.db_mon_id 
_struct_ref_seq_dif.pdbx_seq_db_seq_num 
_struct_ref_seq_dif.details 
_struct_ref_seq_dif.pdbx_auth_seq_num 
_struct_ref_seq_dif.pdbx_ordinal 
1 7ZFT GLY AAA 1 ? UNP O60885 ? ? 'expression tag' 40 1 
1 7ZFT SER AAA 2 ? UNP O60885 ? ? 'expression tag' 41 2 
1 7ZFT HIS AAA 3 ? UNP O60885 ? ? 'expression tag' 42 3 
1 7ZFT MET AAA 4 ? UNP O60885 ? ? 'expression tag' 43 4 
# 
_pdbx_struct_assembly.id                   1 
_pdbx_struct_assembly.details              author_and_software_defined_assembly 
_pdbx_struct_assembly.method_details       PISA 
_pdbx_struct_assembly.oligomeric_details   monomeric 
_pdbx_struct_assembly.oligomeric_count     1 
# 
loop_
_pdbx_struct_assembly_prop.biol_id 
_pdbx_struct_assembly_prop.type 
_pdbx_struct_assembly_prop.value 
_pdbx_struct_assembly_prop.details 
1 'ABSA (A^2)' 680  ? 
1 MORE         -2   ? 
1 'SSA (A^2)'  7770 ? 
# 
_pdbx_struct_assembly_gen.assembly_id       1 
_pdbx_struct_assembly_gen.oper_expression   1 
_pdbx_struct_assembly_gen.asym_id_list      A,B,C,D,E,F 
# 
_pdbx_struct_assembly_auth_evidence.id                     1 
_pdbx_struct_assembly_auth_evidence.assembly_id            1 
_pdbx_struct_assembly_auth_evidence.experimental_support   'gel filtration' 
_pdbx_struct_assembly_auth_evidence.details                ? 
# 
_pdbx_struct_oper_list.id                   1 
_pdbx_struct_oper_list.type                 'identity operation' 
_pdbx_struct_oper_list.name                 1_555 
_pdbx_struct_oper_list.symmetry_operation   x,y,z 
_pdbx_struct_oper_list.matrix[1][1]         1.0000000000 
_pdbx_struct_oper_list.matrix[1][2]         0.0000000000 
_pdbx_struct_oper_list.matrix[1][3]         0.0000000000 
_pdbx_struct_oper_list.vector[1]            0.0000000000 
_pdbx_struct_oper_list.matrix[2][1]         0.0000000000 
_pdbx_struct_oper_list.matrix[2][2]         1.0000000000 
_pdbx_struct_oper_list.matrix[2][3]         0.0000000000 
_pdbx_struct_oper_list.vector[2]            0.0000000000 
_pdbx_struct_oper_list.matrix[3][1]         0.0000000000 
_pdbx_struct_oper_list.matrix[3][2]         0.0000000000 
_pdbx_struct_oper_list.matrix[3][3]         1.0000000000 
_pdbx_struct_oper_list.vector[3]            0.0000000000 
# 
loop_
_struct_conf.conf_type_id 
_struct_conf.id 
_struct_conf.pdbx_PDB_helix_id 
_struct_conf.beg_label_comp_id 
_struct_conf.beg_label_asym_id 
_struct_conf.beg_label_seq_id 
_struct_conf.pdbx_beg_PDB_ins_code 
_struct_conf.end_label_comp_id 
_struct_conf.end_label_asym_id 
_struct_conf.end_label_seq_id 
_struct_conf.pdbx_end_PDB_ins_code 
_struct_conf.beg_auth_comp_id 
_struct_conf.beg_auth_asym_id 
_struct_conf.beg_auth_seq_id 
_struct_conf.end_auth_comp_id 
_struct_conf.end_auth_asym_id 
_struct_conf.end_auth_seq_id 
_struct_conf.pdbx_PDB_helix_class 
_struct_conf.details 
_struct_conf.pdbx_PDB_helix_length 
HELX_P HELX_P1 AA1 THR A 21  ? VAL A 30  ? THR AAA 60  VAL AAA 69  1 ? 10 
HELX_P HELX_P2 AA2 VAL A 30  ? LYS A 37  ? VAL AAA 69  LYS AAA 76  1 ? 8  
HELX_P HELX_P3 AA3 ALA A 41  ? GLN A 45  ? ALA AAA 80  GLN AAA 84  5 ? 5  
HELX_P HELX_P4 AA4 ASP A 57  ? ILE A 62  ? ASP AAA 96  ILE AAA 101 1 ? 6  
HELX_P HELX_P5 AA5 ASP A 67  ? ASN A 77  ? ASP AAA 106 ASN AAA 116 1 ? 11 
HELX_P HELX_P6 AA6 ASN A 82  ? ASN A 101 ? ASN AAA 121 ASN AAA 140 1 ? 20 
HELX_P HELX_P7 AA7 ASP A 105 ? GLU A 124 ? ASP AAA 144 GLU AAA 163 1 ? 20 
# 
_struct_conf_type.id          HELX_P 
_struct_conf_type.criteria    ? 
_struct_conf_type.reference   ? 
# 
loop_
_pdbx_validate_torsion.id 
_pdbx_validate_torsion.PDB_model_num 
_pdbx_validate_torsion.auth_comp_id 
_pdbx_validate_torsion.auth_asym_id 
_pdbx_validate_torsion.auth_seq_id 
_pdbx_validate_torsion.PDB_ins_code 
_pdbx_validate_torsion.label_alt_id 
_pdbx_validate_torsion.phi 
_pdbx_validate_torsion.psi 
1 1 ASN AAA 52 ? ? -163.32 109.20 
2 1 LEU AAA 94 ? ? -115.17 69.70  
# 
_pdbx_entry_details.entry_id                 7ZFT 
_pdbx_entry_details.has_ligand_of_interest   Y 
_pdbx_entry_details.compound_details         ? 
_pdbx_entry_details.source_details           ? 
_pdbx_entry_details.nonpolymer_details       ? 
_pdbx_entry_details.sequence_details         ? 
# 
loop_
_chem_comp_atom.comp_id 
_chem_comp_atom.atom_id 
_chem_comp_atom.type_symbol 
_chem_comp_atom.pdbx_aromatic_flag 
_chem_comp_atom.pdbx_stereo_config 
_chem_comp_atom.pdbx_ordinal 
ALA N    N  N N 1   
ALA CA   C  N S 2   
ALA C    C  N N 3   
ALA O    O  N N 4   
ALA CB   C  N N 5   
ALA OXT  O  N N 6   
ALA H    H  N N 7   
ALA H2   H  N N 8   
ALA HA   H  N N 9   
ALA HB1  H  N N 10  
ALA HB2  H  N N 11  
ALA HB3  H  N N 12  
ALA HXT  H  N N 13  
ARG N    N  N N 14  
ARG CA   C  N S 15  
ARG C    C  N N 16  
ARG O    O  N N 17  
ARG CB   C  N N 18  
ARG CG   C  N N 19  
ARG CD   C  N N 20  
ARG NE   N  N N 21  
ARG CZ   C  N N 22  
ARG NH1  N  N N 23  
ARG NH2  N  N N 24  
ARG OXT  O  N N 25  
ARG H    H  N N 26  
ARG H2   H  N N 27  
ARG HA   H  N N 28  
ARG HB2  H  N N 29  
ARG HB3  H  N N 30  
ARG HG2  H  N N 31  
ARG HG3  H  N N 32  
ARG HD2  H  N N 33  
ARG HD3  H  N N 34  
ARG HE   H  N N 35  
ARG HH11 H  N N 36  
ARG HH12 H  N N 37  
ARG HH21 H  N N 38  
ARG HH22 H  N N 39  
ARG HXT  H  N N 40  
ASN N    N  N N 41  
ASN CA   C  N S 42  
ASN C    C  N N 43  
ASN O    O  N N 44  
ASN CB   C  N N 45  
ASN CG   C  N N 46  
ASN OD1  O  N N 47  
ASN ND2  N  N N 48  
ASN OXT  O  N N 49  
ASN H    H  N N 50  
ASN H2   H  N N 51  
ASN HA   H  N N 52  
ASN HB2  H  N N 53  
ASN HB3  H  N N 54  
ASN HD21 H  N N 55  
ASN HD22 H  N N 56  
ASN HXT  H  N N 57  
ASP N    N  N N 58  
ASP CA   C  N S 59  
ASP C    C  N N 60  
ASP O    O  N N 61  
ASP CB   C  N N 62  
ASP CG   C  N N 63  
ASP OD1  O  N N 64  
ASP OD2  O  N N 65  
ASP OXT  O  N N 66  
ASP H    H  N N 67  
ASP H2   H  N N 68  
ASP HA   H  N N 69  
ASP HB2  H  N N 70  
ASP HB3  H  N N 71  
ASP HD2  H  N N 72  
ASP HXT  H  N N 73  
CYS N    N  N N 74  
CYS CA   C  N R 75  
CYS C    C  N N 76  
CYS O    O  N N 77  
CYS CB   C  N N 78  
CYS SG   S  N N 79  
CYS OXT  O  N N 80  
CYS H    H  N N 81  
CYS H2   H  N N 82  
CYS HA   H  N N 83  
CYS HB2  H  N N 84  
CYS HB3  H  N N 85  
CYS HG   H  N N 86  
CYS HXT  H  N N 87  
GLN N    N  N N 88  
GLN CA   C  N S 89  
GLN C    C  N N 90  
GLN O    O  N N 91  
GLN CB   C  N N 92  
GLN CG   C  N N 93  
GLN CD   C  N N 94  
GLN OE1  O  N N 95  
GLN NE2  N  N N 96  
GLN OXT  O  N N 97  
GLN H    H  N N 98  
GLN H2   H  N N 99  
GLN HA   H  N N 100 
GLN HB2  H  N N 101 
GLN HB3  H  N N 102 
GLN HG2  H  N N 103 
GLN HG3  H  N N 104 
GLN HE21 H  N N 105 
GLN HE22 H  N N 106 
GLN HXT  H  N N 107 
GLU N    N  N N 108 
GLU CA   C  N S 109 
GLU C    C  N N 110 
GLU O    O  N N 111 
GLU CB   C  N N 112 
GLU CG   C  N N 113 
GLU CD   C  N N 114 
GLU OE1  O  N N 115 
GLU OE2  O  N N 116 
GLU OXT  O  N N 117 
GLU H    H  N N 118 
GLU H2   H  N N 119 
GLU HA   H  N N 120 
GLU HB2  H  N N 121 
GLU HB3  H  N N 122 
GLU HG2  H  N N 123 
GLU HG3  H  N N 124 
GLU HE2  H  N N 125 
GLU HXT  H  N N 126 
GLY N    N  N N 127 
GLY CA   C  N N 128 
GLY C    C  N N 129 
GLY O    O  N N 130 
GLY OXT  O  N N 131 
GLY H    H  N N 132 
GLY H2   H  N N 133 
GLY HA2  H  N N 134 
GLY HA3  H  N N 135 
GLY HXT  H  N N 136 
GOL C1   C  N N 137 
GOL O1   O  N N 138 
GOL C2   C  N N 139 
GOL O2   O  N N 140 
GOL C3   C  N N 141 
GOL O3   O  N N 142 
GOL H11  H  N N 143 
GOL H12  H  N N 144 
GOL HO1  H  N N 145 
GOL H2   H  N N 146 
GOL HO2  H  N N 147 
GOL H31  H  N N 148 
GOL H32  H  N N 149 
GOL HO3  H  N N 150 
HIS N    N  N N 151 
HIS CA   C  N S 152 
HIS C    C  N N 153 
HIS O    O  N N 154 
HIS CB   C  N N 155 
HIS CG   C  Y N 156 
HIS ND1  N  Y N 157 
HIS CD2  C  Y N 158 
HIS CE1  C  Y N 159 
HIS NE2  N  Y N 160 
HIS OXT  O  N N 161 
HIS H    H  N N 162 
HIS H2   H  N N 163 
HIS HA   H  N N 164 
HIS HB2  H  N N 165 
HIS HB3  H  N N 166 
HIS HD1  H  N N 167 
HIS HD2  H  N N 168 
HIS HE1  H  N N 169 
HIS HE2  H  N N 170 
HIS HXT  H  N N 171 
HOH O    O  N N 172 
HOH H1   H  N N 173 
HOH H2   H  N N 174 
HWC C4   C  N N 175 
HWC C5   C  N N 176 
HWC C6   C  N N 177 
HWC N1   N  N N 178 
HWC N2   N  N N 179 
HWC C3   C  N N 180 
HWC C1   C  N N 181 
HWC C2   C  N N 182 
HWC BR1  BR N N 183 
HWC O1   O  N N 184 
HWC H5   H  N N 185 
HWC H7   H  N N 186 
HWC H6   H  N N 187 
HWC H3   H  N N 188 
HWC H1   H  N N 189 
HWC H2   H  N N 190 
HWC H4   H  N N 191 
ILE N    N  N N 192 
ILE CA   C  N S 193 
ILE C    C  N N 194 
ILE O    O  N N 195 
ILE CB   C  N S 196 
ILE CG1  C  N N 197 
ILE CG2  C  N N 198 
ILE CD1  C  N N 199 
ILE OXT  O  N N 200 
ILE H    H  N N 201 
ILE H2   H  N N 202 
ILE HA   H  N N 203 
ILE HB   H  N N 204 
ILE HG12 H  N N 205 
ILE HG13 H  N N 206 
ILE HG21 H  N N 207 
ILE HG22 H  N N 208 
ILE HG23 H  N N 209 
ILE HD11 H  N N 210 
ILE HD12 H  N N 211 
ILE HD13 H  N N 212 
ILE HXT  H  N N 213 
LEU N    N  N N 214 
LEU CA   C  N S 215 
LEU C    C  N N 216 
LEU O    O  N N 217 
LEU CB   C  N N 218 
LEU CG   C  N N 219 
LEU CD1  C  N N 220 
LEU CD2  C  N N 221 
LEU OXT  O  N N 222 
LEU H    H  N N 223 
LEU H2   H  N N 224 
LEU HA   H  N N 225 
LEU HB2  H  N N 226 
LEU HB3  H  N N 227 
LEU HG   H  N N 228 
LEU HD11 H  N N 229 
LEU HD12 H  N N 230 
LEU HD13 H  N N 231 
LEU HD21 H  N N 232 
LEU HD22 H  N N 233 
LEU HD23 H  N N 234 
LEU HXT  H  N N 235 
LYS N    N  N N 236 
LYS CA   C  N S 237 
LYS C    C  N N 238 
LYS O    O  N N 239 
LYS CB   C  N N 240 
LYS CG   C  N N 241 
LYS CD   C  N N 242 
LYS CE   C  N N 243 
LYS NZ   N  N N 244 
LYS OXT  O  N N 245 
LYS H    H  N N 246 
LYS H2   H  N N 247 
LYS HA   H  N N 248 
LYS HB2  H  N N 249 
LYS HB3  H  N N 250 
LYS HG2  H  N N 251 
LYS HG3  H  N N 252 
LYS HD2  H  N N 253 
LYS HD3  H  N N 254 
LYS HE2  H  N N 255 
LYS HE3  H  N N 256 
LYS HZ1  H  N N 257 
LYS HZ2  H  N N 258 
LYS HZ3  H  N N 259 
LYS HXT  H  N N 260 
MET N    N  N N 261 
MET CA   C  N S 262 
MET C    C  N N 263 
MET O    O  N N 264 
MET CB   C  N N 265 
MET CG   C  N N 266 
MET SD   S  N N 267 
MET CE   C  N N 268 
MET OXT  O  N N 269 
MET H    H  N N 270 
MET H2   H  N N 271 
MET HA   H  N N 272 
MET HB2  H  N N 273 
MET HB3  H  N N 274 
MET HG2  H  N N 275 
MET HG3  H  N N 276 
MET HE1  H  N N 277 
MET HE2  H  N N 278 
MET HE3  H  N N 279 
MET HXT  H  N N 280 
PHE N    N  N N 281 
PHE CA   C  N S 282 
PHE C    C  N N 283 
PHE O    O  N N 284 
PHE CB   C  N N 285 
PHE CG   C  Y N 286 
PHE CD1  C  Y N 287 
PHE CD2  C  Y N 288 
PHE CE1  C  Y N 289 
PHE CE2  C  Y N 290 
PHE CZ   C  Y N 291 
PHE OXT  O  N N 292 
PHE H    H  N N 293 
PHE H2   H  N N 294 
PHE HA   H  N N 295 
PHE HB2  H  N N 296 
PHE HB3  H  N N 297 
PHE HD1  H  N N 298 
PHE HD2  H  N N 299 
PHE HE1  H  N N 300 
PHE HE2  H  N N 301 
PHE HZ   H  N N 302 
PHE HXT  H  N N 303 
PRO N    N  N N 304 
PRO CA   C  N S 305 
PRO C    C  N N 306 
PRO O    O  N N 307 
PRO CB   C  N N 308 
PRO CG   C  N N 309 
PRO CD   C  N N 310 
PRO OXT  O  N N 311 
PRO H    H  N N 312 
PRO HA   H  N N 313 
PRO HB2  H  N N 314 
PRO HB3  H  N N 315 
PRO HG2  H  N N 316 
PRO HG3  H  N N 317 
PRO HD2  H  N N 318 
PRO HD3  H  N N 319 
PRO HXT  H  N N 320 
SER N    N  N N 321 
SER CA   C  N S 322 
SER C    C  N N 323 
SER O    O  N N 324 
SER CB   C  N N 325 
SER OG   O  N N 326 
SER OXT  O  N N 327 
SER H    H  N N 328 
SER H2   H  N N 329 
SER HA   H  N N 330 
SER HB2  H  N N 331 
SER HB3  H  N N 332 
SER HG   H  N N 333 
SER HXT  H  N N 334 
THR N    N  N N 335 
THR CA   C  N S 336 
THR C    C  N N 337 
THR O    O  N N 338 
THR CB   C  N R 339 
THR OG1  O  N N 340 
THR CG2  C  N N 341 
THR OXT  O  N N 342 
THR H    H  N N 343 
THR H2   H  N N 344 
THR HA   H  N N 345 
THR HB   H  N N 346 
THR HG1  H  N N 347 
THR HG21 H  N N 348 
THR HG22 H  N N 349 
THR HG23 H  N N 350 
THR HXT  H  N N 351 
TRP N    N  N N 352 
TRP CA   C  N S 353 
TRP C    C  N N 354 
TRP O    O  N N 355 
TRP CB   C  N N 356 
TRP CG   C  Y N 357 
TRP CD1  C  Y N 358 
TRP CD2  C  Y N 359 
TRP NE1  N  Y N 360 
TRP CE2  C  Y N 361 
TRP CE3  C  Y N 362 
TRP CZ2  C  Y N 363 
TRP CZ3  C  Y N 364 
TRP CH2  C  Y N 365 
TRP OXT  O  N N 366 
TRP H    H  N N 367 
TRP H2   H  N N 368 
TRP HA   H  N N 369 
TRP HB2  H  N N 370 
TRP HB3  H  N N 371 
TRP HD1  H  N N 372 
TRP HE1  H  N N 373 
TRP HE3  H  N N 374 
TRP HZ2  H  N N 375 
TRP HZ3  H  N N 376 
TRP HH2  H  N N 377 
TRP HXT  H  N N 378 
TYR N    N  N N 379 
TYR CA   C  N S 380 
TYR C    C  N N 381 
TYR O    O  N N 382 
TYR CB   C  N N 383 
TYR CG   C  Y N 384 
TYR CD1  C  Y N 385 
TYR CD2  C  Y N 386 
TYR CE1  C  Y N 387 
TYR CE2  C  Y N 388 
TYR CZ   C  Y N 389 
TYR OH   O  N N 390 
TYR OXT  O  N N 391 
TYR H    H  N N 392 
TYR H2   H  N N 393 
TYR HA   H  N N 394 
TYR HB2  H  N N 395 
TYR HB3  H  N N 396 
TYR HD1  H  N N 397 
TYR HD2  H  N N 398 
TYR HE1  H  N N 399 
TYR HE2  H  N N 400 
TYR HH   H  N N 401 
TYR HXT  H  N N 402 
VAL N    N  N N 403 
VAL CA   C  N S 404 
VAL C    C  N N 405 
VAL O    O  N N 406 
VAL CB   C  N N 407 
VAL CG1  C  N N 408 
VAL CG2  C  N N 409 
VAL OXT  O  N N 410 
VAL H    H  N N 411 
VAL H2   H  N N 412 
VAL HA   H  N N 413 
VAL HB   H  N N 414 
VAL HG11 H  N N 415 
VAL HG12 H  N N 416 
VAL HG13 H  N N 417 
VAL HG21 H  N N 418 
VAL HG22 H  N N 419 
VAL HG23 H  N N 420 
VAL HXT  H  N N 421 
# 
loop_
_chem_comp_bond.comp_id 
_chem_comp_bond.atom_id_1 
_chem_comp_bond.atom_id_2 
_chem_comp_bond.value_order 
_chem_comp_bond.pdbx_aromatic_flag 
_chem_comp_bond.pdbx_stereo_config 
_chem_comp_bond.pdbx_ordinal 
ALA N   CA   sing N N 1   
ALA N   H    sing N N 2   
ALA N   H2   sing N N 3   
ALA CA  C    sing N N 4   
ALA CA  CB   sing N N 5   
ALA CA  HA   sing N N 6   
ALA C   O    doub N N 7   
ALA C   OXT  sing N N 8   
ALA CB  HB1  sing N N 9   
ALA CB  HB2  sing N N 10  
ALA CB  HB3  sing N N 11  
ALA OXT HXT  sing N N 12  
ARG N   CA   sing N N 13  
ARG N   H    sing N N 14  
ARG N   H2   sing N N 15  
ARG CA  C    sing N N 16  
ARG CA  CB   sing N N 17  
ARG CA  HA   sing N N 18  
ARG C   O    doub N N 19  
ARG C   OXT  sing N N 20  
ARG CB  CG   sing N N 21  
ARG CB  HB2  sing N N 22  
ARG CB  HB3  sing N N 23  
ARG CG  CD   sing N N 24  
ARG CG  HG2  sing N N 25  
ARG CG  HG3  sing N N 26  
ARG CD  NE   sing N N 27  
ARG CD  HD2  sing N N 28  
ARG CD  HD3  sing N N 29  
ARG NE  CZ   sing N N 30  
ARG NE  HE   sing N N 31  
ARG CZ  NH1  sing N N 32  
ARG CZ  NH2  doub N N 33  
ARG NH1 HH11 sing N N 34  
ARG NH1 HH12 sing N N 35  
ARG NH2 HH21 sing N N 36  
ARG NH2 HH22 sing N N 37  
ARG OXT HXT  sing N N 38  
ASN N   CA   sing N N 39  
ASN N   H    sing N N 40  
ASN N   H2   sing N N 41  
ASN CA  C    sing N N 42  
ASN CA  CB   sing N N 43  
ASN CA  HA   sing N N 44  
ASN C   O    doub N N 45  
ASN C   OXT  sing N N 46  
ASN CB  CG   sing N N 47  
ASN CB  HB2  sing N N 48  
ASN CB  HB3  sing N N 49  
ASN CG  OD1  doub N N 50  
ASN CG  ND2  sing N N 51  
ASN ND2 HD21 sing N N 52  
ASN ND2 HD22 sing N N 53  
ASN OXT HXT  sing N N 54  
ASP N   CA   sing N N 55  
ASP N   H    sing N N 56  
ASP N   H2   sing N N 57  
ASP CA  C    sing N N 58  
ASP CA  CB   sing N N 59  
ASP CA  HA   sing N N 60  
ASP C   O    doub N N 61  
ASP C   OXT  sing N N 62  
ASP CB  CG   sing N N 63  
ASP CB  HB2  sing N N 64  
ASP CB  HB3  sing N N 65  
ASP CG  OD1  doub N N 66  
ASP CG  OD2  sing N N 67  
ASP OD2 HD2  sing N N 68  
ASP OXT HXT  sing N N 69  
CYS N   CA   sing N N 70  
CYS N   H    sing N N 71  
CYS N   H2   sing N N 72  
CYS CA  C    sing N N 73  
CYS CA  CB   sing N N 74  
CYS CA  HA   sing N N 75  
CYS C   O    doub N N 76  
CYS C   OXT  sing N N 77  
CYS CB  SG   sing N N 78  
CYS CB  HB2  sing N N 79  
CYS CB  HB3  sing N N 80  
CYS SG  HG   sing N N 81  
CYS OXT HXT  sing N N 82  
GLN N   CA   sing N N 83  
GLN N   H    sing N N 84  
GLN N   H2   sing N N 85  
GLN CA  C    sing N N 86  
GLN CA  CB   sing N N 87  
GLN CA  HA   sing N N 88  
GLN C   O    doub N N 89  
GLN C   OXT  sing N N 90  
GLN CB  CG   sing N N 91  
GLN CB  HB2  sing N N 92  
GLN CB  HB3  sing N N 93  
GLN CG  CD   sing N N 94  
GLN CG  HG2  sing N N 95  
GLN CG  HG3  sing N N 96  
GLN CD  OE1  doub N N 97  
GLN CD  NE2  sing N N 98  
GLN NE2 HE21 sing N N 99  
GLN NE2 HE22 sing N N 100 
GLN OXT HXT  sing N N 101 
GLU N   CA   sing N N 102 
GLU N   H    sing N N 103 
GLU N   H2   sing N N 104 
GLU CA  C    sing N N 105 
GLU CA  CB   sing N N 106 
GLU CA  HA   sing N N 107 
GLU C   O    doub N N 108 
GLU C   OXT  sing N N 109 
GLU CB  CG   sing N N 110 
GLU CB  HB2  sing N N 111 
GLU CB  HB3  sing N N 112 
GLU CG  CD   sing N N 113 
GLU CG  HG2  sing N N 114 
GLU CG  HG3  sing N N 115 
GLU CD  OE1  doub N N 116 
GLU CD  OE2  sing N N 117 
GLU OE2 HE2  sing N N 118 
GLU OXT HXT  sing N N 119 
GLY N   CA   sing N N 120 
GLY N   H    sing N N 121 
GLY N   H2   sing N N 122 
GLY CA  C    sing N N 123 
GLY CA  HA2  sing N N 124 
GLY CA  HA3  sing N N 125 
GLY C   O    doub N N 126 
GLY C   OXT  sing N N 127 
GLY OXT HXT  sing N N 128 
GOL C1  O1   sing N N 129 
GOL C1  C2   sing N N 130 
GOL C1  H11  sing N N 131 
GOL C1  H12  sing N N 132 
GOL O1  HO1  sing N N 133 
GOL C2  O2   sing N N 134 
GOL C2  C3   sing N N 135 
GOL C2  H2   sing N N 136 
GOL O2  HO2  sing N N 137 
GOL C3  O3   sing N N 138 
GOL C3  H31  sing N N 139 
GOL C3  H32  sing N N 140 
GOL O3  HO3  sing N N 141 
HIS N   CA   sing N N 142 
HIS N   H    sing N N 143 
HIS N   H2   sing N N 144 
HIS CA  C    sing N N 145 
HIS CA  CB   sing N N 146 
HIS CA  HA   sing N N 147 
HIS C   O    doub N N 148 
HIS C   OXT  sing N N 149 
HIS CB  CG   sing N N 150 
HIS CB  HB2  sing N N 151 
HIS CB  HB3  sing N N 152 
HIS CG  ND1  sing Y N 153 
HIS CG  CD2  doub Y N 154 
HIS ND1 CE1  doub Y N 155 
HIS ND1 HD1  sing N N 156 
HIS CD2 NE2  sing Y N 157 
HIS CD2 HD2  sing N N 158 
HIS CE1 NE2  sing Y N 159 
HIS CE1 HE1  sing N N 160 
HIS NE2 HE2  sing N N 161 
HIS OXT HXT  sing N N 162 
HOH O   H1   sing N N 163 
HOH O   H2   sing N N 164 
HWC BR1 C3   sing N N 165 
HWC C2  C3   doub N N 166 
HWC C2  N1   sing N N 167 
HWC C1  N1   sing N N 168 
HWC C3  C4   sing N N 169 
HWC N1  C6   sing N N 170 
HWC C4  C5   doub N N 171 
HWC C6  C5   sing N N 172 
HWC C6  O1   doub N N 173 
HWC C5  N2   sing N N 174 
HWC C4  H5   sing N N 175 
HWC N2  H7   sing N N 176 
HWC N2  H6   sing N N 177 
HWC C1  H3   sing N N 178 
HWC C1  H1   sing N N 179 
HWC C1  H2   sing N N 180 
HWC C2  H4   sing N N 181 
ILE N   CA   sing N N 182 
ILE N   H    sing N N 183 
ILE N   H2   sing N N 184 
ILE CA  C    sing N N 185 
ILE CA  CB   sing N N 186 
ILE CA  HA   sing N N 187 
ILE C   O    doub N N 188 
ILE C   OXT  sing N N 189 
ILE CB  CG1  sing N N 190 
ILE CB  CG2  sing N N 191 
ILE CB  HB   sing N N 192 
ILE CG1 CD1  sing N N 193 
ILE CG1 HG12 sing N N 194 
ILE CG1 HG13 sing N N 195 
ILE CG2 HG21 sing N N 196 
ILE CG2 HG22 sing N N 197 
ILE CG2 HG23 sing N N 198 
ILE CD1 HD11 sing N N 199 
ILE CD1 HD12 sing N N 200 
ILE CD1 HD13 sing N N 201 
ILE OXT HXT  sing N N 202 
LEU N   CA   sing N N 203 
LEU N   H    sing N N 204 
LEU N   H2   sing N N 205 
LEU CA  C    sing N N 206 
LEU CA  CB   sing N N 207 
LEU CA  HA   sing N N 208 
LEU C   O    doub N N 209 
LEU C   OXT  sing N N 210 
LEU CB  CG   sing N N 211 
LEU CB  HB2  sing N N 212 
LEU CB  HB3  sing N N 213 
LEU CG  CD1  sing N N 214 
LEU CG  CD2  sing N N 215 
LEU CG  HG   sing N N 216 
LEU CD1 HD11 sing N N 217 
LEU CD1 HD12 sing N N 218 
LEU CD1 HD13 sing N N 219 
LEU CD2 HD21 sing N N 220 
LEU CD2 HD22 sing N N 221 
LEU CD2 HD23 sing N N 222 
LEU OXT HXT  sing N N 223 
LYS N   CA   sing N N 224 
LYS N   H    sing N N 225 
LYS N   H2   sing N N 226 
LYS CA  C    sing N N 227 
LYS CA  CB   sing N N 228 
LYS CA  HA   sing N N 229 
LYS C   O    doub N N 230 
LYS C   OXT  sing N N 231 
LYS CB  CG   sing N N 232 
LYS CB  HB2  sing N N 233 
LYS CB  HB3  sing N N 234 
LYS CG  CD   sing N N 235 
LYS CG  HG2  sing N N 236 
LYS CG  HG3  sing N N 237 
LYS CD  CE   sing N N 238 
LYS CD  HD2  sing N N 239 
LYS CD  HD3  sing N N 240 
LYS CE  NZ   sing N N 241 
LYS CE  HE2  sing N N 242 
LYS CE  HE3  sing N N 243 
LYS NZ  HZ1  sing N N 244 
LYS NZ  HZ2  sing N N 245 
LYS NZ  HZ3  sing N N 246 
LYS OXT HXT  sing N N 247 
MET N   CA   sing N N 248 
MET N   H    sing N N 249 
MET N   H2   sing N N 250 
MET CA  C    sing N N 251 
MET CA  CB   sing N N 252 
MET CA  HA   sing N N 253 
MET C   O    doub N N 254 
MET C   OXT  sing N N 255 
MET CB  CG   sing N N 256 
MET CB  HB2  sing N N 257 
MET CB  HB3  sing N N 258 
MET CG  SD   sing N N 259 
MET CG  HG2  sing N N 260 
MET CG  HG3  sing N N 261 
MET SD  CE   sing N N 262 
MET CE  HE1  sing N N 263 
MET CE  HE2  sing N N 264 
MET CE  HE3  sing N N 265 
MET OXT HXT  sing N N 266 
PHE N   CA   sing N N 267 
PHE N   H    sing N N 268 
PHE N   H2   sing N N 269 
PHE CA  C    sing N N 270 
PHE CA  CB   sing N N 271 
PHE CA  HA   sing N N 272 
PHE C   O    doub N N 273 
PHE C   OXT  sing N N 274 
PHE CB  CG   sing N N 275 
PHE CB  HB2  sing N N 276 
PHE CB  HB3  sing N N 277 
PHE CG  CD1  doub Y N 278 
PHE CG  CD2  sing Y N 279 
PHE CD1 CE1  sing Y N 280 
PHE CD1 HD1  sing N N 281 
PHE CD2 CE2  doub Y N 282 
PHE CD2 HD2  sing N N 283 
PHE CE1 CZ   doub Y N 284 
PHE CE1 HE1  sing N N 285 
PHE CE2 CZ   sing Y N 286 
PHE CE2 HE2  sing N N 287 
PHE CZ  HZ   sing N N 288 
PHE OXT HXT  sing N N 289 
PRO N   CA   sing N N 290 
PRO N   CD   sing N N 291 
PRO N   H    sing N N 292 
PRO CA  C    sing N N 293 
PRO CA  CB   sing N N 294 
PRO CA  HA   sing N N 295 
PRO C   O    doub N N 296 
PRO C   OXT  sing N N 297 
PRO CB  CG   sing N N 298 
PRO CB  HB2  sing N N 299 
PRO CB  HB3  sing N N 300 
PRO CG  CD   sing N N 301 
PRO CG  HG2  sing N N 302 
PRO CG  HG3  sing N N 303 
PRO CD  HD2  sing N N 304 
PRO CD  HD3  sing N N 305 
PRO OXT HXT  sing N N 306 
SER N   CA   sing N N 307 
SER N   H    sing N N 308 
SER N   H2   sing N N 309 
SER CA  C    sing N N 310 
SER CA  CB   sing N N 311 
SER CA  HA   sing N N 312 
SER C   O    doub N N 313 
SER C   OXT  sing N N 314 
SER CB  OG   sing N N 315 
SER CB  HB2  sing N N 316 
SER CB  HB3  sing N N 317 
SER OG  HG   sing N N 318 
SER OXT HXT  sing N N 319 
THR N   CA   sing N N 320 
THR N   H    sing N N 321 
THR N   H2   sing N N 322 
THR CA  C    sing N N 323 
THR CA  CB   sing N N 324 
THR CA  HA   sing N N 325 
THR C   O    doub N N 326 
THR C   OXT  sing N N 327 
THR CB  OG1  sing N N 328 
THR CB  CG2  sing N N 329 
THR CB  HB   sing N N 330 
THR OG1 HG1  sing N N 331 
THR CG2 HG21 sing N N 332 
THR CG2 HG22 sing N N 333 
THR CG2 HG23 sing N N 334 
THR OXT HXT  sing N N 335 
TRP N   CA   sing N N 336 
TRP N   H    sing N N 337 
TRP N   H2   sing N N 338 
TRP CA  C    sing N N 339 
TRP CA  CB   sing N N 340 
TRP CA  HA   sing N N 341 
TRP C   O    doub N N 342 
TRP C   OXT  sing N N 343 
TRP CB  CG   sing N N 344 
TRP CB  HB2  sing N N 345 
TRP CB  HB3  sing N N 346 
TRP CG  CD1  doub Y N 347 
TRP CG  CD2  sing Y N 348 
TRP CD1 NE1  sing Y N 349 
TRP CD1 HD1  sing N N 350 
TRP CD2 CE2  doub Y N 351 
TRP CD2 CE3  sing Y N 352 
TRP NE1 CE2  sing Y N 353 
TRP NE1 HE1  sing N N 354 
TRP CE2 CZ2  sing Y N 355 
TRP CE3 CZ3  doub Y N 356 
TRP CE3 HE3  sing N N 357 
TRP CZ2 CH2  doub Y N 358 
TRP CZ2 HZ2  sing N N 359 
TRP CZ3 CH2  sing Y N 360 
TRP CZ3 HZ3  sing N N 361 
TRP CH2 HH2  sing N N 362 
TRP OXT HXT  sing N N 363 
TYR N   CA   sing N N 364 
TYR N   H    sing N N 365 
TYR N   H2   sing N N 366 
TYR CA  C    sing N N 367 
TYR CA  CB   sing N N 368 
TYR CA  HA   sing N N 369 
TYR C   O    doub N N 370 
TYR C   OXT  sing N N 371 
TYR CB  CG   sing N N 372 
TYR CB  HB2  sing N N 373 
TYR CB  HB3  sing N N 374 
TYR CG  CD1  doub Y N 375 
TYR CG  CD2  sing Y N 376 
TYR CD1 CE1  sing Y N 377 
TYR CD1 HD1  sing N N 378 
TYR CD2 CE2  doub Y N 379 
TYR CD2 HD2  sing N N 380 
TYR CE1 CZ   doub Y N 381 
TYR CE1 HE1  sing N N 382 
TYR CE2 CZ   sing Y N 383 
TYR CE2 HE2  sing N N 384 
TYR CZ  OH   sing N N 385 
TYR OH  HH   sing N N 386 
TYR OXT HXT  sing N N 387 
VAL N   CA   sing N N 388 
VAL N   H    sing N N 389 
VAL N   H2   sing N N 390 
VAL CA  C    sing N N 391 
VAL CA  CB   sing N N 392 
VAL CA  HA   sing N N 393 
VAL C   O    doub N N 394 
VAL C   OXT  sing N N 395 
VAL CB  CG1  sing N N 396 
VAL CB  CG2  sing N N 397 
VAL CB  HB   sing N N 398 
VAL CG1 HG11 sing N N 399 
VAL CG1 HG12 sing N N 400 
VAL CG1 HG13 sing N N 401 
VAL CG2 HG21 sing N N 402 
VAL CG2 HG22 sing N N 403 
VAL CG2 HG23 sing N N 404 
VAL OXT HXT  sing N N 405 
# 
loop_
_pdbx_audit_support.funding_organization 
_pdbx_audit_support.country 
_pdbx_audit_support.grant_number 
_pdbx_audit_support.ordinal 
'Cancer Research UK' 'United Kingdom' C57659/A27310 1 
'Cancer Research UK' 'United Kingdom' C1362/A20263  2 
'Cancer Research UK' 'United Kingdom' C2215/A21421  3 
# 
_pdbx_entity_instance_feature.ordinal        1 
_pdbx_entity_instance_feature.comp_id        HWC 
_pdbx_entity_instance_feature.asym_id        ? 
_pdbx_entity_instance_feature.seq_num        ? 
_pdbx_entity_instance_feature.auth_comp_id   HWC 
_pdbx_entity_instance_feature.auth_asym_id   ? 
_pdbx_entity_instance_feature.auth_seq_num   ? 
_pdbx_entity_instance_feature.feature_type   'SUBJECT OF INVESTIGATION' 
_pdbx_entity_instance_feature.details        ? 
# 
_pdbx_initial_refinement_model.id               1 
_pdbx_initial_refinement_model.entity_id_list   ? 
_pdbx_initial_refinement_model.type             'experimental model' 
_pdbx_initial_refinement_model.source_name      PDB 
_pdbx_initial_refinement_model.accession_code   5LRQ 
_pdbx_initial_refinement_model.details          ? 
# 
_atom_sites.entry_id                    7ZFT 
_atom_sites.Cartn_transf_matrix[1][1]   ? 
_atom_sites.Cartn_transf_matrix[1][2]   ? 
_atom_sites.Cartn_transf_matrix[1][3]   ? 
_atom_sites.Cartn_transf_matrix[2][1]   ? 
_atom_sites.Cartn_transf_matrix[2][2]   ? 
_atom_sites.Cartn_transf_matrix[2][3]   ? 
_atom_sites.Cartn_transf_matrix[3][1]   ? 
_atom_sites.Cartn_transf_matrix[3][2]   ? 
_atom_sites.Cartn_transf_matrix[3][3]   ? 
_atom_sites.Cartn_transf_vector[1]      ? 
_atom_sites.Cartn_transf_vector[2]      ? 
_atom_sites.Cartn_transf_vector[3]      ? 
_atom_sites.fract_transf_matrix[1][1]   0.01102623 
_atom_sites.fract_transf_matrix[1][2]   0.02068740 
_atom_sites.fract_transf_matrix[1][3]   -0.01234231 
_atom_sites.fract_transf_matrix[2][1]   0.01898091 
_atom_sites.fract_transf_matrix[2][2]   -0.00234859 
_atom_sites.fract_transf_matrix[2][3]   0.01302037 
_atom_sites.fract_transf_matrix[3][1]   0.00499314 
_atom_sites.fract_transf_matrix[3][2]   -0.00784862 
_atom_sites.fract_transf_matrix[3][3]   -0.00869465 
_atom_sites.fract_transf_vector[1]      -0.318843 
_atom_sites.fract_transf_vector[2]      0.069997 
_atom_sites.fract_transf_vector[3]      -0.114804 
_atom_sites.solution_primary            ? 
_atom_sites.solution_secondary          ? 
_atom_sites.solution_hydrogens          ? 
_atom_sites.special_details             ? 
# 
loop_
_atom_type.symbol 
_atom_type.pdbx_scat_Z 
_atom_type.pdbx_N_electrons 
_atom_type.scat_Cromer_Mann_a1 
_atom_type.scat_Cromer_Mann_b1 
_atom_type.scat_Cromer_Mann_a2 
_atom_type.scat_Cromer_Mann_b2 
_atom_type.scat_Cromer_Mann_a3 
_atom_type.scat_Cromer_Mann_b3 
_atom_type.scat_Cromer_Mann_a4 
_atom_type.scat_Cromer_Mann_b4 
_atom_type.scat_Cromer_Mann_c 
BR 35 35 17.182 2.172  5.237 16.580 5.639 0.261  3.986 41.433 -1.142  
C  6  6  2.310  20.844 1.020 10.208 1.589 0.569  0.865 51.651 0.216   
N  7  7  12.222 0.006  3.135 9.893  2.014 28.997 1.167 0.583  -11.538 
O  8  8  3.049  13.277 2.287 5.701  1.546 0.324  0.867 32.909 0.251   
S  16 16 6.905  1.468  5.203 22.215 1.438 0.254  1.586 56.172 1.030   
# 
loop_
_atom_site.group_PDB 
_atom_site.id 
_atom_site.type_symbol 
_atom_site.label_atom_id 
_atom_site.label_alt_id 
_atom_site.label_comp_id 
_atom_site.label_asym_id 
_atom_site.label_entity_id 
_atom_site.label_seq_id 
_atom_site.pdbx_PDB_ins_code 
_atom_site.Cartn_x 
_atom_site.Cartn_y 
_atom_site.Cartn_z 
_atom_site.occupancy 
_atom_site.B_iso_or_equiv 
_atom_site.pdbx_formal_charge 
_atom_site.auth_seq_id 
_atom_site.auth_comp_id 
_atom_site.auth_asym_id 
_atom_site.auth_atom_id 
_atom_site.pdbx_PDB_model_num 
_atom_site.calc_flag 
ATOM   1    N  N   . GLY A 1 1   ? -15.240 7.963   -9.515  1.000 33.190 ? 40  GLY AAA N   1 ? 
ATOM   2    C  CA  . GLY A 1 1   ? -15.119 6.842   -10.467 1.000 28.387 ? 40  GLY AAA CA  1 ? 
ATOM   3    C  C   . GLY A 1 1   ? -16.394 6.011   -10.439 1.000 25.716 ? 40  GLY AAA C   1 ? 
ATOM   4    O  O   . GLY A 1 1   ? -17.408 6.482   -9.905  1.000 24.906 ? 40  GLY AAA O   1 ? 
ATOM   5    N  N   . SER A 1 2   ? -16.290 4.779   -10.958 1.000 22.113 ? 41  SER AAA N   1 ? 
ATOM   6    C  CA  . SER A 1 2   ? -17.451 3.911   -11.092 1.000 19.984 ? 41  SER AAA CA  1 ? 
ATOM   7    C  C   . SER A 1 2   ? -18.036 3.555   -9.736  1.000 19.363 ? 41  SER AAA C   1 ? 
ATOM   8    O  O   . SER A 1 2   ? -17.316 3.176   -8.818  1.000 19.418 ? 41  SER AAA O   1 ? 
ATOM   9    C  CB  . SER A 1 2   ? -17.183 2.686   -11.934 1.000 19.152 ? 41  SER AAA CB  1 ? 
ATOM   10   O  OG  . SER A 1 2   ? -18.296 1.799   -11.862 1.000 19.667 ? 41  SER AAA OG  1 ? 
ATOM   11   N  N   . HIS A 1 3   ? -19.374 3.529   -9.645  1.000 17.249 ? 42  HIS AAA N   1 ? 
ATOM   12   C  CA  . HIS A 1 3   ? -20.056 2.954   -8.498  1.000 17.373 ? 42  HIS AAA CA  1 ? 
ATOM   13   C  C   . HIS A 1 3   ? -19.801 1.452   -8.297  1.000 17.673 ? 42  HIS AAA C   1 ? 
ATOM   14   O  O   . HIS A 1 3   ? -20.125 0.902   -7.246  1.000 20.676 ? 42  HIS AAA O   1 ? 
ATOM   15   C  CB  . HIS A 1 3   ? -21.558 3.286   -8.593  1.000 21.797 ? 42  HIS AAA CB  1 ? 
ATOM   16   C  CG  . HIS A 1 3   ? -22.307 2.293   -9.427  1.000 21.663 ? 42  HIS AAA CG  1 ? 
ATOM   17   N  ND1 . HIS A 1 3   ? -22.171 2.227   -10.806 1.000 23.934 ? 42  HIS AAA ND1 1 ? 
ATOM   18   C  CD2 . HIS A 1 3   ? -23.204 1.341   -9.090  1.000 24.073 ? 42  HIS AAA CD2 1 ? 
ATOM   19   C  CE1 . HIS A 1 3   ? -22.949 1.257   -11.282 1.000 23.037 ? 42  HIS AAA CE1 1 ? 
ATOM   20   N  NE2 . HIS A 1 3   ? -23.545 0.686   -10.268 1.000 23.548 ? 42  HIS AAA NE2 1 ? 
ATOM   21   N  N   . MET A 1 4   ? -19.241 0.763   -9.297  1.000 17.223 ? 43  MET AAA N   1 ? 
ATOM   22   C  CA  . MET A 1 4   ? -18.941 -0.656  -9.180  1.000 17.031 ? 43  MET AAA CA  1 ? 
ATOM   23   C  C   . MET A 1 4   ? -17.597 -0.929  -8.494  1.000 17.293 ? 43  MET AAA C   1 ? 
ATOM   24   O  O   . MET A 1 4   ? -17.325 -2.084  -8.152  1.000 18.523 ? 43  MET AAA O   1 ? 
ATOM   25   C  CB  . MET A 1 4   ? -18.950 -1.348  -10.541 1.000 18.240 ? 43  MET AAA CB  1 ? 
ATOM   26   C  CG  . MET A 1 4   ? -20.287 -1.178  -11.179 1.000 18.935 ? 43  MET AAA CG  1 ? 
ATOM   27   S  SD  . MET A 1 4   ? -20.562 -2.148  -12.658 1.000 24.855 ? 43  MET AAA SD  1 ? 
ATOM   28   C  CE  . MET A 1 4   ? -18.981 -2.347  -13.449 1.000 27.376 ? 43  MET AAA CE  1 ? 
ATOM   29   N  N   . ASN A 1 5   ? -16.771 0.116   -8.316  1.000 16.971 ? 44  ASN AAA N   1 ? 
ATOM   30   C  CA  . ASN A 1 5   ? -15.624 -0.036  -7.425  1.000 16.296 ? 44  ASN AAA CA  1 ? 
ATOM   31   C  C   . ASN A 1 5   ? -16.042 0.349   -6.015  1.000 18.169 ? 44  ASN AAA C   1 ? 
ATOM   32   O  O   . ASN A 1 5   ? -16.827 1.299   -5.826  1.000 18.222 ? 44  ASN AAA O   1 ? 
ATOM   33   C  CB  . ASN A 1 5   ? -14.476 0.866   -7.871  1.000 17.077 ? 44  ASN AAA CB  1 ? 
ATOM   34   C  CG  . ASN A 1 5   ? -13.868 0.442   -9.197  1.000 15.606 ? 44  ASN AAA CG  1 ? 
ATOM   35   O  OD1 . ASN A 1 5   ? -13.583 -0.740  -9.393  1.000 16.591 ? 44  ASN AAA OD1 1 ? 
ATOM   36   N  ND2 . ASN A 1 5   ? -13.610 1.407   -10.072 1.000 16.098 ? 44  ASN AAA ND2 1 ? 
ATOM   37   N  N   . PRO A 1 6   ? -15.492 -0.309  -4.969  1.000 17.045 ? 45  PRO AAA N   1 ? 
ATOM   38   C  CA  . PRO A 1 6   ? -15.748 0.119   -3.595  1.000 16.952 ? 45  PRO AAA CA  1 ? 
ATOM   39   C  C   . PRO A 1 6   ? -15.161 1.504   -3.324  1.000 17.070 ? 45  PRO AAA C   1 ? 
ATOM   40   O  O   . PRO A 1 6   ? -14.231 1.959   -3.989  1.000 17.908 ? 45  PRO AAA O   1 ? 
ATOM   41   C  CB  . PRO A 1 6   ? -15.104 -0.996  -2.759  1.000 17.994 ? 45  PRO AAA CB  1 ? 
ATOM   42   C  CG  . PRO A 1 6   ? -13.949 -1.471  -3.612  1.000 16.687 ? 45  PRO AAA CG  1 ? 
ATOM   43   C  CD  . PRO A 1 6   ? -14.454 -1.365  -5.046  1.000 17.174 ? 45  PRO AAA CD  1 ? 
ATOM   44   N  N   . PRO A 1 7   ? -15.617 2.179   -2.234  1.000 17.873 ? 46  PRO AAA N   1 ? 
ATOM   45   C  CA  . PRO A 1 7   ? -14.938 3.380   -1.776  1.000 18.638 ? 46  PRO AAA CA  1 ? 
ATOM   46   C  C   . PRO A 1 7   ? -13.512 2.944   -1.429  1.000 17.512 ? 46  PRO AAA C   1 ? 
ATOM   47   O  O   . PRO A 1 7   ? -13.288 1.794   -1.053  1.000 17.918 ? 46  PRO AAA O   1 ? 
ATOM   48   C  CB  . PRO A 1 7   ? -15.715 3.783   -0.503  1.000 18.756 ? 46  PRO AAA CB  1 ? 
ATOM   49   C  CG  . PRO A 1 7   ? -16.371 2.532   -0.059  1.000 19.601 ? 46  PRO AAA CG  1 ? 
ATOM   50   C  CD  . PRO A 1 7   ? -16.696 1.750   -1.333  1.000 19.832 ? 46  PRO AAA CD  1 ? 
ATOM   51   N  N   . PRO A 1 8   ? -12.530 3.849   -1.559  1.000 18.822 ? 47  PRO AAA N   1 ? 
ATOM   52   C  CA  . PRO A 1 8   ? -11.154 3.506   -1.210  1.000 18.314 ? 47  PRO AAA CA  1 ? 
ATOM   53   C  C   . PRO A 1 8   ? -11.081 3.309   0.299   1.000 18.001 ? 47  PRO AAA C   1 ? 
ATOM   54   O  O   . PRO A 1 8   ? -11.967 3.724   1.057   1.000 18.348 ? 47  PRO AAA O   1 ? 
ATOM   55   C  CB  . PRO A 1 8   ? -10.360 4.717   -1.711  1.000 20.997 ? 47  PRO AAA CB  1 ? 
ATOM   56   C  CG  . PRO A 1 8   ? -11.360 5.861   -1.654  1.000 22.756 ? 47  PRO AAA CG  1 ? 
ATOM   57   C  CD  . PRO A 1 8   ? -12.675 5.233   -2.040  1.000 21.489 ? 47  PRO AAA CD  1 ? 
ATOM   58   N  N   . PRO A 1 9   ? -9.980  2.742   0.804   1.000 15.123 ? 48  PRO AAA N   1 ? 
ATOM   59   C  CA  . PRO A 1 9   ? -9.761  2.696   2.245   1.000 15.220 ? 48  PRO AAA CA  1 ? 
ATOM   60   C  C   . PRO A 1 9   ? -9.709  4.146   2.729   1.000 15.915 ? 48  PRO AAA C   1 ? 
ATOM   61   O  O   . PRO A 1 9   ? -9.201  5.055   2.081   1.000 17.075 ? 48  PRO AAA O   1 ? 
ATOM   62   C  CB  . PRO A 1 9   ? -8.389  1.952   2.349   1.000 16.429 ? 48  PRO AAA CB  1 ? 
ATOM   63   C  CG  . PRO A 1 9   ? -8.304  1.202   1.017   1.000 17.469 ? 48  PRO AAA CG  1 ? 
ATOM   64   C  CD  . PRO A 1 9   ? -8.825  2.227   0.031   1.000 16.810 ? 48  PRO AAA CD  1 ? 
ATOM   65   N  N   . GLU A 1 10  ? -10.212 4.283   3.956   1.000 19.711 ? 49  GLU AAA N   1 ? 
ATOM   66   C  CA  . GLU A 1 10  ? -10.201 5.510   4.730   1.000 21.184 ? 49  GLU AAA CA  1 ? 
ATOM   67   C  C   . GLU A 1 10  ? -8.795  6.124   4.816   1.000 18.740 ? 49  GLU AAA C   1 ? 
ATOM   68   O  O   . GLU A 1 10  ? -7.822  5.407   5.119   1.000 17.416 ? 49  GLU AAA O   1 ? 
ATOM   69   C  CB  . GLU A 1 10  ? -10.620 5.025   6.127   1.000 23.392 ? 49  GLU AAA CB  1 ? 
ATOM   70   C  CG  . GLU A 1 10  ? -10.715 6.114   7.135   1.000 27.032 ? 49  GLU AAA CG  1 ? 
ATOM   71   C  CD  . GLU A 1 10  ? -11.420 5.598   8.351   1.000 22.734 ? 49  GLU AAA CD  1 ? 
ATOM   72   O  OE1 . GLU A 1 10  ? -12.662 5.583   8.323   1.000 27.308 ? 49  GLU AAA OE1 1 ? 
ATOM   73   O  OE2 . GLU A 1 10  ? -10.732 5.233   9.313   1.000 21.188 ? 49  GLU AAA OE2 1 ? 
ATOM   74   N  N   . THR A 1 11  ? -8.659  7.438   4.576   1.000 18.037 ? 50  THR AAA N   1 ? 
ATOM   75   C  CA  . THR A 1 11  ? -7.373  8.114   4.757   1.000 16.923 ? 50  THR AAA CA  1 ? 
ATOM   76   C  C   . THR A 1 11  ? -7.460  9.235   5.802   1.000 18.654 ? 50  THR AAA C   1 ? 
ATOM   77   O  O   . THR A 1 11  ? -6.451  9.892   6.095   1.000 19.391 ? 50  THR AAA O   1 ? 
ATOM   78   C  CB  . THR A 1 11  ? -6.777  8.661   3.455   1.000 21.026 ? 50  THR AAA CB  1 ? 
ATOM   79   O  OG1 . THR A 1 11  ? -7.706  9.546   2.812   1.000 23.113 ? 50  THR AAA OG1 1 ? 
ATOM   80   C  CG2 . THR A 1 11  ? -6.412  7.537   2.505   1.000 21.132 ? 50  THR AAA CG2 1 ? 
ATOM   81   N  N   . SER A 1 12  ? -8.697  9.543   6.186   1.000 19.506 ? 51  SER AAA N   1 ? 
ATOM   82   C  CA  . SER A 1 12  ? -8.963  10.593  7.166   1.000 20.798 ? 51  SER AAA CA  1 ? 
ATOM   83   C  C   . SER A 1 12  ? -10.124 10.124  8.042   1.000 20.445 ? 51  SER AAA C   1 ? 
ATOM   84   O  O   . SER A 1 12  ? -11.129 9.593   7.560   1.000 22.867 ? 51  SER AAA O   1 ? 
ATOM   85   C  CB  . SER A 1 12  ? -9.234  11.923  6.435   1.000 25.223 ? 51  SER AAA CB  1 ? 
ATOM   86   O  OG  . SER A 1 12  ? -10.305 12.633  7.017   1.000 31.422 ? 51  SER AAA OG  1 ? 
ATOM   87   N  N   . ASN A 1 13  ? -9.962  10.256  9.363   1.000 18.777 ? 52  ASN AAA N   1 ? 
ATOM   88   C  CA  . ASN A 1 13  ? -11.028 9.953   10.297  1.000 18.224 ? 52  ASN AAA CA  1 ? 
ATOM   89   C  C   . ASN A 1 13  ? -10.672 10.592  11.639  1.000 20.196 ? 52  ASN AAA C   1 ? 
ATOM   90   O  O   . ASN A 1 13  ? -9.815  10.089  12.359  1.000 17.345 ? 52  ASN AAA O   1 ? 
ATOM   91   C  CB  . ASN A 1 13  ? -11.189 8.435   10.446  1.000 21.209 ? 52  ASN AAA CB  1 ? 
ATOM   92   C  CG  . ASN A 1 13  ? -12.302 8.057   11.401  1.000 23.862 ? 52  ASN AAA CG  1 ? 
ATOM   93   O  OD1 . ASN A 1 13  ? -12.935 8.909   12.016  1.000 24.785 ? 52  ASN AAA OD1 1 ? 
ATOM   94   N  ND2 . ASN A 1 13  ? -12.537 6.765   11.537  1.000 28.181 ? 52  ASN AAA ND2 1 ? 
ATOM   95   N  N   . PRO A 1 14  ? -11.358 11.658  12.092  1.000 19.160 ? 53  PRO AAA N   1 ? 
ATOM   96   C  CA  . PRO A 1 14  ? -11.042 12.262  13.395  1.000 17.523 ? 53  PRO AAA CA  1 ? 
ATOM   97   C  C   . PRO A 1 14  ? -11.276 11.362  14.607  1.000 19.431 ? 53  PRO AAA C   1 ? 
ATOM   98   O  O   . PRO A 1 14  ? -10.747 11.653  15.673  1.000 22.598 ? 53  PRO AAA O   1 ? 
ATOM   99   C  CB  . PRO A 1 14  ? -12.022 13.452  13.460  1.000 18.941 ? 53  PRO AAA CB  1 ? 
ATOM   100  C  CG  . PRO A 1 14  ? -12.227 13.800  11.987  1.000 20.537 ? 53  PRO AAA CG  1 ? 
ATOM   101  C  CD  . PRO A 1 14  ? -12.341 12.449  11.314  1.000 18.696 ? 53  PRO AAA CD  1 ? 
ATOM   102  N  N   . ASN A 1 15  ? -11.962 10.244  14.446  1.000 19.030 ? 54  ASN AAA N   1 ? 
ATOM   103  C  CA  . ASN A 1 15  ? -12.235 9.397   15.600  1.000 21.034 ? 54  ASN AAA CA  1 ? 
ATOM   104  C  C   . ASN A 1 15  ? -11.011 8.544   15.938  1.000 26.743 ? 54  ASN AAA C   1 ? 
ATOM   105  O  O   . ASN A 1 15  ? -10.923 8.022   17.041  1.000 26.594 ? 54  ASN AAA O   1 ? 
ATOM   106  C  CB  . ASN A 1 15  ? -13.442 8.495   15.395  1.000 23.676 ? 54  ASN AAA CB  1 ? 
ATOM   107  C  CG  . ASN A 1 15  ? -14.708 9.322   15.416  1.000 19.802 ? 54  ASN AAA CG  1 ? 
ATOM   108  O  OD1 . ASN A 1 15  ? -14.828 10.261  16.190  1.000 22.610 ? 54  ASN AAA OD1 1 ? 
ATOM   109  N  ND2 . ASN A 1 15  ? -15.653 8.979   14.545  1.000 21.929 ? 54  ASN AAA ND2 1 ? 
ATOM   110  N  N   . LYS A 1 16  ? -10.112 8.367   14.972  1.000 25.334 ? 55  LYS AAA N   1 ? 
ATOM   111  C  CA  . LYS A 1 16  ? -8.969  7.477   15.188  1.000 25.767 ? 55  LYS AAA CA  1 ? 
ATOM   112  C  C   . LYS A 1 16  ? -7.798  8.269   15.765  1.000 27.088 ? 55  LYS AAA C   1 ? 
ATOM   113  O  O   . LYS A 1 16  ? -7.343  9.245   15.183  1.000 22.753 ? 55  LYS AAA O   1 ? 
ATOM   114  C  CB  . LYS A 1 16  ? -8.593  6.881   13.838  1.000 20.534 ? 55  LYS AAA CB  1 ? 
ATOM   115  C  CG  . LYS A 1 16  ? -7.363  5.961   13.874  1.000 24.169 ? 55  LYS AAA CG  1 ? 
ATOM   116  C  CD  . LYS A 1 16  ? -7.028  5.295   12.547  1.000 20.926 ? 55  LYS AAA CD  1 ? 
ATOM   117  C  CE  . LYS A 1 16  ? -5.938  4.230   12.606  1.000 21.718 ? 55  LYS AAA CE  1 ? 
ATOM   118  N  NZ  . LYS A 1 16  ? -4.689  4.699   13.256  1.000 18.285 ? 55  LYS AAA NZ  1 ? 
ATOM   119  N  N   . PRO A 1 17  ? -7.209  7.870   16.917  1.000 30.800 ? 56  PRO AAA N   1 ? 
ATOM   120  C  CA  . PRO A 1 17  ? -6.115  8.652   17.500  1.000 31.722 ? 56  PRO AAA CA  1 ? 
ATOM   121  C  C   . PRO A 1 17  ? -4.867  8.526   16.617  1.000 24.938 ? 56  PRO AAA C   1 ? 
ATOM   122  O  O   . PRO A 1 17  ? -4.667  7.528   15.940  1.000 24.974 ? 56  PRO AAA O   1 ? 
ATOM   123  C  CB  . PRO A 1 17  ? -5.942  7.995   18.881  1.000 33.929 ? 56  PRO AAA CB  1 ? 
ATOM   124  C  CG  . PRO A 1 17  ? -6.323  6.552   18.601  1.000 36.035 ? 56  PRO AAA CG  1 ? 
ATOM   125  C  CD  . PRO A 1 17  ? -7.545  6.670   17.702  1.000 38.247 ? 56  PRO AAA CD  1 ? 
ATOM   126  N  N   . LYS A 1 18  ? -4.123  9.621   16.551  1.000 30.655 ? 57  LYS AAA N   1 ? 
ATOM   127  C  CA  . LYS A 1 18  ? -3.040  9.708   15.590  1.000 28.740 ? 57  LYS AAA CA  1 ? 
ATOM   128  C  C   . LYS A 1 18  ? -1.789  9.955   16.383  1.000 26.277 ? 57  LYS AAA C   1 ? 
ATOM   129  O  O   . LYS A 1 18  ? -1.857  10.631  17.393  1.000 28.524 ? 57  LYS AAA O   1 ? 
ATOM   130  C  CB  . LYS A 1 18  ? -3.190  10.965  14.713  1.000 24.675 ? 57  LYS AAA CB  1 ? 
ATOM   131  C  CG  . LYS A 1 18  ? -4.576  11.144  14.134  1.000 24.428 ? 57  LYS AAA CG  1 ? 
ATOM   132  C  CD  . LYS A 1 18  ? -5.008  9.910   13.431  1.000 30.744 ? 57  LYS AAA CD  1 ? 
ATOM   133  C  CE  . LYS A 1 18  ? -6.050  10.197  12.380  1.000 24.541 ? 57  LYS AAA CE  1 ? 
ATOM   134  N  NZ  . LYS A 1 18  ? -7.308  10.649  13.014  1.000 17.952 ? 57  LYS AAA NZ  1 ? 
ATOM   135  N  N   . ARG A 1 19  ? -0.654  9.610   15.785  1.000 23.434 ? 58  ARG AAA N   1 ? 
ATOM   136  C  CA  . ARG A 1 19  ? 0.599   10.016  16.385  1.000 24.686 ? 58  ARG AAA CA  1 ? 
ATOM   137  C  C   . ARG A 1 19  ? 1.612   10.154  15.253  1.000 26.254 ? 58  ARG AAA C   1 ? 
ATOM   138  O  O   . ARG A 1 19  ? 1.460   9.543   14.194  1.000 29.529 ? 58  ARG AAA O   1 ? 
ATOM   139  C  CB  . ARG A 1 19  ? 0.869   8.986   17.498  1.000 23.925 ? 58  ARG AAA CB  1 ? 
ATOM   140  C  CG  . ARG A 1 19  ? 2.211   9.009   18.183  1.000 30.307 ? 58  ARG AAA CG  1 ? 
ATOM   141  C  CD  . ARG A 1 19  ? 1.947   7.889   19.175  1.000 22.816 ? 58  ARG AAA CD  1 ? 
ATOM   142  N  NE  . ARG A 1 19  ? 2.258   6.595   18.606  1.000 21.336 ? 58  ARG AAA NE  1 ? 
ATOM   143  C  CZ  . ARG A 1 19  ? 2.966   5.681   19.230  1.000 21.140 ? 58  ARG AAA CZ  1 ? 
ATOM   144  N  NH1 . ARG A 1 19  ? 3.399   5.937   20.454  1.000 21.067 ? 58  ARG AAA NH1 1 ? 
ATOM   145  N  NH2 . ARG A 1 19  ? 3.268   4.552   18.611  1.000 22.889 ? 58  ARG AAA NH2 1 ? 
ATOM   146  N  N   A GLN A 1 20  ? 2.674   10.943  15.470  0.500 26.700 ? 59  GLN AAA N   1 ? 
ATOM   147  N  N   B GLN A 1 20  ? 2.563   11.060  15.452  0.500 25.721 ? 59  GLN AAA N   1 ? 
ATOM   148  C  CA  A GLN A 1 20  ? 3.759   11.037  14.504  0.500 28.353 ? 59  GLN AAA CA  1 ? 
ATOM   149  C  CA  B GLN A 1 20  ? 3.776   11.019  14.669  0.500 26.707 ? 59  GLN AAA CA  1 ? 
ATOM   150  C  C   A GLN A 1 20  ? 5.077   10.576  15.129  0.500 29.187 ? 59  GLN AAA C   1 ? 
ATOM   151  C  C   B GLN A 1 20  ? 4.805   10.223  15.464  0.500 26.020 ? 59  GLN AAA C   1 ? 
ATOM   152  O  O   A GLN A 1 20  ? 5.650   11.297  15.948  0.500 32.837 ? 59  GLN AAA O   1 ? 
ATOM   153  O  O   B GLN A 1 20  ? 4.903   10.346  16.686  0.500 22.954 ? 59  GLN AAA O   1 ? 
ATOM   154  C  CB  A GLN A 1 20  ? 3.861   12.463  13.956  0.500 27.122 ? 59  GLN AAA CB  1 ? 
ATOM   155  C  CB  B GLN A 1 20  ? 4.215   12.435  14.301  0.500 27.546 ? 59  GLN AAA CB  1 ? 
ATOM   156  C  CG  A GLN A 1 20  ? 4.750   12.557  12.727  0.500 28.328 ? 59  GLN AAA CG  1 ? 
ATOM   157  C  CG  B GLN A 1 20  ? 3.139   13.247  13.588  0.500 29.311 ? 59  GLN AAA CG  1 ? 
ATOM   158  C  CD  A GLN A 1 20  ? 4.508   11.357  11.845  0.500 27.738 ? 59  GLN AAA CD  1 ? 
ATOM   159  C  CD  B GLN A 1 20  ? 3.698   14.539  13.045  0.500 31.455 ? 59  GLN AAA CD  1 ? 
ATOM   160  O  OE1 A GLN A 1 20  ? 5.397   10.549  11.599  0.500 24.584 ? 59  GLN AAA OE1 1 ? 
ATOM   161  O  OE1 B GLN A 1 20  ? 2.987   15.524  12.830  0.500 31.954 ? 59  GLN AAA OE1 1 ? 
ATOM   162  N  NE2 A GLN A 1 20  ? 3.280   11.212  11.382  0.500 31.496 ? 59  GLN AAA NE2 1 ? 
ATOM   163  N  NE2 B GLN A 1 20  ? 4.999   14.543  12.821  0.500 33.669 ? 59  GLN AAA NE2 1 ? 
ATOM   164  N  N   . THR A 1 21  ? 5.538   9.370   14.756  1.000 27.415 ? 60  THR AAA N   1 ? 
ATOM   165  C  CA  . THR A 1 21  ? 6.740   8.752   15.323  1.000 23.536 ? 60  THR AAA CA  1 ? 
ATOM   166  C  C   . THR A 1 21  ? 7.916   8.909   14.346  1.000 22.582 ? 60  THR AAA C   1 ? 
ATOM   167  O  O   . THR A 1 21  ? 7.751   9.050   13.117  1.000 20.781 ? 60  THR AAA O   1 ? 
ATOM   168  C  CB  . THR A 1 21  ? 6.483   7.310   15.783  1.000 25.036 ? 60  THR AAA CB  1 ? 
ATOM   169  O  OG1 . THR A 1 21  ? 6.499   6.453   14.639  1.000 24.065 ? 60  THR AAA OG1 1 ? 
ATOM   170  C  CG2 . THR A 1 21  ? 5.214   7.102   16.597  1.000 24.634 ? 60  THR AAA CG2 1 ? 
ATOM   171  N  N   . ASN A 1 22  ? 9.149   8.791   14.872  1.000 22.107 ? 61  ASN AAA N   1 ? 
ATOM   172  C  CA  . ASN A 1 22  ? 10.315  8.706   13.995  1.000 18.843 ? 61  ASN AAA CA  1 ? 
ATOM   173  C  C   . ASN A 1 22  ? 10.242  7.528   13.005  1.000 18.669 ? 61  ASN AAA C   1 ? 
ATOM   174  O  O   . ASN A 1 22  ? 10.743  7.619   11.886  1.000 18.759 ? 61  ASN AAA O   1 ? 
ATOM   175  C  CB  . ASN A 1 22  ? 11.655  8.672   14.751  1.000 20.171 ? 61  ASN AAA CB  1 ? 
ATOM   176  C  CG  . ASN A 1 22  ? 11.913  7.433   15.578  1.000 22.647 ? 61  ASN AAA CG  1 ? 
ATOM   177  O  OD1 . ASN A 1 22  ? 11.097  7.005   16.385  1.000 24.597 ? 61  ASN AAA OD1 1 ? 
ATOM   178  N  ND2 . ASN A 1 22  ? 13.067  6.821   15.348  1.000 21.318 ? 61  ASN AAA ND2 1 ? 
ATOM   179  N  N   . GLN A 1 23  ? 9.632   6.416   13.428  1.000 17.699 ? 62  GLN AAA N   1 ? 
ATOM   180  C  CA  . GLN A 1 23  ? 9.491   5.285   12.531  1.000 18.152 ? 62  GLN AAA CA  1 ? 
ATOM   181  C  C   . GLN A 1 23  ? 8.473   5.621   11.440  1.000 17.515 ? 62  GLN AAA C   1 ? 
ATOM   182  O  O   . GLN A 1 23  ? 8.712   5.219   10.320  1.000 17.719 ? 62  GLN AAA O   1 ? 
ATOM   183  C  CB  . GLN A 1 23  ? 9.013   4.038   13.264  1.000 18.061 ? 62  GLN AAA CB  1 ? 
ATOM   184  C  CG  . GLN A 1 23  ? 10.001  3.568   14.350  1.000 17.701 ? 62  GLN AAA CG  1 ? 
ATOM   185  C  CD  . GLN A 1 23  ? 9.582   2.257   14.968  1.000 16.837 ? 62  GLN AAA CD  1 ? 
ATOM   186  O  OE1 . GLN A 1 23  ? 8.401   1.968   15.112  1.000 20.409 ? 62  GLN AAA OE1 1 ? 
ATOM   187  N  NE2 . GLN A 1 23  ? 10.553  1.458   15.395  1.000 17.616 ? 62  GLN AAA NE2 1 ? 
ATOM   188  N  N   . LEU A 1 24  ? 7.371   6.319   11.752  1.000 18.549 ? 63  LEU AAA N   1 ? 
ATOM   189  C  CA  . LEU A 1 24  ? 6.448   6.635   10.655  1.000 16.965 ? 63  LEU AAA CA  1 ? 
ATOM   190  C  C   . LEU A 1 24  ? 7.094   7.647   9.713   1.000 20.504 ? 63  LEU AAA C   1 ? 
ATOM   191  O  O   . LEU A 1 24  ? 6.890   7.604   8.502   1.000 18.872 ? 63  LEU AAA O   1 ? 
ATOM   192  C  CB  . LEU A 1 24  ? 5.145   7.165   11.247  1.000 17.635 ? 63  LEU AAA CB  1 ? 
ATOM   193  C  CG  . LEU A 1 24  ? 4.244   6.068   11.813  1.000 17.367 ? 63  LEU AAA CG  1 ? 
ATOM   194  C  CD1 . LEU A 1 24  ? 3.237   6.645   12.798  1.000 18.591 ? 63  LEU AAA CD1 1 ? 
ATOM   195  C  CD2 . LEU A 1 24  ? 3.536   5.317   10.689  1.000 17.415 ? 63  LEU AAA CD2 1 ? 
ATOM   196  N  N   . GLN A 1 25  ? 7.935   8.540   10.259  1.000 20.548 ? 64  GLN AAA N   1 ? 
ATOM   197  C  CA  . GLN A 1 25  ? 8.633   9.478   9.390   1.000 22.387 ? 64  GLN AAA CA  1 ? 
ATOM   198  C  C   . GLN A 1 25  ? 9.560   8.769   8.407   1.000 21.393 ? 64  GLN AAA C   1 ? 
ATOM   199  O  O   . GLN A 1 25  ? 9.609   9.135   7.226   1.000 22.489 ? 64  GLN AAA O   1 ? 
ATOM   200  C  CB  . GLN A 1 25  ? 9.385   10.529  10.219  1.000 22.346 ? 64  GLN AAA CB  1 ? 
ATOM   201  C  CG  . GLN A 1 25  ? 8.438   11.447  10.986  1.000 28.016 ? 64  GLN AAA CG  1 ? 
ATOM   202  C  CD  . GLN A 1 25  ? 9.075   12.192  12.141  0.500 29.525 ? 64  GLN AAA CD  1 ? 
ATOM   203  O  OE1 . GLN A 1 25  ? 10.229  11.966  12.510  0.500 30.456 ? 64  GLN AAA OE1 1 ? 
ATOM   204  N  NE2 . GLN A 1 25  ? 8.314   13.102  12.725  0.500 29.346 ? 64  GLN AAA NE2 1 ? 
ATOM   205  N  N   . TYR A 1 26  ? 10.272  7.728   8.886   1.000 18.745 ? 65  TYR AAA N   1 ? 
ATOM   206  C  CA  . TYR A 1 26  ? 11.124  6.902   8.051   1.000 21.158 ? 65  TYR AAA CA  1 ? 
ATOM   207  C  C   . TYR A 1 26  ? 10.276  6.193   6.988   1.000 20.394 ? 65  TYR AAA C   1 ? 
ATOM   208  O  O   . TYR A 1 26  ? 10.677  6.013   5.835   1.000 20.014 ? 65  TYR AAA O   1 ? 
ATOM   209  C  CB  . TYR A 1 26  ? 11.859  5.882   8.934   1.000 20.482 ? 65  TYR AAA CB  1 ? 
ATOM   210  C  CG  . TYR A 1 26  ? 12.709  4.880   8.187   1.000 20.534 ? 65  TYR AAA CG  1 ? 
ATOM   211  C  CD1 . TYR A 1 26  ? 12.211  3.648   7.781   1.000 19.364 ? 65  TYR AAA CD1 1 ? 
ATOM   212  C  CD2 . TYR A 1 26  ? 14.061  5.114   7.961   1.000 22.772 ? 65  TYR AAA CD2 1 ? 
ATOM   213  C  CE1 . TYR A 1 26  ? 13.014  2.698   7.140   1.000 18.638 ? 65  TYR AAA CE1 1 ? 
ATOM   214  C  CE2 . TYR A 1 26  ? 14.862  4.192   7.316   1.000 20.321 ? 65  TYR AAA CE2 1 ? 
ATOM   215  C  CZ  . TYR A 1 26  ? 14.361  2.966   6.915   1.000 19.588 ? 65  TYR AAA CZ  1 ? 
ATOM   216  O  OH  . TYR A 1 26  ? 15.171  2.072   6.287   1.000 21.697 ? 65  TYR AAA OH  1 ? 
ATOM   217  N  N   . LEU A 1 27  ? 9.085   5.730   7.403   1.000 17.811 ? 66  LEU AAA N   1 ? 
ATOM   218  C  CA  . LEU A 1 27  ? 8.285   4.995   6.441   1.000 18.605 ? 66  LEU AAA CA  1 ? 
ATOM   219  C  C   . LEU A 1 27  ? 7.865   5.897   5.287   1.000 19.082 ? 66  LEU AAA C   1 ? 
ATOM   220  O  O   . LEU A 1 27  ? 7.682   5.387   4.183   1.000 19.119 ? 66  LEU AAA O   1 ? 
ATOM   221  C  CB  . LEU A 1 27  ? 7.056   4.441   7.160   1.000 17.864 ? 66  LEU AAA CB  1 ? 
ATOM   222  C  CG  . LEU A 1 27  ? 7.303   3.082   7.809   1.000 17.261 ? 66  LEU AAA CG  1 ? 
ATOM   223  C  CD1 . LEU A 1 27  ? 6.255   2.844   8.883   1.000 18.950 ? 66  LEU AAA CD1 1 ? 
ATOM   224  C  CD2 . LEU A 1 27  ? 7.243   1.984   6.751   1.000 21.955 ? 66  LEU AAA CD2 1 ? 
ATOM   225  N  N   . LEU A 1 28  ? 7.643   7.178   5.549   1.000 20.497 ? 67  LEU AAA N   1 ? 
ATOM   226  C  CA  . LEU A 1 28  ? 7.310   8.090   4.457   1.000 20.764 ? 67  LEU AAA CA  1 ? 
ATOM   227  C  C   . LEU A 1 28  ? 8.577   8.505   3.698   1.000 22.905 ? 67  LEU AAA C   1 ? 
ATOM   228  O  O   . LEU A 1 28  ? 8.619   8.395   2.472   1.000 23.105 ? 67  LEU AAA O   1 ? 
ATOM   229  C  CB  . LEU A 1 28  ? 6.597   9.308   5.038   1.000 21.414 ? 67  LEU AAA CB  1 ? 
ATOM   230  C  CG  . LEU A 1 28  ? 6.270   10.419  4.044   1.000 24.634 ? 67  LEU AAA CG  1 ? 
ATOM   231  C  CD1 . LEU A 1 28  ? 5.510   9.850   2.856   1.000 24.432 ? 67  LEU AAA CD1 1 ? 
ATOM   232  C  CD2 . LEU A 1 28  ? 5.462   11.498  4.735   1.000 26.565 ? 67  LEU AAA CD2 1 ? 
ATOM   233  N  N   . ARG A 1 29  ? 9.598   8.974   4.439   1.000 24.264 ? 68  ARG AAA N   1 ? 
ATOM   234  C  CA  . ARG A 1 29  ? 10.761  9.605   3.816   1.000 26.152 ? 68  ARG AAA CA  1 ? 
ATOM   235  C  C   . ARG A 1 29  ? 11.680  8.589   3.127   1.000 26.618 ? 68  ARG AAA C   1 ? 
ATOM   236  O  O   . ARG A 1 29  ? 12.322  8.923   2.127   1.000 31.450 ? 68  ARG AAA O   1 ? 
ATOM   237  C  CB  . ARG A 1 29  ? 11.481  10.562  4.785   1.000 24.591 ? 68  ARG AAA CB  1 ? 
ATOM   238  C  CG  . ARG A 1 29  ? 10.688  11.796  5.222   1.000 33.354 ? 68  ARG AAA CG  1 ? 
ATOM   239  C  CD  . ARG A 1 29  ? 11.376  12.431  6.447   1.000 37.826 ? 68  ARG AAA CD  1 ? 
ATOM   240  N  NE  . ARG A 1 29  ? 10.598  13.533  7.005   0.500 39.698 ? 68  ARG AAA NE  1 ? 
ATOM   241  C  CZ  . ARG A 1 29  ? 10.987  14.812  7.038   0.500 39.218 ? 68  ARG AAA CZ  1 ? 
ATOM   242  N  NH1 . ARG A 1 29  ? 12.163  15.179  6.538   0.500 41.873 ? 68  ARG AAA NH1 1 ? 
ATOM   243  N  NH2 . ARG A 1 29  ? 10.198  15.718  7.581   0.500 38.201 ? 68  ARG AAA NH2 1 ? 
ATOM   244  N  N   . VAL A 1 30  ? 11.743  7.332   3.597   1.000 23.879 ? 69  VAL AAA N   1 ? 
ATOM   245  C  CA  . VAL A 1 30  ? 12.631  6.349   2.996   1.000 24.044 ? 69  VAL AAA CA  1 ? 
ATOM   246  C  C   . VAL A 1 30  ? 11.844  5.262   2.263   1.000 23.317 ? 69  VAL AAA C   1 ? 
ATOM   247  O  O   . VAL A 1 30  ? 12.081  4.953   1.089   1.000 23.606 ? 69  VAL AAA O   1 ? 
ATOM   248  C  CB  . VAL A 1 30  ? 13.596  5.739   4.036   1.000 23.513 ? 69  VAL AAA CB  1 ? 
ATOM   249  C  CG1 . VAL A 1 30  ? 14.420  4.606   3.446   1.000 27.141 ? 69  VAL AAA CG1 1 ? 
ATOM   250  C  CG2 . VAL A 1 30  ? 14.469  6.802   4.683   1.000 27.784 ? 69  VAL AAA CG2 1 ? 
ATOM   251  N  N   . VAL A 1 31  ? 10.869  4.675   2.973   1.000 21.949 ? 70  VAL AAA N   1 ? 
ATOM   252  C  CA  . VAL A 1 31  ? 10.263  3.476   2.453   1.000 20.305 ? 70  VAL AAA CA  1 ? 
ATOM   253  C  C   . VAL A 1 31  ? 9.328   3.808   1.287   1.000 20.741 ? 70  VAL AAA C   1 ? 
ATOM   254  O  O   . VAL A 1 31  ? 9.504   3.281   0.185   1.000 21.352 ? 70  VAL AAA O   1 ? 
ATOM   255  C  CB  . VAL A 1 31  ? 9.539   2.666   3.548   1.000 20.339 ? 70  VAL AAA CB  1 ? 
ATOM   256  C  CG1 . VAL A 1 31  ? 8.978   1.407   2.911   1.000 19.584 ? 70  VAL AAA CG1 1 ? 
ATOM   257  C  CG2 . VAL A 1 31  ? 10.512  2.333   4.667   1.000 19.302 ? 70  VAL AAA CG2 1 ? 
ATOM   258  N  N   . LEU A 1 32  ? 8.332   4.664   1.551   1.000 21.361 ? 71  LEU AAA N   1 ? 
ATOM   259  C  CA  . LEU A 1 32  ? 7.402   5.051   0.496   1.000 21.332 ? 71  LEU AAA CA  1 ? 
ATOM   260  C  C   . LEU A 1 32  ? 8.165   5.742   -0.633  1.000 22.747 ? 71  LEU AAA C   1 ? 
ATOM   261  O  O   . LEU A 1 32  ? 7.930   5.433   -1.802  1.000 23.018 ? 71  LEU AAA O   1 ? 
ATOM   262  C  CB  . LEU A 1 32  ? 6.310   5.970   1.052   1.000 21.347 ? 71  LEU AAA CB  1 ? 
ATOM   263  C  CG  . LEU A 1 32  ? 5.306   6.405   -0.027  1.000 22.117 ? 71  LEU AAA CG  1 ? 
ATOM   264  C  CD1 . LEU A 1 32  ? 4.359   5.272   -0.326  1.000 22.600 ? 71  LEU AAA CD1 1 ? 
ATOM   265  C  CD2 . LEU A 1 32  ? 4.570   7.670   0.352   1.000 26.581 ? 71  LEU AAA CD2 1 ? 
ATOM   266  N  N   . LYS A 1 33  ? 9.120   6.614   -0.284  1.000 23.611 ? 72  LYS AAA N   1 ? 
ATOM   267  C  CA  . LYS A 1 33  ? 9.850   7.317   -1.346  1.000 26.661 ? 72  LYS AAA CA  1 ? 
ATOM   268  C  C   . LYS A 1 33  ? 10.540  6.333   -2.302  1.000 27.914 ? 72  LYS AAA C   1 ? 
ATOM   269  O  O   . LYS A 1 33  ? 10.453  6.479   -3.531  1.000 27.353 ? 72  LYS AAA O   1 ? 
ATOM   270  C  CB  . LYS A 1 33  ? 10.805  8.363   -0.749  1.000 28.054 ? 72  LYS AAA CB  1 ? 
ATOM   271  C  CG  . LYS A 1 33  ? 11.511  9.253   -1.765  0.500 27.816 ? 72  LYS AAA CG  1 ? 
ATOM   272  C  CD  . LYS A 1 33  ? 12.350  10.313  -1.122  0.500 28.844 ? 72  LYS AAA CD  1 ? 
ATOM   273  C  CE  . LYS A 1 33  ? 12.584  11.511  -2.019  0.500 29.702 ? 72  LYS AAA CE  1 ? 
ATOM   274  N  NZ  . LYS A 1 33  ? 13.783  12.270  -1.597  0.500 32.699 ? 72  LYS AAA NZ  1 ? 
ATOM   275  N  N   . THR A 1 34  ? 11.233  5.330   -1.753  1.000 25.293 ? 73  THR AAA N   1 ? 
ATOM   276  C  CA  . THR A 1 34  ? 11.955  4.339   -2.542  1.000 26.454 ? 73  THR AAA CA  1 ? 
ATOM   277  C  C   . THR A 1 34  ? 11.011  3.582   -3.468  1.000 26.234 ? 73  THR AAA C   1 ? 
ATOM   278  O  O   . THR A 1 34  ? 11.300  3.422   -4.642  1.000 25.601 ? 73  THR AAA O   1 ? 
ATOM   279  C  CB  . THR A 1 34  ? 12.696  3.313   -1.672  1.000 30.363 ? 73  THR AAA CB  1 ? 
ATOM   280  O  OG1 . THR A 1 34  ? 13.715  4.054   -1.000  1.000 30.863 ? 73  THR AAA OG1 1 ? 
ATOM   281  C  CG2 . THR A 1 34  ? 13.329  2.207   -2.493  1.000 28.187 ? 73  THR AAA CG2 1 ? 
ATOM   282  N  N   . LEU A 1 35  ? 9.864   3.113   -2.948  1.000 23.652 ? 74  LEU AAA N   1 ? 
ATOM   283  C  CA  . LEU A 1 35  ? 8.992   2.300   -3.779  1.000 20.849 ? 74  LEU AAA CA  1 ? 
ATOM   284  C  C   . LEU A 1 35  ? 8.208   3.175   -4.771  1.000 18.433 ? 74  LEU AAA C   1 ? 
ATOM   285  O  O   . LEU A 1 35  ? 7.975   2.729   -5.889  1.000 20.413 ? 74  LEU AAA O   1 ? 
ATOM   286  C  CB  . LEU A 1 35  ? 8.013   1.533   -2.879  1.000 20.755 ? 74  LEU AAA CB  1 ? 
ATOM   287  C  CG  . LEU A 1 35  ? 8.527   0.195   -2.347  1.000 20.737 ? 74  LEU AAA CG  1 ? 
ATOM   288  C  CD1 . LEU A 1 35  ? 9.705   0.432   -1.403  1.000 21.240 ? 74  LEU AAA CD1 1 ? 
ATOM   289  C  CD2 . LEU A 1 35  ? 7.416   -0.549  -1.624  1.000 20.542 ? 74  LEU AAA CD2 1 ? 
ATOM   290  N  N   . TRP A 1 36  ? 7.858   4.407   -4.367  1.000 18.604 ? 75  TRP AAA N   1 ? 
ATOM   291  C  CA  . TRP A 1 36  ? 6.974   5.237   -5.189  1.000 19.088 ? 75  TRP AAA CA  1 ? 
ATOM   292  C  C   . TRP A 1 36  ? 7.631   5.590   -6.515  1.000 21.220 ? 75  TRP AAA C   1 ? 
ATOM   293  O  O   . TRP A 1 36  ? 6.952   5.658   -7.549  1.000 19.255 ? 75  TRP AAA O   1 ? 
ATOM   294  C  CB  . TRP A 1 36  ? 6.544   6.492   -4.462  1.000 20.065 ? 75  TRP AAA CB  1 ? 
ATOM   295  C  CG  . TRP A 1 36  ? 5.532   7.313   -5.207  1.000 19.469 ? 75  TRP AAA CG  1 ? 
ATOM   296  C  CD1 . TRP A 1 36  ? 5.749   8.367   -6.057  1.000 19.077 ? 75  TRP AAA CD1 1 ? 
ATOM   297  C  CD2 . TRP A 1 36  ? 4.102   7.237   -5.054  1.000 18.508 ? 75  TRP AAA CD2 1 ? 
ATOM   298  N  NE1 . TRP A 1 36  ? 4.556   8.900   -6.474  1.000 19.802 ? 75  TRP AAA NE1 1 ? 
ATOM   299  C  CE2 . TRP A 1 36  ? 3.529   8.218   -5.890  1.000 19.454 ? 75  TRP AAA CE2 1 ? 
ATOM   300  C  CE3 . TRP A 1 36  ? 3.252   6.404   -4.318  1.000 19.238 ? 75  TRP AAA CE3 1 ? 
ATOM   301  C  CZ2 . TRP A 1 36  ? 2.150   8.414   -5.992  1.000 18.417 ? 75  TRP AAA CZ2 1 ? 
ATOM   302  C  CZ3 . TRP A 1 36  ? 1.893   6.573   -4.444  1.000 19.578 ? 75  TRP AAA CZ3 1 ? 
ATOM   303  C  CH2 . TRP A 1 36  ? 1.349   7.570   -5.261  1.000 18.549 ? 75  TRP AAA CH2 1 ? 
ATOM   304  N  N   . LYS A 1 37  ? 8.947   5.798   -6.448  1.000 22.437 ? 76  LYS AAA N   1 ? 
ATOM   305  C  CA  . LYS A 1 37  ? 9.675   6.333   -7.592  1.000 23.840 ? 76  LYS AAA CA  1 ? 
ATOM   306  C  C   . LYS A 1 37  ? 10.160  5.215   -8.514  1.000 25.918 ? 76  LYS AAA C   1 ? 
ATOM   307  O  O   . LYS A 1 37  ? 10.694  5.493   -9.591  1.000 24.222 ? 76  LYS AAA O   1 ? 
ATOM   308  C  CB  . LYS A 1 37  ? 10.888  7.130   -7.102  1.000 27.454 ? 76  LYS AAA CB  1 ? 
ATOM   309  C  CG  . LYS A 1 37  ? 12.027  6.237   -6.629  1.000 28.554 ? 76  LYS AAA CG  1 ? 
ATOM   310  C  CD  . LYS A 1 37  ? 13.245  7.011   -6.206  1.000 32.718 ? 76  LYS AAA CD  1 ? 
ATOM   311  C  CE  . LYS A 1 37  ? 14.327  6.128   -5.627  1.000 32.906 ? 76  LYS AAA CE  1 ? 
ATOM   312  N  NZ  . LYS A 1 37  ? 15.412  6.977   -5.080  1.000 31.325 ? 76  LYS AAA NZ  1 ? 
ATOM   313  N  N   . HIS A 1 38  ? 9.968   3.946   -8.113  1.000 20.943 ? 77  HIS AAA N   1 ? 
ATOM   314  C  CA  . HIS A 1 38  ? 10.478  2.803   -8.834  1.000 21.248 ? 77  HIS AAA CA  1 ? 
ATOM   315  C  C   . HIS A 1 38  ? 9.785   2.736   -10.188 1.000 20.250 ? 77  HIS AAA C   1 ? 
ATOM   316  O  O   . HIS A 1 38  ? 8.596   3.094   -10.322 1.000 20.040 ? 77  HIS AAA O   1 ? 
ATOM   317  C  CB  . HIS A 1 38  ? 10.266  1.522   -8.019  1.000 20.961 ? 77  HIS AAA CB  1 ? 
ATOM   318  C  CG  . HIS A 1 38  ? 10.987  0.318   -8.517  1.000 21.163 ? 77  HIS AAA CG  1 ? 
ATOM   319  N  ND1 . HIS A 1 38  ? 10.541  -0.455  -9.571  1.000 20.639 ? 77  HIS AAA ND1 1 ? 
ATOM   320  C  CD2 . HIS A 1 38  ? 12.141  -0.242  -8.099  1.000 19.697 ? 77  HIS AAA CD2 1 ? 
ATOM   321  C  CE1 . HIS A 1 38  ? 11.371  -1.440  -9.792  1.000 22.063 ? 77  HIS AAA CE1 1 ? 
ATOM   322  N  NE2 . HIS A 1 38  ? 12.366  -1.329  -8.867  1.000 21.155 ? 77  HIS AAA NE2 1 ? 
ATOM   323  N  N   . GLN A 1 39  ? 10.531  2.257   -11.183 1.000 19.411 ? 78  GLN AAA N   1 ? 
ATOM   324  C  CA  . GLN A 1 39  ? 9.962   2.124   -12.509 1.000 20.192 ? 78  GLN AAA CA  1 ? 
ATOM   325  C  C   . GLN A 1 39  ? 8.675   1.290   -12.468 1.000 19.996 ? 78  GLN AAA C   1 ? 
ATOM   326  O  O   . GLN A 1 39  ? 7.770   1.562   -13.245 1.000 20.497 ? 78  GLN AAA O   1 ? 
ATOM   327  C  CB  . GLN A 1 39  ? 10.999  1.510   -13.449 1.000 19.856 ? 78  GLN AAA CB  1 ? 
ATOM   328  C  CG  . GLN A 1 39  ? 10.480  1.388   -14.872 1.000 22.097 ? 78  GLN AAA CG  1 ? 
ATOM   329  C  CD  . GLN A 1 39  ? 11.545  0.920   -15.833 1.000 24.453 ? 78  GLN AAA CD  1 ? 
ATOM   330  O  OE1 . GLN A 1 39  ? 11.654  1.429   -16.957 1.000 25.312 ? 78  GLN AAA OE1 1 ? 
ATOM   331  N  NE2 . GLN A 1 39  ? 12.256  -0.115  -15.430 1.000 20.976 ? 78  GLN AAA NE2 1 ? 
ATOM   332  N  N   . PHE A 1 40  ? 8.575   0.312   -11.538 1.000 17.537 ? 79  PHE AAA N   1 ? 
ATOM   333  C  CA  . PHE A 1 40  ? 7.435   -0.594  -11.512 1.000 16.952 ? 79  PHE AAA CA  1 ? 
ATOM   334  C  C   . PHE A 1 40  ? 6.296   -0.166  -10.568 1.000 16.920 ? 79  PHE AAA C   1 ? 
ATOM   335  O  O   . PHE A 1 40  ? 5.409   -0.983  -10.297 1.000 15.846 ? 79  PHE AAA O   1 ? 
ATOM   336  C  CB  . PHE A 1 40  ? 7.871   -2.007  -11.130 1.000 17.574 ? 79  PHE AAA CB  1 ? 
ATOM   337  C  CG  . PHE A 1 40  ? 8.735   -2.726  -12.131 1.000 19.362 ? 79  PHE AAA CG  1 ? 
ATOM   338  C  CD1 . PHE A 1 40  ? 8.786   -2.326  -13.466 1.000 19.896 ? 79  PHE AAA CD1 1 ? 
ATOM   339  C  CD2 . PHE A 1 40  ? 9.473   -3.830  -11.734 1.000 21.295 ? 79  PHE AAA CD2 1 ? 
ATOM   340  C  CE1 . PHE A 1 40  ? 9.575   -3.006  -14.386 1.000 20.555 ? 79  PHE AAA CE1 1 ? 
ATOM   341  C  CE2 . PHE A 1 40  ? 10.266  -4.499  -12.657 1.000 22.848 ? 79  PHE AAA CE2 1 ? 
ATOM   342  C  CZ  . PHE A 1 40  ? 10.325  -4.080  -13.970 1.000 22.217 ? 79  PHE AAA CZ  1 ? 
ATOM   343  N  N   . ALA A 1 41  ? 6.317   1.080   -10.086 1.000 17.609 ? 80  ALA AAA N   1 ? 
ATOM   344  C  CA  . ALA A 1 41  ? 5.405   1.541   -9.028  1.000 15.875 ? 80  ALA AAA CA  1 ? 
ATOM   345  C  C   . ALA A 1 41  ? 3.982   1.760   -9.543  1.000 15.871 ? 80  ALA AAA C   1 ? 
ATOM   346  O  O   . ALA A 1 41  ? 3.024   1.617   -8.790  1.000 16.122 ? 80  ALA AAA O   1 ? 
ATOM   347  C  CB  . ALA A 1 41  ? 5.899   2.781   -8.338  1.000 17.258 ? 80  ALA AAA CB  1 ? 
ATOM   348  N  N   . TRP A 1 42  ? 3.840   2.191   -10.801 1.000 16.138 ? 81  TRP AAA N   1 ? 
ATOM   349  C  CA  . TRP A 1 42  ? 2.572   2.772   -11.224 1.000 16.172 ? 81  TRP AAA CA  1 ? 
ATOM   350  C  C   . TRP A 1 42  ? 1.347   1.877   -10.949 1.000 15.355 ? 81  TRP AAA C   1 ? 
ATOM   351  O  O   . TRP A 1 42  ? 0.317   2.470   -10.590 1.000 15.585 ? 81  TRP AAA O   1 ? 
ATOM   352  C  CB  . TRP A 1 42  ? 2.651   3.262   -12.704 1.000 16.409 ? 81  TRP AAA CB  1 ? 
ATOM   353  C  CG  . TRP A 1 42  ? 2.784   2.154   -13.713 1.000 17.651 ? 81  TRP AAA CG  1 ? 
ATOM   354  C  CD1 . TRP A 1 42  ? 3.957   1.695   -14.260 1.000 19.163 ? 81  TRP AAA CD1 1 ? 
ATOM   355  C  CD2 . TRP A 1 42  ? 1.741   1.348   -14.292 1.000 22.837 ? 81  TRP AAA CD2 1 ? 
ATOM   356  N  NE1 . TRP A 1 42  ? 3.707   0.685   -15.152 1.000 19.896 ? 81  TRP AAA NE1 1 ? 
ATOM   357  C  CE2 . TRP A 1 42  ? 2.363   0.442   -15.187 1.000 20.098 ? 81  TRP AAA CE2 1 ? 
ATOM   358  C  CE3 . TRP A 1 42  ? 0.349   1.318   -14.157 1.000 21.521 ? 81  TRP AAA CE3 1 ? 
ATOM   359  C  CZ2 . TRP A 1 42  ? 1.643   -0.507  -15.914 1.000 25.421 ? 81  TRP AAA CZ2 1 ? 
ATOM   360  C  CZ3 . TRP A 1 42  ? -0.362  0.359   -14.858 1.000 24.410 ? 81  TRP AAA CZ3 1 ? 
ATOM   361  C  CH2 . TRP A 1 42  ? 0.279   -0.529  -15.727 1.000 22.292 ? 81  TRP AAA CH2 1 ? 
ATOM   362  N  N   . PRO A 1 43  ? 1.333   0.528   -11.071 1.000 14.044 ? 82  PRO AAA N   1 ? 
ATOM   363  C  CA  . PRO A 1 43  ? 0.093   -0.242  -10.843 1.000 13.989 ? 82  PRO AAA CA  1 ? 
ATOM   364  C  C   . PRO A 1 43  ? -0.371  -0.165  -9.389  1.000 14.048 ? 82  PRO AAA C   1 ? 
ATOM   365  O  O   . PRO A 1 43  ? -1.535  -0.464  -9.089  1.000 15.133 ? 82  PRO AAA O   1 ? 
ATOM   366  C  CB  . PRO A 1 43  ? 0.456   -1.704  -11.148 1.000 15.547 ? 82  PRO AAA CB  1 ? 
ATOM   367  C  CG  . PRO A 1 43  ? 1.654   -1.558  -12.091 1.000 15.728 ? 82  PRO AAA CG  1 ? 
ATOM   368  C  CD  . PRO A 1 43  ? 2.409   -0.365  -11.552 1.000 13.571 ? 82  PRO AAA CD  1 ? 
ATOM   369  N  N   . PHE A 1 44  ? 0.536   0.256   -8.510  1.000 14.200 ? 83  PHE AAA N   1 ? 
ATOM   370  C  CA  . PHE A 1 44  ? 0.362   0.289   -7.068  1.000 14.877 ? 83  PHE AAA CA  1 ? 
ATOM   371  C  C   . PHE A 1 44  ? 0.155   1.695   -6.520  1.000 14.464 ? 83  PHE AAA C   1 ? 
ATOM   372  O  O   . PHE A 1 44  ? 0.041   1.873   -5.316  1.000 15.974 ? 83  PHE AAA O   1 ? 
ATOM   373  C  CB  . PHE A 1 44  ? 1.561   -0.398  -6.393  1.000 15.061 ? 83  PHE AAA CB  1 ? 
ATOM   374  C  CG  . PHE A 1 44  ? 1.794   -1.786  -6.908  1.000 15.062 ? 83  PHE AAA CG  1 ? 
ATOM   375  C  CD1 . PHE A 1 44  ? 1.026   -2.886  -6.499  1.000 14.753 ? 83  PHE AAA CD1 1 ? 
ATOM   376  C  CD2 . PHE A 1 44  ? 2.773   -1.986  -7.879  1.000 15.582 ? 83  PHE AAA CD2 1 ? 
ATOM   377  C  CE1 . PHE A 1 44  ? 1.252   -4.145  -7.039  1.000 16.879 ? 83  PHE AAA CE1 1 ? 
ATOM   378  C  CE2 . PHE A 1 44  ? 2.987   -3.244  -8.415  1.000 15.042 ? 83  PHE AAA CE2 1 ? 
ATOM   379  C  CZ  . PHE A 1 44  ? 2.229   -4.313  -8.005  1.000 15.576 ? 83  PHE AAA CZ  1 ? 
ATOM   380  N  N   . GLN A 1 45  ? 0.100   2.726   -7.374  1.000 14.619 ? 84  GLN AAA N   1 ? 
ATOM   381  C  CA  . GLN A 1 45  ? 0.060   4.099   -6.908  1.000 14.425 ? 84  GLN AAA CA  1 ? 
ATOM   382  C  C   . GLN A 1 45  ? -1.360  4.608   -6.644  1.000 13.347 ? 84  GLN AAA C   1 ? 
ATOM   383  O  O   . GLN A 1 45  ? -1.523  5.738   -6.191  1.000 14.261 ? 84  GLN AAA O   1 ? 
ATOM   384  C  CB  . GLN A 1 45  ? 0.805   5.025   -7.891  1.000 15.621 ? 84  GLN AAA CB  1 ? 
ATOM   385  C  CG  . GLN A 1 45  ? 2.335   4.848   -7.839  1.000 17.669 ? 84  GLN AAA CG  1 ? 
ATOM   386  C  CD  . GLN A 1 45  ? 2.994   5.769   -8.846  1.000 20.903 ? 84  GLN AAA CD  1 ? 
ATOM   387  O  OE1 . GLN A 1 45  ? 2.409   6.039   -9.879  1.000 20.929 ? 84  GLN AAA OE1 1 ? 
ATOM   388  N  NE2 . GLN A 1 45  ? 4.215   6.238   -8.562  1.000 19.461 ? 84  GLN AAA NE2 1 ? 
ATOM   389  N  N   . GLN A 1 46  ? -2.383  3.756   -6.888  1.000 12.858 ? 85  GLN AAA N   1 ? 
ATOM   390  C  CA  . GLN A 1 46  ? -3.778  4.126   -6.628  1.000 13.161 ? 85  GLN AAA CA  1 ? 
ATOM   391  C  C   . GLN A 1 46  ? -4.563  2.835   -6.485  1.000 13.200 ? 85  GLN AAA C   1 ? 
ATOM   392  O  O   . GLN A 1 46  ? -4.101  1.748   -6.880  1.000 13.950 ? 85  GLN AAA O   1 ? 
ATOM   393  C  CB  . GLN A 1 46  ? -4.410  4.949   -7.766  1.000 12.993 ? 85  GLN AAA CB  1 ? 
ATOM   394  C  CG  . GLN A 1 46  ? -4.276  4.318   -9.154  1.000 14.005 ? 85  GLN AAA CG  1 ? 
ATOM   395  C  CD  . GLN A 1 46  ? -2.865  4.289   -9.710  1.000 13.848 ? 85  GLN AAA CD  1 ? 
ATOM   396  O  OE1 . GLN A 1 46  ? -2.195  5.336   -9.728  1.000 16.462 ? 85  GLN AAA OE1 1 ? 
ATOM   397  N  NE2 . GLN A 1 46  ? -2.419  3.134   -10.161 1.000 14.542 ? 85  GLN AAA NE2 1 ? 
ATOM   398  N  N   . PRO A 1 47  ? -5.775  2.879   -5.902  1.000 14.040 ? 86  PRO AAA N   1 ? 
ATOM   399  C  CA  . PRO A 1 47  ? -6.603  1.683   -5.826  1.000 13.631 ? 86  PRO AAA CA  1 ? 
ATOM   400  C  C   . PRO A 1 47  ? -6.814  1.055   -7.212  1.000 13.826 ? 86  PRO AAA C   1 ? 
ATOM   401  O  O   . PRO A 1 47  ? -6.877  1.737   -8.246  1.000 16.118 ? 86  PRO AAA O   1 ? 
ATOM   402  C  CB  . PRO A 1 47  ? -7.946  2.240   -5.275  1.000 14.762 ? 86  PRO AAA CB  1 ? 
ATOM   403  C  CG  . PRO A 1 47  ? -7.498  3.412   -4.419  1.000 14.742 ? 86  PRO AAA CG  1 ? 
ATOM   404  C  CD  . PRO A 1 47  ? -6.394  4.045   -5.262  1.000 13.531 ? 86  PRO AAA CD  1 ? 
ATOM   405  N  N   . VAL A 1 48  ? -6.958  -0.257  -7.188  1.000 13.990 ? 87  VAL AAA N   1 ? 
ATOM   406  C  CA  . VAL A 1 48  ? -7.290  -1.011  -8.392  1.000 13.482 ? 87  VAL AAA CA  1 ? 
ATOM   407  C  C   . VAL A 1 48  ? -8.654  -0.528  -8.909  1.000 14.676 ? 87  VAL AAA C   1 ? 
ATOM   408  O  O   . VAL A 1 48  ? -9.671  -0.610  -8.180  1.000 16.126 ? 87  VAL AAA O   1 ? 
ATOM   409  C  CB  . VAL A 1 48  ? -7.280  -2.523  -8.088  1.000 14.549 ? 87  VAL AAA CB  1 ? 
ATOM   410  C  CG1 . VAL A 1 48  ? -7.846  -3.292  -9.279  1.000 16.615 ? 87  VAL AAA CG1 1 ? 
ATOM   411  C  CG2 . VAL A 1 48  ? -5.847  -3.001  -7.837  1.000 14.927 ? 87  VAL AAA CG2 1 ? 
ATOM   412  N  N   . ASP A 1 49  ? -8.656  -0.055  -10.164 1.000 15.451 ? 88  ASP AAA N   1 ? 
ATOM   413  C  CA  . ASP A 1 49  ? -9.899  0.325   -10.845 1.000 17.033 ? 88  ASP AAA CA  1 ? 
ATOM   414  C  C   . ASP A 1 49  ? -10.346 -0.921  -11.613 1.000 17.398 ? 88  ASP AAA C   1 ? 
ATOM   415  O  O   . ASP A 1 49  ? -9.922  -1.110  -12.744 1.000 16.260 ? 88  ASP AAA O   1 ? 
ATOM   416  C  CB  . ASP A 1 49  ? -9.676  1.517   -11.778 1.000 17.817 ? 88  ASP AAA CB  1 ? 
ATOM   417  C  CG  . ASP A 1 49  ? -10.955 1.978   -12.449 1.000 18.945 ? 88  ASP AAA CG  1 ? 
ATOM   418  O  OD1 . ASP A 1 49  ? -11.920 1.194   -12.442 1.000 18.232 ? 88  ASP AAA OD1 1 ? 
ATOM   419  O  OD2 . ASP A 1 49  ? -10.931 3.133   -12.981 1.000 23.899 ? 88  ASP AAA OD2 1 ? 
ATOM   420  N  N   . ALA A 1 50  ? -11.135 -1.783  -10.962 1.000 17.807 ? 89  ALA AAA N   1 ? 
ATOM   421  C  CA  . ALA A 1 50  ? -11.480 -3.089  -11.515 1.000 18.290 ? 89  ALA AAA CA  1 ? 
ATOM   422  C  C   . ALA A 1 50  ? -12.366 -2.909  -12.748 1.000 17.940 ? 89  ALA AAA C   1 ? 
ATOM   423  O  O   . ALA A 1 50  ? -12.419 -3.793  -13.626 1.000 16.951 ? 89  ALA AAA O   1 ? 
ATOM   424  C  CB  . ALA A 1 50  ? -12.075 -4.002  -10.460 1.000 18.486 ? 89  ALA AAA CB  1 ? 
ATOM   425  N  N   . VAL A 1 51  ? -13.094 -1.784  -12.803 1.000 17.442 ? 90  VAL AAA N   1 ? 
ATOM   426  C  CA  . VAL A 1 51  ? -13.941 -1.548  -13.974 1.000 18.436 ? 90  VAL AAA CA  1 ? 
ATOM   427  C  C   . VAL A 1 51  ? -13.059 -1.287  -15.191 1.000 18.803 ? 90  VAL AAA C   1 ? 
ATOM   428  O  O   . VAL A 1 51  ? -13.164 -1.937  -16.232 1.000 18.258 ? 90  VAL AAA O   1 ? 
ATOM   429  C  CB  . VAL A 1 51  ? -14.936 -0.399  -13.705 1.000 19.268 ? 90  VAL AAA CB  1 ? 
ATOM   430  C  CG1 . VAL A 1 51  ? -15.713 -0.053  -14.973 1.000 22.041 ? 90  VAL AAA CG1 1 ? 
ATOM   431  C  CG2 . VAL A 1 51  ? -15.851 -0.750  -12.544 1.000 20.302 ? 90  VAL AAA CG2 1 ? 
ATOM   432  N  N   . LYS A 1 52  ? -12.118 -0.352  -15.045 1.000 18.585 ? 91  LYS AAA N   1 ? 
ATOM   433  C  CA  . LYS A 1 52  ? -11.305 0.028   -16.172 1.000 19.403 ? 91  LYS AAA CA  1 ? 
ATOM   434  C  C   . LYS A 1 52  ? -10.448 -1.149  -16.626 1.000 17.952 ? 91  LYS AAA C   1 ? 
ATOM   435  O  O   . LYS A 1 52  ? -10.230 -1.321  -17.817 1.000 18.834 ? 91  LYS AAA O   1 ? 
ATOM   436  C  CB  . LYS A 1 52  ? -10.452 1.240   -15.790 1.000 20.844 ? 91  LYS AAA CB  1 ? 
ATOM   437  C  CG  . LYS A 1 52  ? -9.837  1.948   -16.983 1.000 29.070 ? 91  LYS AAA CG  1 ? 
ATOM   438  C  CD  . LYS A 1 52  ? -9.723  3.453   -16.848 1.000 32.131 ? 91  LYS AAA CD  1 ? 
ATOM   439  C  CE  . LYS A 1 52  ? -9.210  4.083   -18.126 1.000 32.130 ? 91  LYS AAA CE  1 ? 
ATOM   440  N  NZ  . LYS A 1 52  ? -8.290  5.204   -17.818 1.000 38.528 ? 91  LYS AAA NZ  1 ? 
ATOM   441  N  N   . LEU A 1 53  ? -9.987  -1.961  -15.672 1.000 17.098 ? 92  LEU AAA N   1 ? 
ATOM   442  C  CA  . LEU A 1 53  ? -9.089  -3.070  -15.977 1.000 17.598 ? 92  LEU AAA CA  1 ? 
ATOM   443  C  C   . LEU A 1 53  ? -9.845  -4.332  -16.395 1.000 19.249 ? 92  LEU AAA C   1 ? 
ATOM   444  O  O   . LEU A 1 53  ? -9.212  -5.348  -16.661 1.000 19.211 ? 92  LEU AAA O   1 ? 
ATOM   445  C  CB  . LEU A 1 53  ? -8.255  -3.379  -14.725 1.000 18.840 ? 92  LEU AAA CB  1 ? 
ATOM   446  C  CG  . LEU A 1 53  ? -7.267  -2.277  -14.306 1.000 21.369 ? 92  LEU AAA CG  1 ? 
ATOM   447  C  CD1 . LEU A 1 53  ? -6.814  -2.444  -12.866 1.000 20.011 ? 92  LEU AAA CD1 1 ? 
ATOM   448  C  CD2 . LEU A 1 53  ? -6.073  -2.230  -15.249 1.000 21.545 ? 92  LEU AAA CD2 1 ? 
ATOM   449  N  N   A ASN A 1 54  ? -11.185 -4.271  -16.361 0.500 19.296 ? 93  ASN AAA N   1 ? 
ATOM   450  N  N   B ASN A 1 54  ? -11.176 -4.267  -16.446 0.500 17.633 ? 93  ASN AAA N   1 ? 
ATOM   451  C  CA  A ASN A 1 54  ? -12.047 -5.389  -16.753 0.500 19.921 ? 93  ASN AAA CA  1 ? 
ATOM   452  C  CA  B ASN A 1 54  ? -11.944 -5.461  -16.785 0.500 17.060 ? 93  ASN AAA CA  1 ? 
ATOM   453  C  C   A ASN A 1 54  ? -11.792 -6.618  -15.879 0.500 18.536 ? 93  ASN AAA C   1 ? 
ATOM   454  C  C   B ASN A 1 54  ? -11.529 -6.612  -15.871 0.500 16.719 ? 93  ASN AAA C   1 ? 
ATOM   455  O  O   A ASN A 1 54  ? -11.765 -7.759  -16.382 0.500 18.099 ? 93  ASN AAA O   1 ? 
ATOM   456  O  O   B ASN A 1 54  ? -11.106 -7.689  -16.330 0.500 17.230 ? 93  ASN AAA O   1 ? 
ATOM   457  C  CB  A ASN A 1 54  ? -11.958 -5.731  -18.247 0.500 24.673 ? 93  ASN AAA CB  1 ? 
ATOM   458  C  CB  B ASN A 1 54  ? -11.781 -5.932  -18.237 0.500 17.548 ? 93  ASN AAA CB  1 ? 
ATOM   459  C  CG  A ASN A 1 54  ? -12.690 -4.719  -19.099 0.500 26.750 ? 93  ASN AAA CG  1 ? 
ATOM   460  C  CG  B ASN A 1 54  ? -12.829 -6.959  -18.591 0.500 17.683 ? 93  ASN AAA CG  1 ? 
ATOM   461  O  OD1 A ASN A 1 54  ? -12.105 -4.111  -19.991 0.500 35.671 ? 93  ASN AAA OD1 1 ? 
ATOM   462  O  OD1 B ASN A 1 54  ? -13.924 -6.942  -18.035 0.500 17.265 ? 93  ASN AAA OD1 1 ? 
ATOM   463  N  ND2 A ASN A 1 54  ? -13.964 -4.517  -18.814 0.500 32.726 ? 93  ASN AAA ND2 1 ? 
ATOM   464  N  ND2 B ASN A 1 54  ? -12.529 -7.795  -19.565 0.500 19.281 ? 93  ASN AAA ND2 1 ? 
ATOM   465  N  N   . LEU A 1 55  ? -11.664 -6.366  -14.565 1.000 15.941 ? 94  LEU AAA N   1 ? 
ATOM   466  C  CA  . LEU A 1 55  ? -11.463 -7.393  -13.550 1.000 16.709 ? 94  LEU AAA CA  1 ? 
ATOM   467  C  C   . LEU A 1 55  ? -12.679 -7.396  -12.644 1.000 16.615 ? 94  LEU AAA C   1 ? 
ATOM   468  O  O   . LEU A 1 55  ? -12.598 -7.012  -11.479 1.000 15.926 ? 94  LEU AAA O   1 ? 
ATOM   469  C  CB  . LEU A 1 55  ? -10.224 -7.061  -12.710 1.000 16.289 ? 94  LEU AAA CB  1 ? 
ATOM   470  C  CG  . LEU A 1 55  ? -8.910  -6.975  -13.478 1.000 17.309 ? 94  LEU AAA CG  1 ? 
ATOM   471  C  CD1 . LEU A 1 55  ? -7.769  -6.580  -12.549 1.000 19.868 ? 94  LEU AAA CD1 1 ? 
ATOM   472  C  CD2 . LEU A 1 55  ? -8.641  -8.247  -14.251 1.000 20.751 ? 94  LEU AAA CD2 1 ? 
ATOM   473  N  N   . PRO A 1 56  ? -13.870 -7.842  -13.129 1.000 17.877 ? 95  PRO AAA N   1 ? 
ATOM   474  C  CA  . PRO A 1 56  ? -15.092 -7.679  -12.343 1.000 18.264 ? 95  PRO AAA CA  1 ? 
ATOM   475  C  C   . PRO A 1 56  ? -15.072 -8.489  -11.050 1.000 17.809 ? 95  PRO AAA C   1 ? 
ATOM   476  O  O   . PRO A 1 56  ? -15.747 -8.112  -10.074 1.000 19.710 ? 95  PRO AAA O   1 ? 
ATOM   477  C  CB  . PRO A 1 56  ? -16.214 -8.093  -13.304 1.000 18.650 ? 95  PRO AAA CB  1 ? 
ATOM   478  C  CG  . PRO A 1 56  ? -15.521 -8.993  -14.258 1.000 18.075 ? 95  PRO AAA CG  1 ? 
ATOM   479  C  CD  . PRO A 1 56  ? -14.083 -8.514  -14.415 1.000 21.427 ? 95  PRO AAA CD  1 ? 
ATOM   480  N  N   . ASP A 1 57  ? -14.234 -9.532  -11.000 1.000 19.312 ? 96  ASP AAA N   1 ? 
ATOM   481  C  CA  . ASP A 1 57  ? -14.202 -10.316 -9.772  1.000 19.571 ? 96  ASP AAA CA  1 ? 
ATOM   482  C  C   . ASP A 1 57  ? -13.131 -9.792  -8.799  1.000 18.703 ? 96  ASP AAA C   1 ? 
ATOM   483  O  O   . ASP A 1 57  ? -12.983 -10.342 -7.719  1.000 19.950 ? 96  ASP AAA O   1 ? 
ATOM   484  C  CB  . ASP A 1 57  ? -13.911 -11.789 -10.041 1.000 21.385 ? 96  ASP AAA CB  1 ? 
ATOM   485  C  CG  . ASP A 1 57  ? -12.506 -12.062 -10.513 1.000 22.398 ? 96  ASP AAA CG  1 ? 
ATOM   486  O  OD1 . ASP A 1 57  ? -11.866 -11.140 -11.130 1.000 22.685 ? 96  ASP AAA OD1 1 ? 
ATOM   487  O  OD2 . ASP A 1 57  ? -12.061 -13.190 -10.287 1.000 25.640 ? 96  ASP AAA OD2 1 ? 
ATOM   488  N  N   . TYR A 1 58  ? -12.421 -8.697  -9.139  1.000 17.537 ? 97  TYR AAA N   1 ? 
ATOM   489  C  CA  . TYR A 1 58  ? -11.340 -8.267  -8.247  1.000 16.778 ? 97  TYR AAA CA  1 ? 
ATOM   490  C  C   . TYR A 1 58  ? -11.782 -8.114  -6.783  1.000 17.984 ? 97  TYR AAA C   1 ? 
ATOM   491  O  O   . TYR A 1 58  ? -11.132 -8.671  -5.882  1.000 18.269 ? 97  TYR AAA O   1 ? 
ATOM   492  C  CB  . TYR A 1 58  ? -10.597 -7.022  -8.785  1.000 17.390 ? 97  TYR AAA CB  1 ? 
ATOM   493  C  CG  . TYR A 1 58  ? -9.387  -6.670  -7.939  1.000 15.733 ? 97  TYR AAA CG  1 ? 
ATOM   494  C  CD1 . TYR A 1 58  ? -8.163  -7.300  -8.181  1.000 14.941 ? 97  TYR AAA CD1 1 ? 
ATOM   495  C  CD2 . TYR A 1 58  ? -9.484  -5.840  -6.834  1.000 16.925 ? 97  TYR AAA CD2 1 ? 
ATOM   496  C  CE1 . TYR A 1 58  ? -7.065  -7.073  -7.388  1.000 14.670 ? 97  TYR AAA CE1 1 ? 
ATOM   497  C  CE2 . TYR A 1 58  ? -8.385  -5.564  -6.037  1.000 17.083 ? 97  TYR AAA CE2 1 ? 
ATOM   498  C  CZ  . TYR A 1 58  ? -7.182  -6.205  -6.313  1.000 16.374 ? 97  TYR AAA CZ  1 ? 
ATOM   499  O  OH  . TYR A 1 58  ? -6.111  -5.980  -5.500  1.000 15.652 ? 97  TYR AAA OH  1 ? 
ATOM   500  N  N   . TYR A 1 59  ? -12.895 -7.379  -6.537  1.000 16.177 ? 98  TYR AAA N   1 ? 
ATOM   501  C  CA  . TYR A 1 59  ? -13.343 -7.029  -5.205  1.000 19.118 ? 98  TYR AAA CA  1 ? 
ATOM   502  C  C   . TYR A 1 59  ? -14.268 -8.108  -4.621  1.000 19.789 ? 98  TYR AAA C   1 ? 
ATOM   503  O  O   . TYR A 1 59  ? -14.659 -7.991  -3.462  1.000 20.668 ? 98  TYR AAA O   1 ? 
ATOM   504  C  CB  . TYR A 1 59  ? -13.897 -5.599  -5.191  1.000 17.249 ? 98  TYR AAA CB  1 ? 
ATOM   505  C  CG  . TYR A 1 59  ? -12.833 -4.538  -5.362  1.000 17.206 ? 98  TYR AAA CG  1 ? 
ATOM   506  C  CD1 . TYR A 1 59  ? -11.891 -4.309  -4.367  1.000 17.969 ? 98  TYR AAA CD1 1 ? 
ATOM   507  C  CD2 . TYR A 1 59  ? -12.735 -3.789  -6.530  1.000 16.167 ? 98  TYR AAA CD2 1 ? 
ATOM   508  C  CE1 . TYR A 1 59  ? -10.909 -3.353  -4.518  1.000 16.427 ? 98  TYR AAA CE1 1 ? 
ATOM   509  C  CE2 . TYR A 1 59  ? -11.754 -2.813  -6.692  1.000 16.667 ? 98  TYR AAA CE2 1 ? 
ATOM   510  C  CZ  . TYR A 1 59  ? -10.821 -2.608  -5.675  1.000 16.113 ? 98  TYR AAA CZ  1 ? 
ATOM   511  O  OH  . TYR A 1 59  ? -9.845  -1.641  -5.799  1.000 16.002 ? 98  TYR AAA OH  1 ? 
ATOM   512  N  N   . LYS A 1 60  ? -14.530 -9.158  -5.401  1.000 21.986 ? 99  LYS AAA N   1 ? 
ATOM   513  C  CA  . LYS A 1 60  ? -15.116 -10.387 -4.884  1.000 22.516 ? 99  LYS AAA CA  1 ? 
ATOM   514  C  C   . LYS A 1 60  ? -14.039 -11.196 -4.170  1.000 24.349 ? 99  LYS AAA C   1 ? 
ATOM   515  O  O   . LYS A 1 60  ? -14.329 -11.854 -3.169  1.000 27.742 ? 99  LYS AAA O   1 ? 
ATOM   516  C  CB  . LYS A 1 60  ? -15.760 -11.231 -5.993  1.000 25.751 ? 99  LYS AAA CB  1 ? 
ATOM   517  C  CG  . LYS A 1 60  ? -16.865 -10.509 -6.734  1.000 32.294 ? 99  LYS AAA CG  1 ? 
ATOM   518  C  CD  . LYS A 1 60  ? -17.812 -9.807  -5.795  1.000 33.447 ? 99  LYS AAA CD  1 ? 
ATOM   519  C  CE  . LYS A 1 60  ? -18.620 -8.725  -6.482  1.000 30.207 ? 99  LYS AAA CE  1 ? 
ATOM   520  N  NZ  . LYS A 1 60  ? -19.601 -8.123  -5.547  1.000 36.025 ? 99  LYS AAA NZ  1 ? 
ATOM   521  N  N   . ILE A 1 61  ? -12.817 -11.181 -4.725  1.000 18.569 ? 100 ILE AAA N   1 ? 
ATOM   522  C  CA  . ILE A 1 61  ? -11.686 -11.954 -4.220  1.000 19.477 ? 100 ILE AAA CA  1 ? 
ATOM   523  C  C   . ILE A 1 61  ? -10.936 -11.183 -3.138  1.000 18.978 ? 100 ILE AAA C   1 ? 
ATOM   524  O  O   . ILE A 1 61  ? -10.619 -11.734 -2.072  1.000 21.129 ? 100 ILE AAA O   1 ? 
ATOM   525  C  CB  . ILE A 1 61  ? -10.754 -12.391 -5.374  1.000 20.737 ? 100 ILE AAA CB  1 ? 
ATOM   526  C  CG1 . ILE A 1 61  ? -11.464 -13.232 -6.438  1.000 21.360 ? 100 ILE AAA CG1 1 ? 
ATOM   527  C  CG2 . ILE A 1 61  ? -9.550  -13.144 -4.843  1.000 19.389 ? 100 ILE AAA CG2 1 ? 
ATOM   528  C  CD1 . ILE A 1 61  ? -12.251 -14.336 -5.884  1.000 24.987 ? 100 ILE AAA CD1 1 ? 
ATOM   529  N  N   . ILE A 1 62  ? -10.642 -9.912  -3.419  1.000 16.905 ? 101 ILE AAA N   1 ? 
ATOM   530  C  CA  . ILE A 1 62  ? -9.803  -9.099  -2.546  1.000 16.809 ? 101 ILE AAA CA  1 ? 
ATOM   531  C  C   . ILE A 1 62  ? -10.730 -8.259  -1.661  1.000 18.634 ? 101 ILE AAA C   1 ? 
ATOM   532  O  O   . ILE A 1 62  ? -11.324 -7.272  -2.121  1.000 19.399 ? 101 ILE AAA O   1 ? 
ATOM   533  C  CB  . ILE A 1 62  ? -8.860  -8.248  -3.424  1.000 17.023 ? 101 ILE AAA CB  1 ? 
ATOM   534  C  CG1 . ILE A 1 62  ? -7.868  -9.107  -4.220  1.000 16.150 ? 101 ILE AAA CG1 1 ? 
ATOM   535  C  CG2 . ILE A 1 62  ? -8.146  -7.192  -2.581  1.000 16.709 ? 101 ILE AAA CG2 1 ? 
ATOM   536  C  CD1 . ILE A 1 62  ? -7.085  -10.107 -3.404  1.000 17.476 ? 101 ILE AAA CD1 1 ? 
ATOM   537  N  N   . LYS A 1 63  ? -10.855 -8.650  -0.384  1.000 18.652 ? 102 LYS AAA N   1 ? 
ATOM   538  C  CA  . LYS A 1 63  ? -11.816 -7.996  0.498   1.000 19.708 ? 102 LYS AAA CA  1 ? 
ATOM   539  C  C   . LYS A 1 63  ? -11.078 -7.000  1.399   1.000 18.771 ? 102 LYS AAA C   1 ? 
ATOM   540  O  O   . LYS A 1 63  ? -11.693 -6.271  2.178   1.000 20.088 ? 102 LYS AAA O   1 ? 
ATOM   541  C  CB  . LYS A 1 63  ? -12.600 -9.021  1.330   1.000 19.621 ? 102 LYS AAA CB  1 ? 
ATOM   542  C  CG  . LYS A 1 63  ? -13.468 -9.995  0.549   1.000 22.176 ? 102 LYS AAA CG  1 ? 
ATOM   543  C  CD  . LYS A 1 63  ? -14.295 -9.285  -0.495  1.000 26.956 ? 102 LYS AAA CD  1 ? 
ATOM   544  C  CE  . LYS A 1 63  ? -15.516 -10.069 -0.929  1.000 32.284 ? 102 LYS AAA CE  1 ? 
ATOM   545  N  NZ  . LYS A 1 63  ? -16.422 -9.212  -1.738  1.000 23.551 ? 102 LYS AAA NZ  1 ? 
ATOM   546  N  N   . THR A 1 64  ? -9.739  -6.958  1.302   1.000 18.833 ? 103 THR AAA N   1 ? 
ATOM   547  C  CA  . THR A 1 64  ? -8.965  -5.981  2.066   1.000 17.976 ? 103 THR AAA CA  1 ? 
ATOM   548  C  C   . THR A 1 64  ? -8.029  -5.228  1.133   1.000 17.575 ? 103 THR AAA C   1 ? 
ATOM   549  O  O   . THR A 1 64  ? -6.810  -5.429  1.142   1.000 16.068 ? 103 THR AAA O   1 ? 
ATOM   550  C  CB  . THR A 1 64  ? -8.161  -6.620  3.211   1.000 22.399 ? 103 THR AAA CB  1 ? 
ATOM   551  O  OG1 . THR A 1 64  ? -9.121  -7.286  4.033   1.000 27.746 ? 103 THR AAA OG1 1 ? 
ATOM   552  C  CG2 . THR A 1 64  ? -7.548  -5.571  4.114   1.000 26.062 ? 103 THR AAA CG2 1 ? 
ATOM   553  N  N   . PRO A 1 65  ? -8.580  -4.371  0.260   1.000 15.242 ? 104 PRO AAA N   1 ? 
ATOM   554  C  CA  . PRO A 1 65  ? -7.769  -3.706  -0.759  1.000 15.269 ? 104 PRO AAA CA  1 ? 
ATOM   555  C  C   . PRO A 1 65  ? -6.806  -2.715  -0.108  1.000 15.481 ? 104 PRO AAA C   1 ? 
ATOM   556  O  O   . PRO A 1 65  ? -7.082  -2.109  0.921   1.000 15.123 ? 104 PRO AAA O   1 ? 
ATOM   557  C  CB  . PRO A 1 65  ? -8.761  -2.865  -1.577  1.000 17.703 ? 104 PRO AAA CB  1 ? 
ATOM   558  C  CG  . PRO A 1 65  ? -10.152 -3.172  -1.050  1.000 19.067 ? 104 PRO AAA CG  1 ? 
ATOM   559  C  CD  . PRO A 1 65  ? -10.023 -4.073  0.145   1.000 15.582 ? 104 PRO AAA CD  1 ? 
ATOM   560  N  N   . MET A 1 66  ? -5.608  -2.586  -0.700  1.000 12.570 ? 105 MET AAA N   1 ? 
ATOM   561  C  CA  . MET A 1 66  ? -4.700  -1.550  -0.237  1.000 13.456 ? 105 MET AAA CA  1 ? 
ATOM   562  C  C   . MET A 1 66  ? -3.761  -1.236  -1.392  1.000 13.720 ? 105 MET AAA C   1 ? 
ATOM   563  O  O   . MET A 1 66  ? -3.471  -2.078  -2.242  1.000 14.487 ? 105 MET AAA O   1 ? 
ATOM   564  C  CB  . MET A 1 66  ? -3.876  -2.081  0.962   1.000 12.688 ? 105 MET AAA CB  1 ? 
ATOM   565  C  CG  . MET A 1 66  ? -2.974  -1.002  1.618   1.000 14.076 ? 105 MET AAA CG  1 ? 
ATOM   566  S  SD  . MET A 1 66  ? -3.792  0.552   2.035   1.000 13.823 ? 105 MET AAA SD  1 ? 
ATOM   567  C  CE  . MET A 1 66  ? -5.191  0.020   3.027   1.000 13.841 ? 105 MET AAA CE  1 ? 
ATOM   568  N  N   . ASP A 1 67  ? -3.250  -0.010  -1.358  1.000 13.317 ? 106 ASP AAA N   1 ? 
ATOM   569  C  CA  . ASP A 1 67  ? -2.409  0.505   -2.439  1.000 13.238 ? 106 ASP AAA CA  1 ? 
ATOM   570  C  C   . ASP A 1 67  ? -1.512  1.586   -1.858  1.000 14.023 ? 106 ASP AAA C   1 ? 
ATOM   571  O  O   . ASP A 1 67  ? -1.764  2.104   -0.788  1.000 14.119 ? 106 ASP AAA O   1 ? 
ATOM   572  C  CB  . ASP A 1 67  ? -3.259  1.074   -3.598  1.000 13.720 ? 106 ASP AAA CB  1 ? 
ATOM   573  C  CG  . ASP A 1 67  ? -4.031  2.296   -3.142  1.000 13.757 ? 106 ASP AAA CG  1 ? 
ATOM   574  O  OD1 . ASP A 1 67  ? -5.109  2.078   -2.502  1.000 13.948 ? 106 ASP AAA OD1 1 ? 
ATOM   575  O  OD2 . ASP A 1 67  ? -3.546  3.443   -3.361  1.000 13.767 ? 106 ASP AAA OD2 1 ? 
ATOM   576  N  N   . MET A 1 68  ? -0.458  1.976   -2.609  1.000 14.042 ? 107 MET AAA N   1 ? 
ATOM   577  C  CA  . MET A 1 68  ? 0.469   2.995   -2.127  1.000 13.212 ? 107 MET AAA CA  1 ? 
ATOM   578  C  C   . MET A 1 68  ? -0.064  4.412   -2.189  1.000 13.251 ? 107 MET AAA C   1 ? 
ATOM   579  O  O   . MET A 1 68  ? 0.439   5.244   -1.450  1.000 15.019 ? 107 MET AAA O   1 ? 
ATOM   580  C  CB  . MET A 1 68  ? 1.827   2.953   -2.856  1.000 15.438 ? 107 MET AAA CB  1 ? 
ATOM   581  C  CG  . MET A 1 68  ? 2.537   1.630   -2.726  1.000 15.016 ? 107 MET AAA CG  1 ? 
ATOM   582  S  SD  . MET A 1 68  ? 4.325   1.811   -3.091  1.000 17.258 ? 107 MET AAA SD  1 ? 
ATOM   583  C  CE  . MET A 1 68  ? 4.372   2.334   -4.821  1.000 18.545 ? 107 MET AAA CE  1 ? 
ATOM   584  N  N   . GLY A 1 69  ? -1.073  4.668   -3.038  1.000 13.682 ? 108 GLY AAA N   1 ? 
ATOM   585  C  CA  . GLY A 1 69  ? -1.730  5.971   -3.024  1.000 15.149 ? 108 GLY AAA CA  1 ? 
ATOM   586  C  C   . GLY A 1 69  ? -2.371  6.209   -1.656  1.000 14.350 ? 108 GLY AAA C   1 ? 
ATOM   587  O  O   . GLY A 1 69  ? -2.204  7.286   -1.052  1.000 15.443 ? 108 GLY AAA O   1 ? 
ATOM   588  N  N   . THR A 1 70  ? -3.104  5.163   -1.199  1.000 14.550 ? 109 THR AAA N   1 ? 
ATOM   589  C  CA  . THR A 1 70  ? -3.749  5.219   0.107   1.000 14.261 ? 109 THR AAA CA  1 ? 
ATOM   590  C  C   . THR A 1 70  ? -2.700  5.339   1.224   1.000 13.690 ? 109 THR AAA C   1 ? 
ATOM   591  O  O   . THR A 1 70  ? -2.836  6.157   2.123   1.000 14.029 ? 109 THR AAA O   1 ? 
ATOM   592  C  CB  . THR A 1 70  ? -4.583  3.948   0.303   1.000 14.525 ? 109 THR AAA CB  1 ? 
ATOM   593  O  OG1 . THR A 1 70  ? -5.579  3.926   -0.743  1.000 14.729 ? 109 THR AAA OG1 1 ? 
ATOM   594  C  CG2 . THR A 1 70  ? -5.194  3.908   1.694   1.000 15.860 ? 109 THR AAA CG2 1 ? 
ATOM   595  N  N   . ILE A 1 71  ? -1.638  4.522   1.143   1.000 13.252 ? 110 ILE AAA N   1 ? 
ATOM   596  C  CA  . ILE A 1 71  ? -0.599  4.608   2.178   1.000 13.724 ? 110 ILE AAA CA  1 ? 
ATOM   597  C  C   . ILE A 1 71  ? 0.079   5.976   2.199   1.000 14.963 ? 110 ILE AAA C   1 ? 
ATOM   598  O  O   . ILE A 1 71  ? 0.320   6.542   3.274   1.000 15.511 ? 110 ILE AAA O   1 ? 
ATOM   599  C  CB  . ILE A 1 71  ? 0.438   3.476   1.982   1.000 13.414 ? 110 ILE AAA CB  1 ? 
ATOM   600  C  CG1 . ILE A 1 71  ? -0.183  2.089   2.165   1.000 13.805 ? 110 ILE AAA CG1 1 ? 
ATOM   601  C  CG2 . ILE A 1 71  ? 1.630   3.708   2.918   1.000 14.462 ? 110 ILE AAA CG2 1 ? 
ATOM   602  C  CD1 . ILE A 1 71  ? 0.705   0.951   1.658   1.000 14.899 ? 110 ILE AAA CD1 1 ? 
ATOM   603  N  N   . LYS A 1 72  ? 0.376   6.516   1.013   1.000 15.232 ? 111 LYS AAA N   1 ? 
ATOM   604  C  CA  . LYS A 1 72  ? 0.966   7.854   0.953   1.000 17.202 ? 111 LYS AAA CA  1 ? 
ATOM   605  C  C   . LYS A 1 72  ? 0.076   8.890   1.648   1.000 18.389 ? 111 LYS AAA C   1 ? 
ATOM   606  O  O   . LYS A 1 72  ? 0.573   9.696   2.441   1.000 18.936 ? 111 LYS AAA O   1 ? 
ATOM   607  C  CB  . LYS A 1 72  ? 1.169   8.210   -0.519  1.000 19.590 ? 111 LYS AAA CB  1 ? 
ATOM   608  C  CG  . LYS A 1 72  ? 1.946   9.498   -0.777  1.000 21.292 ? 111 LYS AAA CG  1 ? 
ATOM   609  C  CD  . LYS A 1 72  ? 2.315   9.573   -2.250  1.000 23.506 ? 111 LYS AAA CD  1 ? 
ATOM   610  C  CE  . LYS A 1 72  ? 3.152   10.794  -2.587  1.000 26.142 ? 111 LYS AAA CE  1 ? 
ATOM   611  N  NZ  . LYS A 1 72  ? 2.269   11.967  -2.504  1.000 27.240 ? 111 LYS AAA NZ  1 ? 
ATOM   612  N  N   . LYS A 1 73  ? -1.229  8.864   1.361   1.000 17.179 ? 112 LYS AAA N   1 ? 
ATOM   613  C  CA  . LYS A 1 73  ? -2.172  9.764   1.986   1.000 18.004 ? 112 LYS AAA CA  1 ? 
ATOM   614  C  C   . LYS A 1 73  ? -2.195  9.526   3.498   1.000 18.120 ? 112 LYS AAA C   1 ? 
ATOM   615  O  O   . LYS A 1 73  ? -2.235  10.481  4.255   1.000 19.720 ? 112 LYS AAA O   1 ? 
ATOM   616  C  CB  . LYS A 1 73  ? -3.575  9.538   1.428   1.000 21.204 ? 112 LYS AAA CB  1 ? 
ATOM   617  C  CG  . LYS A 1 73  ? -3.812  10.038  0.004   1.000 25.798 ? 112 LYS AAA CG  1 ? 
ATOM   618  C  CD  . LYS A 1 73  ? -5.285  9.953   -0.377  1.000 31.513 ? 112 LYS AAA CD  1 ? 
ATOM   619  C  CE  . LYS A 1 73  ? -5.595  10.481  -1.760  1.000 41.450 ? 112 LYS AAA CE  1 ? 
ATOM   620  N  NZ  . LYS A 1 73  ? -4.820  9.778   -2.808  1.000 44.357 ? 112 LYS AAA NZ  1 ? 
ATOM   621  N  N   . ARG A 1 74  ? -2.208  8.255   3.922   1.000 16.777 ? 113 ARG AAA N   1 ? 
ATOM   622  C  CA  . ARG A 1 74  ? -2.214  7.955   5.356   1.000 15.958 ? 113 ARG AAA CA  1 ? 
ATOM   623  C  C   . ARG A 1 74  ? -0.983  8.562   6.039   1.000 17.005 ? 113 ARG AAA C   1 ? 
ATOM   624  O  O   . ARG A 1 74  ? -1.075  9.055   7.173   1.000 18.734 ? 113 ARG AAA O   1 ? 
ATOM   625  C  CB  . ARG A 1 74  ? -2.373  6.448   5.591   1.000 14.188 ? 113 ARG AAA CB  1 ? 
ATOM   626  C  CG  . ARG A 1 74  ? -3.791  5.955   5.294   1.000 14.209 ? 113 ARG AAA CG  1 ? 
ATOM   627  C  CD  . ARG A 1 74  ? -3.922  4.455   5.483   1.000 13.468 ? 113 ARG AAA CD  1 ? 
ATOM   628  N  NE  . ARG A 1 74  ? -5.340  4.102   5.443   1.000 13.111 ? 113 ARG AAA NE  1 ? 
ATOM   629  C  CZ  . ARG A 1 74  ? -5.838  2.924   5.816   1.000 14.071 ? 113 ARG AAA CZ  1 ? 
ATOM   630  N  NH1 . ARG A 1 74  ? -5.081  1.906   6.217   1.000 15.519 ? 113 ARG AAA NH1 1 ? 
ATOM   631  N  NH2 . ARG A 1 74  ? -7.151  2.781   5.806   1.000 15.122 ? 113 ARG AAA NH2 1 ? 
ATOM   632  N  N   . LEU A 1 75  ? 0.180   8.439   5.387   1.000 16.800 ? 114 LEU AAA N   1 ? 
ATOM   633  C  CA  . LEU A 1 75  ? 1.402   8.917   6.001   1.000 16.454 ? 114 LEU AAA CA  1 ? 
ATOM   634  C  C   . LEU A 1 75  ? 1.450   10.442  6.000   1.000 17.877 ? 114 LEU AAA C   1 ? 
ATOM   635  O  O   . LEU A 1 75  ? 1.771   11.035  7.037   1.000 19.873 ? 114 LEU AAA O   1 ? 
ATOM   636  C  CB  . LEU A 1 75  ? 2.608   8.376   5.250   1.000 16.429 ? 114 LEU AAA CB  1 ? 
ATOM   637  C  CG  . LEU A 1 75  ? 2.891   6.892   5.497   1.000 16.120 ? 114 LEU AAA CG  1 ? 
ATOM   638  C  CD1 . LEU A 1 75  ? 3.896   6.383   4.466   1.000 17.519 ? 114 LEU AAA CD1 1 ? 
ATOM   639  C  CD2 . LEU A 1 75  ? 3.452   6.686   6.908   1.000 17.310 ? 114 LEU AAA CD2 1 ? 
ATOM   640  N  N   . GLU A 1 76  ? 1.080   11.056  4.879   1.000 20.134 ? 115 GLU AAA N   1 ? 
ATOM   641  C  CA  . GLU A 1 76  ? 1.139   12.503  4.762   1.000 21.620 ? 115 GLU AAA CA  1 ? 
ATOM   642  C  C   . GLU A 1 76  ? 0.098   13.182  5.652   1.000 25.100 ? 115 GLU AAA C   1 ? 
ATOM   643  O  O   . GLU A 1 76  ? 0.360   14.269  6.160   1.000 26.073 ? 115 GLU AAA O   1 ? 
ATOM   644  C  CB  . GLU A 1 76  ? 0.996   12.947  3.308   1.000 22.541 ? 115 GLU AAA CB  1 ? 
ATOM   645  C  CG  . GLU A 1 76  ? 2.143   12.469  2.448   1.000 23.988 ? 115 GLU AAA CG  1 ? 
ATOM   646  C  CD  . GLU A 1 76  ? 1.907   12.791  0.983   1.000 26.041 ? 115 GLU AAA CD  1 ? 
ATOM   647  O  OE1 . GLU A 1 76  ? 0.739   13.059  0.630   1.000 30.921 ? 115 GLU AAA OE1 1 ? 
ATOM   648  O  OE2 . GLU A 1 76  ? 2.844   12.714  0.231   1.000 30.874 ? 115 GLU AAA OE2 1 ? 
ATOM   649  N  N   . ASN A 1 77  ? -1.036  12.507  5.877   1.000 25.520 ? 116 ASN AAA N   1 ? 
ATOM   650  C  CA  . ASN A 1 77  ? -2.160  13.002  6.656   1.000 29.037 ? 116 ASN AAA CA  1 ? 
ATOM   651  C  C   . ASN A 1 77  ? -2.128  12.472  8.092   1.000 27.412 ? 116 ASN AAA C   1 ? 
ATOM   652  O  O   . ASN A 1 77  ? -3.123  12.616  8.793   1.000 32.675 ? 116 ASN AAA O   1 ? 
ATOM   653  C  CB  . ASN A 1 77  ? -3.506  12.608  6.022   1.000 34.606 ? 116 ASN AAA CB  1 ? 
ATOM   654  C  CG  . ASN A 1 77  ? -3.909  13.524  4.890   1.000 40.846 ? 116 ASN AAA CG  1 ? 
ATOM   655  O  OD1 . ASN A 1 77  ? -3.136  13.775  3.966   1.000 45.926 ? 116 ASN AAA OD1 1 ? 
ATOM   656  N  ND2 . ASN A 1 77  ? -5.139  14.006  4.932   1.000 52.003 ? 116 ASN AAA ND2 1 ? 
ATOM   657  N  N   . ASN A 1 78  ? -0.992  11.892  8.522   1.000 25.478 ? 117 ASN AAA N   1 ? 
ATOM   658  C  CA  . ASN A 1 78  ? -0.793  11.324  9.857   1.000 24.859 ? 117 ASN AAA CA  1 ? 
ATOM   659  C  C   . ASN A 1 78  ? -2.048  10.573  10.300  1.000 26.582 ? 117 ASN AAA C   1 ? 
ATOM   660  O  O   . ASN A 1 78  ? -2.739  10.982  11.233  1.000 30.347 ? 117 ASN AAA O   1 ? 
ATOM   661  C  CB  . ASN A 1 78  ? -0.359  12.399  10.859  1.000 27.115 ? 117 ASN AAA CB  1 ? 
ATOM   662  C  CG  . ASN A 1 78  ? 0.796   13.226  10.338  1.000 30.278 ? 117 ASN AAA CG  1 ? 
ATOM   663  O  OD1 . ASN A 1 78  ? 1.938   12.762  10.319  1.000 31.761 ? 117 ASN AAA OD1 1 ? 
ATOM   664  N  ND2 . ASN A 1 78  ? 0.509   14.420  9.841   1.000 29.700 ? 117 ASN AAA ND2 1 ? 
ATOM   665  N  N   . TYR A 1 79  ? -2.339  9.456   9.618   1.000 18.376 ? 118 TYR AAA N   1 ? 
ATOM   666  C  CA  . TYR A 1 79  ? -3.499  8.639   9.923   1.000 17.490 ? 118 TYR AAA CA  1 ? 
ATOM   667  C  C   . TYR A 1 79  ? -3.137  7.556   10.938  1.000 15.489 ? 118 TYR AAA C   1 ? 
ATOM   668  O  O   . TYR A 1 79  ? -3.968  7.000   11.647  1.000 16.544 ? 118 TYR AAA O   1 ? 
ATOM   669  C  CB  . TYR A 1 79  ? -3.962  7.994   8.616   1.000 16.491 ? 118 TYR AAA CB  1 ? 
ATOM   670  C  CG  . TYR A 1 79  ? -5.140  7.057   8.750   1.000 15.281 ? 118 TYR AAA CG  1 ? 
ATOM   671  C  CD1 . TYR A 1 79  ? -6.438  7.554   8.861   1.000 14.782 ? 118 TYR AAA CD1 1 ? 
ATOM   672  C  CD2 . TYR A 1 79  ? -4.944  5.687   8.786   1.000 15.824 ? 118 TYR AAA CD2 1 ? 
ATOM   673  C  CE1 . TYR A 1 79  ? -7.500  6.664   8.966   1.000 16.473 ? 118 TYR AAA CE1 1 ? 
ATOM   674  C  CE2 . TYR A 1 79  ? -5.986  4.791   8.869   1.000 16.479 ? 118 TYR AAA CE2 1 ? 
ATOM   675  C  CZ  . TYR A 1 79  ? -7.272  5.289   8.952   1.000 15.138 ? 118 TYR AAA CZ  1 ? 
ATOM   676  O  OH  . TYR A 1 79  ? -8.250  4.340   9.096   1.000 19.017 ? 118 TYR AAA OH  1 ? 
ATOM   677  N  N   . TYR A 1 80  ? -1.854  7.210   10.978  1.000 16.269 ? 119 TYR AAA N   1 ? 
ATOM   678  C  CA  . TYR A 1 80  ? -1.427  6.026   11.721  1.000 15.944 ? 119 TYR AAA CA  1 ? 
ATOM   679  C  C   . TYR A 1 80  ? -1.069  6.378   13.170  1.000 18.108 ? 119 TYR AAA C   1 ? 
ATOM   680  O  O   . TYR A 1 80  ? -0.754  7.539   13.479  1.000 21.092 ? 119 TYR AAA O   1 ? 
ATOM   681  C  CB  . TYR A 1 80  ? -0.148  5.483   11.068  1.000 15.881 ? 119 TYR AAA CB  1 ? 
ATOM   682  C  CG  . TYR A 1 80  ? -0.322  4.882   9.685   1.000 15.476 ? 119 TYR AAA CG  1 ? 
ATOM   683  C  CD1 . TYR A 1 80  ? -1.150  3.807   9.462   1.000 15.174 ? 119 TYR AAA CD1 1 ? 
ATOM   684  C  CD2 . TYR A 1 80  ? 0.331   5.434   8.577   1.000 15.364 ? 119 TYR AAA CD2 1 ? 
ATOM   685  C  CE1 . TYR A 1 80  ? -1.290  3.218   8.213   1.000 15.160 ? 119 TYR AAA CE1 1 ? 
ATOM   686  C  CE2 . TYR A 1 80  ? 0.200   4.887   7.312   1.000 14.315 ? 119 TYR AAA CE2 1 ? 
ATOM   687  C  CZ  . TYR A 1 80  ? -0.594  3.771   7.134   1.000 15.472 ? 119 TYR AAA CZ  1 ? 
ATOM   688  O  OH  . TYR A 1 80  ? -0.726  3.183   5.929   1.000 16.562 ? 119 TYR AAA OH  1 ? 
ATOM   689  N  N   . TRP A 1 81  ? -1.158  5.338   14.025  1.000 18.673 ? 120 TRP AAA N   1 ? 
ATOM   690  C  CA  . TRP A 1 81  ? -0.681  5.420   15.403  1.000 18.499 ? 120 TRP AAA CA  1 ? 
ATOM   691  C  C   . TRP A 1 81  ? 0.738   4.871   15.479  1.000 18.766 ? 120 TRP AAA C   1 ? 
ATOM   692  O  O   . TRP A 1 81  ? 1.536   5.383   16.278  1.000 20.299 ? 120 TRP AAA O   1 ? 
ATOM   693  C  CB  . TRP A 1 81  ? -1.585  4.620   16.356  1.000 19.452 ? 120 TRP AAA CB  1 ? 
ATOM   694  C  CG  . TRP A 1 81  ? -1.141  4.757   17.790  1.000 18.929 ? 120 TRP AAA CG  1 ? 
ATOM   695  C  CD1 . TRP A 1 81  ? -0.432  3.827   18.520  1.000 19.872 ? 120 TRP AAA CD1 1 ? 
ATOM   696  C  CD2 . TRP A 1 81  ? -1.389  5.864   18.674  1.000 19.764 ? 120 TRP AAA CD2 1 ? 
ATOM   697  N  NE1 . TRP A 1 81  ? -0.244  4.291   19.797  1.000 19.106 ? 120 TRP AAA NE1 1 ? 
ATOM   698  C  CE2 . TRP A 1 81  ? -0.784  5.547   19.920  1.000 18.359 ? 120 TRP AAA CE2 1 ? 
ATOM   699  C  CE3 . TRP A 1 81  ? -2.082  7.078   18.555  1.000 18.446 ? 120 TRP AAA CE3 1 ? 
ATOM   700  C  CZ2 . TRP A 1 81  ? -0.857  6.410   21.007  1.000 20.624 ? 120 TRP AAA CZ2 1 ? 
ATOM   701  C  CZ3 . TRP A 1 81  ? -2.118  7.952   19.625  1.000 21.374 ? 120 TRP AAA CZ3 1 ? 
ATOM   702  C  CH2 . TRP A 1 81  ? -1.499  7.617   20.843  1.000 20.112 ? 120 TRP AAA CH2 1 ? 
ATOM   703  N  N   . ASN A 1 82  ? 1.039   3.824   14.694  1.000 16.640 ? 121 ASN AAA N   1 ? 
ATOM   704  C  CA  . ASN A 1 82  ? 2.354   3.206   14.824  1.000 16.828 ? 121 ASN AAA CA  1 ? 
ATOM   705  C  C   . ASN A 1 82  ? 2.831   2.694   13.471  1.000 16.403 ? 121 ASN AAA C   1 ? 
ATOM   706  O  O   . ASN A 1 82  ? 2.047   2.594   12.509  1.000 17.661 ? 121 ASN AAA O   1 ? 
ATOM   707  C  CB  . ASN A 1 82  ? 2.423   2.148   15.942  1.000 16.508 ? 121 ASN AAA CB  1 ? 
ATOM   708  C  CG  . ASN A 1 82  ? 1.515   0.966   15.721  1.000 17.420 ? 121 ASN AAA CG  1 ? 
ATOM   709  O  OD1 . ASN A 1 82  ? 1.323   0.567   14.582  1.000 17.807 ? 121 ASN AAA OD1 1 ? 
ATOM   710  N  ND2 . ASN A 1 82  ? 0.943   0.374   16.768  1.000 17.802 ? 121 ASN AAA ND2 1 ? 
ATOM   711  N  N   . ALA A 1 83  ? 4.113   2.328   13.400  1.000 18.489 ? 122 ALA AAA N   1 ? 
ATOM   712  C  CA  . ALA A 1 83  ? 4.719   1.785   12.186  1.000 17.462 ? 122 ALA AAA CA  1 ? 
ATOM   713  C  C   . ALA A 1 83  ? 4.065   0.481   11.759  1.000 17.494 ? 122 ALA AAA C   1 ? 
ATOM   714  O  O   . ALA A 1 83  ? 3.936   0.266   10.556  1.000 17.120 ? 122 ALA AAA O   1 ? 
ATOM   715  C  CB  . ALA A 1 83  ? 6.209   1.590   12.383  1.000 18.971 ? 122 ALA AAA CB  1 ? 
ATOM   716  N  N   . GLN A 1 84  ? 3.714   -0.415  12.692  1.000 15.990 ? 123 GLN AAA N   1 ? 
ATOM   717  C  CA  . GLN A 1 84  ? 3.109   -1.691  12.365  1.000 17.135 ? 123 GLN AAA CA  1 ? 
ATOM   718  C  C   . GLN A 1 84  ? 1.858   -1.519  11.508  1.000 14.804 ? 123 GLN AAA C   1 ? 
ATOM   719  O  O   . GLN A 1 84  ? 1.644   -2.308  10.593  1.000 16.040 ? 123 GLN AAA O   1 ? 
ATOM   720  C  CB  . GLN A 1 84  ? 2.786   -2.550  13.595  1.000 20.286 ? 123 GLN AAA CB  1 ? 
ATOM   721  C  CG  . GLN A 1 84  ? 2.463   -4.000  13.221  1.000 27.854 ? 123 GLN AAA CG  1 ? 
ATOM   722  C  CD  . GLN A 1 84  ? 3.418   -4.546  12.176  0.500 28.668 ? 123 GLN AAA CD  1 ? 
ATOM   723  O  OE1 . GLN A 1 84  ? 4.643   -4.461  12.309  0.500 32.593 ? 123 GLN AAA OE1 1 ? 
ATOM   724  N  NE2 . GLN A 1 84  ? 2.870   -5.061  11.083  0.500 28.690 ? 123 GLN AAA NE2 1 ? 
ATOM   725  N  N   . GLU A 1 85  ? 1.004   -0.535  11.832  1.000 16.644 ? 124 GLU AAA N   1 ? 
ATOM   726  C  CA  . GLU A 1 85  ? -0.197  -0.335  11.012  1.000 15.203 ? 124 GLU AAA CA  1 ? 
ATOM   727  C  C   . GLU A 1 85  ? 0.181   -0.083  9.545   1.000 14.367 ? 124 GLU AAA C   1 ? 
ATOM   728  O  O   . GLU A 1 85  ? -0.486  -0.546  8.610   1.000 13.722 ? 124 GLU AAA O   1 ? 
ATOM   729  C  CB  . GLU A 1 85  ? -1.043  0.840   11.535  1.000 14.904 ? 124 GLU AAA CB  1 ? 
ATOM   730  C  CG  . GLU A 1 85  ? -1.603  0.597   12.946  1.000 18.958 ? 124 GLU AAA CG  1 ? 
ATOM   731  C  CD  . GLU A 1 85  ? -2.507  1.702   13.471  1.000 22.094 ? 124 GLU AAA CD  1 ? 
ATOM   732  O  OE1 . GLU A 1 85  ? -3.353  1.408   14.366  1.000 25.444 ? 124 GLU AAA OE1 1 ? 
ATOM   733  O  OE2 . GLU A 1 85  ? -2.368  2.803   13.014  1.000 23.879 ? 124 GLU AAA OE2 1 ? 
ATOM   734  N  N   . CYS A 1 86  ? 1.229   0.721   9.336   1.000 14.776 ? 125 CYS AAA N   1 ? 
ATOM   735  C  CA  . CYS A 1 86  ? 1.647   1.092   7.994   1.000 15.398 ? 125 CYS AAA CA  1 ? 
ATOM   736  C  C   . CYS A 1 86  ? 2.324   -0.095  7.317   1.000 15.040 ? 125 CYS AAA C   1 ? 
ATOM   737  O  O   . CYS A 1 86  ? 2.081   -0.393  6.157   1.000 14.801 ? 125 CYS AAA O   1 ? 
ATOM   738  C  CB  . CYS A 1 86  ? 2.628   2.258   8.074   1.000 14.026 ? 125 CYS AAA CB  1 ? 
ATOM   739  S  SG  . CYS A 1 86  ? 3.232   2.758   6.440   1.000 16.838 ? 125 CYS AAA SG  1 ? 
ATOM   740  N  N   . ILE A 1 87  ? 3.187   -0.805  8.051   1.000 15.515 ? 126 ILE AAA N   1 ? 
ATOM   741  C  CA  . ILE A 1 87  ? 3.841   -1.983  7.493   1.000 16.563 ? 126 ILE AAA CA  1 ? 
ATOM   742  C  C   . ILE A 1 87  ? 2.798   -3.009  7.076   1.000 15.264 ? 126 ILE AAA C   1 ? 
ATOM   743  O  O   . ILE A 1 87  ? 2.885   -3.601  5.998   1.000 15.413 ? 126 ILE AAA O   1 ? 
ATOM   744  C  CB  . ILE A 1 87  ? 4.819   -2.552  8.539   1.000 16.934 ? 126 ILE AAA CB  1 ? 
ATOM   745  C  CG1 . ILE A 1 87  ? 6.023   -1.613  8.604   1.000 19.625 ? 126 ILE AAA CG1 1 ? 
ATOM   746  C  CG2 . ILE A 1 87  ? 5.203   -4.004  8.207   1.000 17.935 ? 126 ILE AAA CG2 1 ? 
ATOM   747  C  CD1 . ILE A 1 87  ? 6.838   -1.746  9.917   1.000 20.900 ? 126 ILE AAA CD1 1 ? 
ATOM   748  N  N   . GLN A 1 88  ? 1.739   -3.142  7.898   1.000 16.189 ? 127 GLN AAA N   1 ? 
ATOM   749  C  CA  . GLN A 1 88  ? 0.659   -4.072  7.612   1.000 14.993 ? 127 GLN AAA CA  1 ? 
ATOM   750  C  C   . GLN A 1 88  ? -0.029  -3.659  6.310   1.000 14.064 ? 127 GLN AAA C   1 ? 
ATOM   751  O  O   . GLN A 1 88  ? -0.362  -4.529  5.512   1.000 15.612 ? 127 GLN AAA O   1 ? 
ATOM   752  C  CB  . GLN A 1 88  ? -0.413  -4.121  8.712   1.000 17.337 ? 127 GLN AAA CB  1 ? 
ATOM   753  C  CG  . GLN A 1 88  ? -1.548  -5.060  8.315   1.000 22.534 ? 127 GLN AAA CG  1 ? 
ATOM   754  C  CD  . GLN A 1 88  ? -1.062  -6.470  8.029   1.000 30.545 ? 127 GLN AAA CD  1 ? 
ATOM   755  O  OE1 . GLN A 1 88  ? -1.079  -7.008  6.896   1.000 31.094 ? 127 GLN AAA OE1 1 ? 
ATOM   756  N  NE2 . GLN A 1 88  ? -0.541  -7.080  9.079   1.000 30.450 ? 127 GLN AAA NE2 1 ? 
ATOM   757  N  N   . ASP A 1 89  ? -0.204  -2.346  6.082   1.000 14.397 ? 128 ASP AAA N   1 ? 
ATOM   758  C  CA  . ASP A 1 89  ? -0.831  -1.958  4.825   1.000 14.801 ? 128 ASP AAA CA  1 ? 
ATOM   759  C  C   . ASP A 1 89  ? 0.038   -2.360  3.623   1.000 15.261 ? 128 ASP AAA C   1 ? 
ATOM   760  O  O   . ASP A 1 89  ? -0.479  -2.842  2.617   1.000 13.418 ? 128 ASP AAA O   1 ? 
ATOM   761  C  CB  . ASP A 1 89  ? -1.060  -0.452  4.814   1.000 14.005 ? 128 ASP AAA CB  1 ? 
ATOM   762  C  CG  . ASP A 1 89  ? -2.250  0.037   5.645   1.000 13.583 ? 128 ASP AAA CG  1 ? 
ATOM   763  O  OD1 . ASP A 1 89  ? -3.105  -0.814  5.963   1.000 15.692 ? 128 ASP AAA OD1 1 ? 
ATOM   764  O  OD2 . ASP A 1 89  ? -2.303  1.237   5.925   1.000 16.116 ? 128 ASP AAA OD2 1 ? 
ATOM   765  N  N   . PHE A 1 90  ? 1.367   -2.113  3.688   1.000 14.243 ? 129 PHE AAA N   1 ? 
ATOM   766  C  CA  . PHE A 1 90  ? 2.232   -2.561  2.596   1.000 14.832 ? 129 PHE AAA CA  1 ? 
ATOM   767  C  C   . PHE A 1 90  ? 2.159   -4.074  2.386   1.000 13.921 ? 129 PHE AAA C   1 ? 
ATOM   768  O  O   . PHE A 1 90  ? 2.007   -4.536  1.267   1.000 13.890 ? 129 PHE AAA O   1 ? 
ATOM   769  C  CB  . PHE A 1 90  ? 3.686   -2.175  2.877   1.000 15.860 ? 129 PHE AAA CB  1 ? 
ATOM   770  C  CG  . PHE A 1 90  ? 4.093   -0.764  2.536   1.000 14.819 ? 129 PHE AAA CG  1 ? 
ATOM   771  C  CD1 . PHE A 1 90  ? 4.390   -0.439  1.226   1.000 15.744 ? 129 PHE AAA CD1 1 ? 
ATOM   772  C  CD2 . PHE A 1 90  ? 4.253   0.214   3.516   1.000 15.944 ? 129 PHE AAA CD2 1 ? 
ATOM   773  C  CE1 . PHE A 1 90  ? 4.781   0.853   0.901   1.000 17.150 ? 129 PHE AAA CE1 1 ? 
ATOM   774  C  CE2 . PHE A 1 90  ? 4.635   1.506   3.186   1.000 17.009 ? 129 PHE AAA CE2 1 ? 
ATOM   775  C  CZ  . PHE A 1 90  ? 4.940   1.801   1.871   1.000 15.743 ? 129 PHE AAA CZ  1 ? 
ATOM   776  N  N   . ASN A 1 91  ? 2.177   -4.870  3.458   1.000 14.053 ? 130 ASN AAA N   1 ? 
ATOM   777  C  CA  . ASN A 1 91  ? 2.106   -6.311  3.309   1.000 16.364 ? 130 ASN AAA CA  1 ? 
ATOM   778  C  C   . ASN A 1 91  ? 0.765   -6.763  2.750   1.000 13.970 ? 130 ASN AAA C   1 ? 
ATOM   779  O  O   . ASN A 1 91  ? 0.702   -7.689  1.949   1.000 15.401 ? 130 ASN AAA O   1 ? 
ATOM   780  C  CB  . ASN A 1 91  ? 2.443   -6.968  4.631   1.000 18.360 ? 130 ASN AAA CB  1 ? 
ATOM   781  C  CG  . ASN A 1 91  ? 3.946   -6.879  4.812   1.000 23.989 ? 130 ASN AAA CG  1 ? 
ATOM   782  O  OD1 . ASN A 1 91  ? 4.703   -6.973  3.855   1.000 33.074 ? 130 ASN AAA OD1 1 ? 
ATOM   783  N  ND2 . ASN A 1 91  ? 4.356   -6.605  6.015   1.000 25.756 ? 130 ASN AAA ND2 1 ? 
ATOM   784  N  N   . THR A 1 92  ? -0.324  -6.052  3.122   1.000 15.234 ? 131 THR AAA N   1 ? 
ATOM   785  C  CA  . THR A 1 92  ? -1.603  -6.370  2.519   1.000 14.844 ? 131 THR AAA CA  1 ? 
ATOM   786  C  C   . THR A 1 92  ? -1.583  -6.097  1.012   1.000 13.964 ? 131 THR AAA C   1 ? 
ATOM   787  O  O   . THR A 1 92  ? -2.132  -6.886  0.266   1.000 13.722 ? 131 THR AAA O   1 ? 
ATOM   788  C  CB  . THR A 1 92  ? -2.725  -5.530  3.159   1.000 14.847 ? 131 THR AAA CB  1 ? 
ATOM   789  O  OG1 . THR A 1 92  ? -2.808  -5.909  4.532   1.000 16.644 ? 131 THR AAA OG1 1 ? 
ATOM   790  C  CG2 . THR A 1 92  ? -4.084  -5.705  2.504   1.000 14.377 ? 131 THR AAA CG2 1 ? 
ATOM   791  N  N   . MET A 1 93  ? -1.044  -4.949  0.609   1.000 13.256 ? 132 MET AAA N   1 ? 
ATOM   792  C  CA  . MET A 1 93  ? -0.949  -4.639  -0.824  1.000 13.592 ? 132 MET AAA CA  1 ? 
ATOM   793  C  C   . MET A 1 93  ? -0.215  -5.757  -1.570  1.000 13.550 ? 132 MET AAA C   1 ? 
ATOM   794  O  O   . MET A 1 93  ? -0.690  -6.229  -2.610  1.000 14.273 ? 132 MET AAA O   1 ? 
ATOM   795  C  CB  . MET A 1 93  ? -0.207  -3.318  -1.015  1.000 13.204 ? 132 MET AAA CB  1 ? 
ATOM   796  C  CG  . MET A 1 93  ? -0.027  -2.933  -2.493  1.000 14.736 ? 132 MET AAA CG  1 ? 
ATOM   797  S  SD  . MET A 1 93  ? 0.902   -1.398  -2.600  1.000 15.474 ? 132 MET AAA SD  1 ? 
ATOM   798  C  CE  . MET A 1 93  ? 2.573   -2.037  -2.483  1.000 16.790 ? 132 MET AAA CE  1 ? 
ATOM   799  N  N   . PHE A 1 94  ? 0.933   -6.209  -1.030  1.000 14.273 ? 133 PHE AAA N   1 ? 
ATOM   800  C  CA  . PHE A 1 94  ? 1.677   -7.282  -1.694  1.000 15.117 ? 133 PHE AAA CA  1 ? 
ATOM   801  C  C   . PHE A 1 94  ? 0.892   -8.598  -1.720  1.000 16.112 ? 133 PHE AAA C   1 ? 
ATOM   802  O  O   . PHE A 1 94  ? 0.726   -9.227  -2.768  1.000 16.281 ? 133 PHE AAA O   1 ? 
ATOM   803  C  CB  . PHE A 1 94  ? 3.059   -7.485  -1.054  1.000 15.357 ? 133 PHE AAA CB  1 ? 
ATOM   804  C  CG  . PHE A 1 94  ? 3.981   -6.317  -1.211  1.000 15.103 ? 133 PHE AAA CG  1 ? 
ATOM   805  C  CD1 . PHE A 1 94  ? 4.239   -5.774  -2.461  1.000 18.055 ? 133 PHE AAA CD1 1 ? 
ATOM   806  C  CD2 . PHE A 1 94  ? 4.570   -5.731  -0.099  1.000 16.322 ? 133 PHE AAA CD2 1 ? 
ATOM   807  C  CE1 . PHE A 1 94  ? 5.111   -4.699  -2.585  1.000 18.988 ? 133 PHE AAA CE1 1 ? 
ATOM   808  C  CE2 . PHE A 1 94  ? 5.452   -4.673  -0.226  1.000 17.396 ? 133 PHE AAA CE2 1 ? 
ATOM   809  C  CZ  . PHE A 1 94  ? 5.708   -4.135  -1.482  1.000 18.669 ? 133 PHE AAA CZ  1 ? 
ATOM   810  N  N   . THR A 1 95  ? 0.308   -8.994  -0.573  1.000 16.393 ? 134 THR AAA N   1 ? 
ATOM   811  C  CA  A THR A 1 95  ? -0.364  -10.280 -0.530  0.500 18.560 ? 134 THR AAA CA  1 ? 
ATOM   812  C  CA  B THR A 1 95  ? -0.420  -10.249 -0.478  0.500 16.949 ? 134 THR AAA CA  1 ? 
ATOM   813  C  C   . THR A 1 95  ? -1.577  -10.270 -1.457  1.000 16.691 ? 134 THR AAA C   1 ? 
ATOM   814  O  O   . THR A 1 95  ? -1.875  -11.278 -2.110  1.000 16.775 ? 134 THR AAA O   1 ? 
ATOM   815  C  CB  A THR A 1 95  ? -0.455  -10.782 0.919   0.500 19.728 ? 134 THR AAA CB  1 ? 
ATOM   816  C  CB  B THR A 1 95  ? -0.994  -10.460 0.923   0.500 15.574 ? 134 THR AAA CB  1 ? 
ATOM   817  O  OG1 A THR A 1 95  ? -1.013  -9.703  1.658   0.500 21.423 ? 134 THR AAA OG1 1 ? 
ATOM   818  O  OG1 B THR A 1 95  ? 0.185   -10.542 1.716   0.500 15.254 ? 134 THR AAA OG1 1 ? 
ATOM   819  C  CG2 A THR A 1 95  ? 0.914   -11.098 1.484   0.500 20.517 ? 134 THR AAA CG2 1 ? 
ATOM   820  C  CG2 B THR A 1 95  ? -1.764  -11.755 1.013   0.500 16.368 ? 134 THR AAA CG2 1 ? 
ATOM   821  N  N   . ASN A 1 96  ? -2.269  -9.126  -1.540  1.000 16.290 ? 135 ASN AAA N   1 ? 
ATOM   822  C  CA  . ASN A 1 96  ? -3.420  -9.075  -2.420  1.000 15.914 ? 135 ASN AAA CA  1 ? 
ATOM   823  C  C   . ASN A 1 96  ? -2.966  -9.342  -3.860  1.000 14.833 ? 135 ASN AAA C   1 ? 
ATOM   824  O  O   . ASN A 1 96  ? -3.622  -10.055 -4.621  1.000 15.737 ? 135 ASN AAA O   1 ? 
ATOM   825  C  CB  . ASN A 1 96  ? -4.045  -7.672  -2.427  1.000 16.812 ? 135 ASN AAA CB  1 ? 
ATOM   826  C  CG  . ASN A 1 96  ? -4.760  -7.307  -1.140  1.000 16.809 ? 135 ASN AAA CG  1 ? 
ATOM   827  O  OD1 . ASN A 1 96  ? -5.090  -8.179  -0.322  1.000 18.072 ? 135 ASN AAA OD1 1 ? 
ATOM   828  N  ND2 . ASN A 1 96  ? -5.089  -6.039  -1.029  1.000 17.420 ? 135 ASN AAA ND2 1 ? 
ATOM   829  N  N   . CYS A 1 97  ? -1.827  -8.733  -4.230  1.000 14.685 ? 136 CYS AAA N   1 ? 
ATOM   830  C  CA  . CYS A 1 97  ? -1.307  -8.931  -5.578  1.000 15.834 ? 136 CYS AAA CA  1 ? 
ATOM   831  C  C   . CYS A 1 97  ? -1.006  -10.417 -5.853  1.000 15.414 ? 136 CYS AAA C   1 ? 
ATOM   832  O  O   . CYS A 1 97  ? -1.340  -10.944 -6.908  1.000 15.606 ? 136 CYS AAA O   1 ? 
ATOM   833  C  CB  . CYS A 1 97  ? -0.047  -8.100  -5.747  1.000 15.517 ? 136 CYS AAA CB  1 ? 
ATOM   834  S  SG  . CYS A 1 97  ? 0.613   -8.151  -7.426  1.000 17.932 ? 136 CYS AAA SG  1 ? 
ATOM   835  N  N   . TYR A 1 98  ? -0.364  -11.076 -4.879  1.000 15.524 ? 137 TYR AAA N   1 ? 
ATOM   836  C  CA  . TYR A 1 98  ? 0.051   -12.451 -5.091  1.000 17.250 ? 137 TYR AAA CA  1 ? 
ATOM   837  C  C   . TYR A 1 98  ? -1.127  -13.413 -5.022  1.000 17.209 ? 137 TYR AAA C   1 ? 
ATOM   838  O  O   . TYR A 1 98  ? -1.083  -14.482 -5.631  1.000 19.789 ? 137 TYR AAA O   1 ? 
ATOM   839  C  CB  . TYR A 1 98  ? 1.139   -12.865 -4.091  1.000 17.033 ? 137 TYR AAA CB  1 ? 
ATOM   840  C  CG  . TYR A 1 98  ? 2.335   -11.951 -4.080  1.000 16.725 ? 137 TYR AAA CG  1 ? 
ATOM   841  C  CD1 . TYR A 1 98  ? 2.890   -11.499 -5.273  1.000 17.185 ? 137 TYR AAA CD1 1 ? 
ATOM   842  C  CD2 . TYR A 1 98  ? 2.979   -11.613 -2.901  1.000 14.992 ? 137 TYR AAA CD2 1 ? 
ATOM   843  C  CE1 . TYR A 1 98  ? 3.970   -10.622 -5.271  1.000 18.584 ? 137 TYR AAA CE1 1 ? 
ATOM   844  C  CE2 . TYR A 1 98  ? 4.053   -10.748 -2.892  1.000 17.723 ? 137 TYR AAA CE2 1 ? 
ATOM   845  C  CZ  . TYR A 1 98  ? 4.587   -10.285 -4.080  1.000 17.899 ? 137 TYR AAA CZ  1 ? 
ATOM   846  O  OH  . TYR A 1 98  ? 5.687   -9.450  -4.017  1.000 19.843 ? 137 TYR AAA OH  1 ? 
ATOM   847  N  N   . ILE A 1 99  ? -2.210  -13.025 -4.335  1.000 17.117 ? 138 ILE AAA N   1 ? 
ATOM   848  C  CA  . ILE A 1 99  ? -3.369  -13.897 -4.226  1.000 17.523 ? 138 ILE AAA CA  1 ? 
ATOM   849  C  C   . ILE A 1 99  ? -4.161  -13.796 -5.516  1.000 17.591 ? 138 ILE AAA C   1 ? 
ATOM   850  O  O   . ILE A 1 99  ? -4.665  -14.783 -6.017  1.000 19.787 ? 138 ILE AAA O   1 ? 
ATOM   851  C  CB  . ILE A 1 99  ? -4.215  -13.544 -2.995  1.000 20.048 ? 138 ILE AAA CB  1 ? 
ATOM   852  C  CG1 . ILE A 1 99  ? -3.485  -14.036 -1.745  1.000 22.607 ? 138 ILE AAA CG1 1 ? 
ATOM   853  C  CG2 . ILE A 1 99  ? -5.623  -14.107 -3.105  1.000 23.113 ? 138 ILE AAA CG2 1 ? 
ATOM   854  C  CD1 . ILE A 1 99  ? -4.088  -13.544 -0.450  1.000 24.200 ? 138 ILE AAA CD1 1 ? 
ATOM   855  N  N   . TYR A 1 100 ? -4.304  -12.567 -6.019  1.000 17.711 ? 139 TYR AAA N   1 ? 
ATOM   856  C  CA  . TYR A 1 100 ? -5.230  -12.369 -7.119  1.000 18.168 ? 139 TYR AAA CA  1 ? 
ATOM   857  C  C   . TYR A 1 100 ? -4.610  -12.802 -8.444  1.000 18.222 ? 139 TYR AAA C   1 ? 
ATOM   858  O  O   . TYR A 1 100 ? -5.318  -13.371 -9.273  1.000 22.914 ? 139 TYR AAA O   1 ? 
ATOM   859  C  CB  . TYR A 1 100 ? -5.711  -10.910 -7.177  1.000 16.999 ? 139 TYR AAA CB  1 ? 
ATOM   860  C  CG  . TYR A 1 100 ? -6.726  -10.744 -8.271  1.000 15.815 ? 139 TYR AAA CG  1 ? 
ATOM   861  C  CD1 . TYR A 1 100 ? -8.028  -11.180 -8.099  1.000 16.396 ? 139 TYR AAA CD1 1 ? 
ATOM   862  C  CD2 . TYR A 1 100 ? -6.341  -10.240 -9.499  1.000 15.526 ? 139 TYR AAA CD2 1 ? 
ATOM   863  C  CE1 . TYR A 1 100 ? -8.934  -11.119 -9.150  1.000 16.291 ? 139 TYR AAA CE1 1 ? 
ATOM   864  C  CE2 . TYR A 1 100 ? -7.242  -10.180 -10.559 1.000 15.538 ? 139 TYR AAA CE2 1 ? 
ATOM   865  C  CZ  . TYR A 1 100 ? -8.554  -10.583 -10.369 1.000 15.865 ? 139 TYR AAA CZ  1 ? 
ATOM   866  O  OH  . TYR A 1 100 ? -9.389  -10.496 -11.462 1.000 18.321 ? 139 TYR AAA OH  1 ? 
ATOM   867  N  N   . ASN A 1 101 ? -3.327  -12.468 -8.654  1.000 17.881 ? 140 ASN AAA N   1 ? 
ATOM   868  C  CA  . ASN A 1 101 ? -2.732  -12.582 -9.985  1.000 17.919 ? 140 ASN AAA CA  1 ? 
ATOM   869  C  C   . ASN A 1 101 ? -1.969  -13.909 -10.111 1.000 23.280 ? 140 ASN AAA C   1 ? 
ATOM   870  O  O   . ASN A 1 101 ? -1.592  -14.508 -9.110  1.000 24.510 ? 140 ASN AAA O   1 ? 
ATOM   871  C  CB  . ASN A 1 101 ? -1.800  -11.396 -10.220 1.000 17.189 ? 140 ASN AAA CB  1 ? 
ATOM   872  C  CG  . ASN A 1 101 ? -2.583  -10.099 -10.178 1.000 14.961 ? 140 ASN AAA CG  1 ? 
ATOM   873  O  OD1 . ASN A 1 101 ? -3.351  -9.801  -11.095 1.000 16.965 ? 140 ASN AAA OD1 1 ? 
ATOM   874  N  ND2 . ASN A 1 101 ? -2.449  -9.385  -9.078  1.000 15.910 ? 140 ASN AAA ND2 1 ? 
ATOM   875  N  N   . LYS A 1 102 ? -1.734  -14.366 -11.342 1.000 23.942 ? 141 LYS AAA N   1 ? 
ATOM   876  C  CA  . LYS A 1 102 ? -0.982  -15.609 -11.545 1.000 24.833 ? 141 LYS AAA CA  1 ? 
ATOM   877  C  C   . LYS A 1 102 ? 0.506   -15.380 -11.276 1.000 27.735 ? 141 LYS AAA C   1 ? 
ATOM   878  O  O   . LYS A 1 102 ? 1.050   -14.340 -11.635 1.000 24.478 ? 141 LYS AAA O   1 ? 
ATOM   879  C  CB  . LYS A 1 102 ? -1.293  -16.172 -12.938 1.000 28.882 ? 141 LYS AAA CB  1 ? 
ATOM   880  C  CG  . LYS A 1 102 ? -2.774  -16.393 -13.247 1.000 33.328 ? 141 LYS AAA CG  1 ? 
ATOM   881  C  CD  . LYS A 1 102 ? -3.064  -17.539 -14.193 0.500 36.684 ? 141 LYS AAA CD  1 ? 
ATOM   882  C  CE  . LYS A 1 102 ? -2.478  -17.375 -15.581 0.500 40.311 ? 141 LYS AAA CE  1 ? 
ATOM   883  N  NZ  . LYS A 1 102 ? -3.457  -16.786 -16.526 1.000 50.380 ? 141 LYS AAA NZ  1 ? 
ATOM   884  N  N   . PRO A 1 103 ? 1.246   -16.331 -10.635 1.000 24.912 ? 142 PRO AAA N   1 ? 
ATOM   885  C  CA  . PRO A 1 103 ? 2.678   -16.139 -10.405 1.000 28.863 ? 142 PRO AAA CA  1 ? 
ATOM   886  C  C   . PRO A 1 103 ? 3.355   -15.935 -11.758 1.000 25.515 ? 142 PRO AAA C   1 ? 
ATOM   887  O  O   . PRO A 1 103 ? 2.935   -16.505 -12.759 1.000 29.784 ? 142 PRO AAA O   1 ? 
ATOM   888  C  CB  . PRO A 1 103 ? 3.191   -17.464 -9.814  1.000 29.304 ? 142 PRO AAA CB  1 ? 
ATOM   889  C  CG  . PRO A 1 103 ? 1.933   -18.223 -9.398  1.000 30.533 ? 142 PRO AAA CG  1 ? 
ATOM   890  C  CD  . PRO A 1 103 ? 0.778   -17.661 -10.205 1.000 28.769 ? 142 PRO AAA CD  1 ? 
ATOM   891  N  N   . GLY A 1 104 ? 4.383   -15.099 -11.774 1.000 28.777 ? 143 GLY AAA N   1 ? 
ATOM   892  C  CA  . GLY A 1 104 ? 5.061   -14.767 -13.021 1.000 29.326 ? 143 GLY AAA CA  1 ? 
ATOM   893  C  C   . GLY A 1 104 ? 4.281   -13.859 -13.984 1.000 31.591 ? 143 GLY AAA C   1 ? 
ATOM   894  O  O   . GLY A 1 104 ? 4.825   -13.491 -15.017 1.000 32.100 ? 143 GLY AAA O   1 ? 
ATOM   895  N  N   . ASP A 1 105 ? 3.028   -13.480 -13.684 1.000 26.690 ? 144 ASP AAA N   1 ? 
ATOM   896  C  CA  . ASP A 1 105 ? 2.428   -12.356 -14.394 1.000 25.029 ? 144 ASP AAA CA  1 ? 
ATOM   897  C  C   . ASP A 1 105 ? 3.265   -11.104 -14.154 1.000 23.677 ? 144 ASP AAA C   1 ? 
ATOM   898  O  O   . ASP A 1 105 ? 3.900   -10.955 -13.119 1.000 22.498 ? 144 ASP AAA O   1 ? 
ATOM   899  C  CB  . ASP A 1 105 ? 0.946   -12.209 -14.059 1.000 26.465 ? 144 ASP AAA CB  1 ? 
ATOM   900  C  CG  . ASP A 1 105 ? 0.128   -13.205 -14.871 1.000 33.171 ? 144 ASP AAA CG  1 ? 
ATOM   901  O  OD1 . ASP A 1 105 ? 0.711   -14.234 -15.288 1.000 38.792 ? 144 ASP AAA OD1 1 ? 
ATOM   902  O  OD2 . ASP A 1 105 ? -1.063  -12.942 -15.112 1.000 40.281 ? 144 ASP AAA OD2 1 ? 
ATOM   903  N  N   . ASP A 1 106 ? 3.293   -10.183 -15.124 1.000 21.544 ? 145 ASP AAA N   1 ? 
ATOM   904  C  CA  . ASP A 1 106 ? 4.028   -8.944  -14.974 1.000 19.873 ? 145 ASP AAA CA  1 ? 
ATOM   905  C  C   . ASP A 1 106 ? 3.711   -8.257  -13.642 1.000 17.294 ? 145 ASP AAA C   1 ? 
ATOM   906  O  O   . ASP A 1 106 ? 4.628   -7.767  -12.998 1.000 18.395 ? 145 ASP AAA O   1 ? 
ATOM   907  C  CB  . ASP A 1 106 ? 3.673   -7.963  -16.098 1.000 19.359 ? 145 ASP AAA CB  1 ? 
ATOM   908  C  CG  . ASP A 1 106 ? 4.405   -8.239  -17.398 1.000 22.410 ? 145 ASP AAA CG  1 ? 
ATOM   909  O  OD1 . ASP A 1 106 ? 5.385   -9.074  -17.419 1.000 23.307 ? 145 ASP AAA OD1 1 ? 
ATOM   910  O  OD2 . ASP A 1 106 ? 4.009   -7.612  -18.385 1.000 21.601 ? 145 ASP AAA OD2 1 ? 
ATOM   911  N  N   . ILE A 1 107 ? 2.424   -8.147  -13.280 1.000 16.911 ? 146 ILE AAA N   1 ? 
ATOM   912  C  CA  . ILE A 1 107 ? 2.068   -7.437  -12.060 1.000 17.272 ? 146 ILE AAA CA  1 ? 
ATOM   913  C  C   . ILE A 1 107 ? 2.749   -8.048  -10.835 1.000 16.445 ? 146 ILE AAA C   1 ? 
ATOM   914  O  O   . ILE A 1 107 ? 3.173   -7.301  -9.942  1.000 16.146 ? 146 ILE AAA O   1 ? 
ATOM   915  C  CB  . ILE A 1 107 ? 0.539   -7.337  -11.914 1.000 18.498 ? 146 ILE AAA CB  1 ? 
ATOM   916  C  CG1 . ILE A 1 107 ? 0.112   -6.429  -10.751 1.000 20.165 ? 146 ILE AAA CG1 1 ? 
ATOM   917  C  CG2 . ILE A 1 107 ? -0.090  -8.727  -11.821 1.000 20.962 ? 146 ILE AAA CG2 1 ? 
ATOM   918  C  CD1 . ILE A 1 107 ? 0.394   -4.947  -10.960 1.000 21.887 ? 146 ILE AAA CD1 1 ? 
ATOM   919  N  N   . VAL A 1 108 ? 2.903   -9.378  -10.864 1.000 16.488 ? 147 VAL AAA N   1 ? 
ATOM   920  C  CA  . VAL A 1 108 ? 3.551   -10.096 -9.760  1.000 17.170 ? 147 VAL AAA CA  1 ? 
ATOM   921  C  C   . VAL A 1 108 ? 5.052   -9.808  -9.705  1.000 18.228 ? 147 VAL AAA C   1 ? 
ATOM   922  O  O   . VAL A 1 108 ? 5.614   -9.487  -8.650  1.000 19.034 ? 147 VAL AAA O   1 ? 
ATOM   923  C  CB  . VAL A 1 108 ? 3.255   -11.603 -9.806  1.000 16.468 ? 147 VAL AAA CB  1 ? 
ATOM   924  C  CG1 . VAL A 1 108 ? 4.150   -12.365 -8.834  1.000 16.990 ? 147 VAL AAA CG1 1 ? 
ATOM   925  C  CG2 . VAL A 1 108 ? 1.779   -11.900 -9.530  1.000 18.368 ? 147 VAL AAA CG2 1 ? 
ATOM   926  N  N   . LEU A 1 109 ? 5.699   -9.801  -10.885 1.000 17.857 ? 148 LEU AAA N   1 ? 
ATOM   927  C  CA  . LEU A 1 109 ? 7.114   -9.458  -10.946 1.000 18.152 ? 148 LEU AAA CA  1 ? 
ATOM   928  C  C   . LEU A 1 109 ? 7.357   -8.027  -10.489 1.000 17.478 ? 148 LEU AAA C   1 ? 
ATOM   929  O  O   . LEU A 1 109 ? 8.362   -7.731  -9.875  1.000 19.367 ? 148 LEU AAA O   1 ? 
ATOM   930  C  CB  . LEU A 1 109 ? 7.581   -9.589  -12.405 1.000 20.871 ? 148 LEU AAA CB  1 ? 
ATOM   931  C  CG  . LEU A 1 109 ? 7.516   -10.968 -13.040 1.000 24.376 ? 148 LEU AAA CG  1 ? 
ATOM   932  C  CD1 . LEU A 1 109 ? 7.966   -10.842 -14.493 1.000 23.832 ? 148 LEU AAA CD1 1 ? 
ATOM   933  C  CD2 . LEU A 1 109 ? 8.389   -11.961 -12.286 1.000 27.158 ? 148 LEU AAA CD2 1 ? 
ATOM   934  N  N   . MET A 1 110 ? 6.413   -7.117  -10.796 1.000 15.785 ? 149 MET AAA N   1 ? 
ATOM   935  C  CA  . MET A 1 110 ? 6.526   -5.742  -10.363 1.000 15.569 ? 149 MET AAA CA  1 ? 
ATOM   936  C  C   . MET A 1 110 ? 6.448   -5.648  -8.831  1.000 15.236 ? 149 MET AAA C   1 ? 
ATOM   937  O  O   . MET A 1 110 ? 7.268   -4.993  -8.206  1.000 16.092 ? 149 MET AAA O   1 ? 
ATOM   938  C  CB  . MET A 1 110 ? 5.428   -4.911  -11.049 1.000 15.109 ? 149 MET AAA CB  1 ? 
ATOM   939  C  CG  . MET A 1 110 ? 5.697   -4.850  -12.572 1.000 16.316 ? 149 MET AAA CG  1 ? 
ATOM   940  S  SD  . MET A 1 110 ? 4.339   -4.184  -13.559 1.000 17.254 ? 149 MET AAA SD  1 ? 
ATOM   941  C  CE  . MET A 1 110 ? 4.797   -2.461  -13.530 1.000 18.766 ? 149 MET AAA CE  1 ? 
ATOM   942  N  N   . ALA A 1 111 ? 5.413   -6.271  -8.248  1.000 15.887 ? 150 ALA AAA N   1 ? 
ATOM   943  C  CA  . ALA A 1 111 ? 5.259   -6.305  -6.799  1.000 15.225 ? 150 ALA AAA CA  1 ? 
ATOM   944  C  C   . ALA A 1 111 ? 6.514   -6.895  -6.156  1.000 16.655 ? 150 ALA AAA C   1 ? 
ATOM   945  O  O   . ALA A 1 111 ? 6.969   -6.356  -5.145  1.000 16.043 ? 150 ALA AAA O   1 ? 
ATOM   946  C  CB  . ALA A 1 111 ? 4.033   -7.102  -6.426  1.000 15.586 ? 150 ALA AAA CB  1 ? 
ATOM   947  N  N   . GLU A 1 112 ? 7.053   -7.971  -6.751  1.000 17.987 ? 151 GLU AAA N   1 ? 
ATOM   948  C  CA  . GLU A 1 112 ? 8.209   -8.639  -6.162  1.000 19.061 ? 151 GLU AAA CA  1 ? 
ATOM   949  C  C   . GLU A 1 112 ? 9.384   -7.673  -6.092  1.000 17.839 ? 151 GLU AAA C   1 ? 
ATOM   950  O  O   . GLU A 1 112 ? 10.105  -7.645  -5.104  1.000 17.231 ? 151 GLU AAA O   1 ? 
ATOM   951  C  CB  . GLU A 1 112 ? 8.575   -9.874  -6.951  1.000 19.716 ? 151 GLU AAA CB  1 ? 
ATOM   952  C  CG  . GLU A 1 112 ? 7.643   -11.021 -6.611  1.000 26.273 ? 151 GLU AAA CG  1 ? 
ATOM   953  C  CD  . GLU A 1 112 ? 7.847   -12.274 -7.432  1.000 31.223 ? 151 GLU AAA CD  1 ? 
ATOM   954  O  OE1 . GLU A 1 112 ? 8.521   -12.186 -8.471  1.000 33.116 ? 151 GLU AAA OE1 1 ? 
ATOM   955  O  OE2 . GLU A 1 112 ? 7.312   -13.329 -7.030  1.000 35.823 ? 151 GLU AAA OE2 1 ? 
ATOM   956  N  N   . ALA A 1 113 ? 9.595   -6.898  -7.163  1.000 17.531 ? 152 ALA AAA N   1 ? 
ATOM   957  C  CA  . ALA A 1 113 ? 10.671  -5.913  -7.165  1.000 17.745 ? 152 ALA AAA CA  1 ? 
ATOM   958  C  C   . ALA A 1 113 ? 10.485  -4.864  -6.076  1.000 16.178 ? 152 ALA AAA C   1 ? 
ATOM   959  O  O   . ALA A 1 113 ? 11.421  -4.521  -5.364  1.000 17.668 ? 152 ALA AAA O   1 ? 
ATOM   960  C  CB  . ALA A 1 113 ? 10.850  -5.308  -8.539  1.000 16.034 ? 152 ALA AAA CB  1 ? 
ATOM   961  N  N   . LEU A 1 114 ? 9.243   -4.384  -5.879  1.000 16.801 ? 153 LEU AAA N   1 ? 
ATOM   962  C  CA  . LEU A 1 114 ? 8.985   -3.413  -4.834  1.000 16.444 ? 153 LEU AAA CA  1 ? 
ATOM   963  C  C   . LEU A 1 114 ? 9.170   -4.035  -3.449  1.000 15.222 ? 153 LEU AAA C   1 ? 
ATOM   964  O  O   . LEU A 1 114 ? 9.639   -3.359  -2.541  1.000 16.981 ? 153 LEU AAA O   1 ? 
ATOM   965  C  CB  . LEU A 1 114 ? 7.571   -2.807  -4.978  1.000 17.584 ? 153 LEU AAA CB  1 ? 
ATOM   966  C  CG  . LEU A 1 114 ? 7.283   -2.154  -6.333  1.000 20.799 ? 153 LEU AAA CG  1 ? 
ATOM   967  C  CD1 . LEU A 1 114 ? 5.831   -1.663  -6.367  1.000 24.646 ? 153 LEU AAA CD1 1 ? 
ATOM   968  C  CD2 . LEU A 1 114 ? 8.198   -1.008  -6.628  1.000 23.801 ? 153 LEU AAA CD2 1 ? 
ATOM   969  N  N   . GLU A 1 115 ? 8.744   -5.294  -3.326  1.000 17.183 ? 154 GLU AAA N   1 ? 
ATOM   970  C  CA  . GLU A 1 115 ? 8.751   -5.961  -2.024  1.000 17.421 ? 154 GLU AAA CA  1 ? 
ATOM   971  C  C   . GLU A 1 115 ? 10.207  -6.183  -1.609  1.000 18.958 ? 154 GLU AAA C   1 ? 
ATOM   972  O  O   . GLU A 1 115 ? 10.551  -6.078  -0.431  1.000 18.241 ? 154 GLU AAA O   1 ? 
ATOM   973  C  CB  . GLU A 1 115 ? 7.932   -7.239  -2.139  1.000 17.358 ? 154 GLU AAA CB  1 ? 
ATOM   974  C  CG  . GLU A 1 115 ? 7.870   -8.019  -0.822  1.000 19.068 ? 154 GLU AAA CG  1 ? 
ATOM   975  C  CD  . GLU A 1 115 ? 7.061   -9.298  -0.791  1.000 19.983 ? 154 GLU AAA CD  1 ? 
ATOM   976  O  OE1 . GLU A 1 115 ? 6.884   -9.972  -1.798  1.000 23.131 ? 154 GLU AAA OE1 1 ? 
ATOM   977  O  OE2 . GLU A 1 115 ? 6.668   -9.659  0.327   1.000 26.387 ? 154 GLU AAA OE2 1 ? 
ATOM   978  N  N   . LYS A 1 116 ? 11.077  -6.439  -2.584  1.000 19.422 ? 155 LYS AAA N   1 ? 
ATOM   979  C  CA  . LYS A 1 116 ? 12.487  -6.664  -2.239  1.000 18.582 ? 155 LYS AAA CA  1 ? 
ATOM   980  C  C   . LYS A 1 116 ? 13.066  -5.401  -1.626  1.000 20.235 ? 155 LYS AAA C   1 ? 
ATOM   981  O  O   . LYS A 1 116 ? 13.765  -5.444  -0.604  1.000 21.991 ? 155 LYS AAA O   1 ? 
ATOM   982  C  CB  . LYS A 1 116 ? 13.235  -7.123  -3.488  1.000 20.178 ? 155 LYS AAA CB  1 ? 
ATOM   983  C  CG  . LYS A 1 116 ? 14.712  -7.409  -3.246  1.000 24.337 ? 155 LYS AAA CG  1 ? 
ATOM   984  C  CD  . LYS A 1 116 ? 15.369  -8.122  -4.402  1.000 27.813 ? 155 LYS AAA CD  1 ? 
ATOM   985  C  CE  . LYS A 1 116 ? 16.753  -8.632  -4.032  1.000 29.303 ? 155 LYS AAA CE  1 ? 
ATOM   986  N  NZ  . LYS A 1 116 ? 17.620  -8.772  -5.220  1.000 36.089 ? 155 LYS AAA NZ  1 ? 
ATOM   987  N  N   . LEU A 1 117 ? 12.775  -4.250  -2.229  1.000 17.736 ? 156 LEU AAA N   1 ? 
ATOM   988  C  CA  . LEU A 1 117 ? 13.245  -2.975  -1.704  1.000 19.229 ? 156 LEU AAA CA  1 ? 
ATOM   989  C  C   . LEU A 1 117 ? 12.629  -2.686  -0.333  1.000 20.683 ? 156 LEU AAA C   1 ? 
ATOM   990  O  O   . LEU A 1 117 ? 13.259  -2.100  0.547   1.000 19.977 ? 156 LEU AAA O   1 ? 
ATOM   991  C  CB  . LEU A 1 117 ? 12.955  -1.839  -2.699  1.000 19.911 ? 156 LEU AAA CB  1 ? 
ATOM   992  C  CG  . LEU A 1 117 ? 13.761  -2.014  -3.990  1.000 21.638 ? 156 LEU AAA CG  1 ? 
ATOM   993  C  CD1 . LEU A 1 117 ? 13.148  -1.244  -5.142  1.000 25.339 ? 156 LEU AAA CD1 1 ? 
ATOM   994  C  CD2 . LEU A 1 117 ? 15.237  -1.621  -3.783  1.000 24.163 ? 156 LEU AAA CD2 1 ? 
ATOM   995  N  N   . PHE A 1 118 ? 11.333  -2.985  -0.228  1.000 19.806 ? 157 PHE AAA N   1 ? 
ATOM   996  C  CA  . PHE A 1 118 ? 10.599  -2.850  1.013   1.000 19.235 ? 157 PHE AAA CA  1 ? 
ATOM   997  C  C   . PHE A 1 118 ? 11.290  -3.632  2.132   1.000 16.621 ? 157 PHE AAA C   1 ? 
ATOM   998  O  O   . PHE A 1 118 ? 11.512  -3.035  3.189   1.000 18.118 ? 157 PHE AAA O   1 ? 
ATOM   999  C  CB  . PHE A 1 118 ? 9.163   -3.355  0.812   1.000 18.666 ? 157 PHE AAA CB  1 ? 
ATOM   1000 C  CG  . PHE A 1 118 ? 8.324   -3.326  2.061   1.000 19.855 ? 157 PHE AAA CG  1 ? 
ATOM   1001 C  CD1 . PHE A 1 118 ? 7.870   -2.115  2.559   1.000 18.157 ? 157 PHE AAA CD1 1 ? 
ATOM   1002 C  CD2 . PHE A 1 118 ? 7.972   -4.518  2.687   1.000 20.766 ? 157 PHE AAA CD2 1 ? 
ATOM   1003 C  CE1 . PHE A 1 118 ? 7.102   -2.068  3.720   1.000 21.435 ? 157 PHE AAA CE1 1 ? 
ATOM   1004 C  CE2 . PHE A 1 118 ? 7.184   -4.473  3.837   1.000 26.774 ? 157 PHE AAA CE2 1 ? 
ATOM   1005 C  CZ  . PHE A 1 118 ? 6.758   -3.257  4.332   1.000 21.422 ? 157 PHE AAA CZ  1 ? 
ATOM   1006 N  N   . LEU A 1 119 ? 11.599  -4.899  1.893   1.000 19.805 ? 158 LEU AAA N   1 ? 
ATOM   1007 C  CA  . LEU A 1 119 ? 12.192  -5.658  3.000   1.000 22.517 ? 158 LEU AAA CA  1 ? 
ATOM   1008 C  C   . LEU A 1 119 ? 13.510  -5.013  3.435   1.000 23.900 ? 158 LEU AAA C   1 ? 
ATOM   1009 O  O   . LEU A 1 119 ? 13.783  -4.815  4.622   1.000 23.733 ? 158 LEU AAA O   1 ? 
ATOM   1010 C  CB  . LEU A 1 119 ? 12.357  -7.110  2.588   1.000 25.892 ? 158 LEU AAA CB  1 ? 
ATOM   1011 C  CG  . LEU A 1 119 ? 13.119  -7.958  3.614   1.000 29.456 ? 158 LEU AAA CG  1 ? 
ATOM   1012 C  CD1 . LEU A 1 119 ? 12.491  -7.923  5.021   1.000 32.707 ? 158 LEU AAA CD1 1 ? 
ATOM   1013 C  CD2 . LEU A 1 119 ? 13.306  -9.382  3.127   1.000 34.241 ? 158 LEU AAA CD2 1 ? 
ATOM   1014 N  N   . GLN A 1 120 ? 14.320  -4.591  2.469   1.000 23.181 ? 159 GLN AAA N   1 ? 
ATOM   1015 C  CA  . GLN A 1 120 ? 15.630  -4.073  2.841   1.000 25.618 ? 159 GLN AAA CA  1 ? 
ATOM   1016 C  C   . GLN A 1 120 ? 15.458  -2.842  3.721   1.000 27.340 ? 159 GLN AAA C   1 ? 
ATOM   1017 O  O   . GLN A 1 120 ? 16.126  -2.678  4.745   1.000 24.155 ? 159 GLN AAA O   1 ? 
ATOM   1018 C  CB  . GLN A 1 120 ? 16.492  -3.867  1.595   1.000 28.950 ? 159 GLN AAA CB  1 ? 
ATOM   1019 C  CG  . GLN A 1 120 ? 17.957  -3.611  1.951   1.000 30.959 ? 159 GLN AAA CG  1 ? 
ATOM   1020 C  CD  . GLN A 1 120 ? 18.150  -2.135  2.216   1.000 33.397 ? 159 GLN AAA CD  1 ? 
ATOM   1021 O  OE1 . GLN A 1 120 ? 17.649  -1.298  1.473   1.000 31.173 ? 159 GLN AAA OE1 1 ? 
ATOM   1022 N  NE2 . GLN A 1 120 ? 18.853  -1.795  3.291   1.000 32.665 ? 159 GLN AAA NE2 1 ? 
ATOM   1023 N  N   . LYS A 1 121 ? 14.501  -1.980  3.347   1.000 20.970 ? 160 LYS AAA N   1 ? 
ATOM   1024 C  CA  . LYS A 1 121 ? 14.315  -0.753  4.070   1.000 20.318 ? 160 LYS AAA CA  1 ? 
ATOM   1025 C  C   . LYS A 1 121 ? 13.743  -1.058  5.454   1.000 18.201 ? 160 LYS AAA C   1 ? 
ATOM   1026 O  O   . LYS A 1 121 ? 14.110  -0.409  6.442   1.000 20.265 ? 160 LYS AAA O   1 ? 
ATOM   1027 C  CB  . LYS A 1 121 ? 13.424  0.192   3.250   1.000 20.602 ? 160 LYS AAA CB  1 ? 
ATOM   1028 C  CG  . LYS A 1 121 ? 13.919  0.551   1.848   1.000 23.674 ? 160 LYS AAA CG  1 ? 
ATOM   1029 C  CD  . LYS A 1 121 ? 15.329  1.119   1.857   1.000 26.620 ? 160 LYS AAA CD  1 ? 
ATOM   1030 C  CE  . LYS A 1 121 ? 15.645  1.958   0.639   1.000 29.937 ? 160 LYS AAA CE  1 ? 
ATOM   1031 N  NZ  . LYS A 1 121 ? 16.862  2.781   0.881   1.000 36.303 ? 160 LYS AAA NZ  1 ? 
ATOM   1032 N  N   . ILE A 1 122 ? 12.815  -2.016  5.530   1.000 17.518 ? 161 ILE AAA N   1 ? 
ATOM   1033 C  CA  . ILE A 1 122 ? 12.160  -2.275  6.802   1.000 19.178 ? 161 ILE AAA CA  1 ? 
ATOM   1034 C  C   . ILE A 1 122 ? 13.108  -2.932  7.816   1.000 16.886 ? 161 ILE AAA C   1 ? 
ATOM   1035 O  O   . ILE A 1 122 ? 12.958  -2.734  9.027   1.000 16.317 ? 161 ILE AAA O   1 ? 
ATOM   1036 C  CB  . ILE A 1 122 ? 10.836  -3.043  6.588   1.000 21.878 ? 161 ILE AAA CB  1 ? 
ATOM   1037 C  CG1 . ILE A 1 122 ? 9.707   -2.397  7.392   1.000 29.395 ? 161 ILE AAA CG1 1 ? 
ATOM   1038 C  CG2 . ILE A 1 122 ? 10.918  -4.538  6.737   1.000 24.219 ? 161 ILE AAA CG2 1 ? 
ATOM   1039 C  CD1 . ILE A 1 122 ? 9.393   -1.016  6.888   1.000 28.312 ? 161 ILE AAA CD1 1 ? 
ATOM   1040 N  N   . ASN A 1 123 ? 14.130  -3.617  7.320   1.000 18.963 ? 162 ASN AAA N   1 ? 
ATOM   1041 C  CA  . ASN A 1 123 ? 15.084  -4.195  8.262   1.000 19.099 ? 162 ASN AAA CA  1 ? 
ATOM   1042 C  C   . ASN A 1 123 ? 15.853  -3.094  8.985   1.000 20.348 ? 162 ASN AAA C   1 ? 
ATOM   1043 O  O   . ASN A 1 123 ? 16.329  -3.340  10.114  1.000 19.998 ? 162 ASN AAA O   1 ? 
ATOM   1044 C  CB  . ASN A 1 123 ? 16.027  -5.180  7.575   1.000 20.274 ? 162 ASN AAA CB  1 ? 
ATOM   1045 C  CG  . ASN A 1 123 ? 15.392  -6.511  7.271   1.000 21.632 ? 162 ASN AAA CG  1 ? 
ATOM   1046 O  OD1 . ASN A 1 123 ? 14.445  -6.961  7.938   1.000 22.444 ? 162 ASN AAA OD1 1 ? 
ATOM   1047 N  ND2 . ASN A 1 123 ? 15.974  -7.186  6.291   1.000 26.053 ? 162 ASN AAA ND2 1 ? 
ATOM   1048 N  N   . GLU A 1 124 ? 15.945  -1.923  8.334   1.000 17.916 ? 163 GLU AAA N   1 ? 
ATOM   1049 C  CA  . GLU A 1 124 ? 16.607  -0.734  8.851   1.000 18.841 ? 163 GLU AAA CA  1 ? 
ATOM   1050 C  C   . GLU A 1 124 ? 15.637  0.263   9.497   1.000 18.014 ? 163 GLU AAA C   1 ? 
ATOM   1051 O  O   . GLU A 1 124 ? 16.003  1.404   9.807   1.000 18.979 ? 163 GLU AAA O   1 ? 
ATOM   1052 C  CB  . GLU A 1 124 ? 17.452  -0.062  7.763   1.000 20.878 ? 163 GLU AAA CB  1 ? 
ATOM   1053 C  CG  . GLU A 1 124 ? 18.704  -0.850  7.391   1.000 23.177 ? 163 GLU AAA CG  1 ? 
ATOM   1054 C  CD  . GLU A 1 124 ? 19.875  -0.803  8.363   1.000 26.262 ? 163 GLU AAA CD  1 ? 
ATOM   1055 O  OE1 . GLU A 1 124 ? 19.690  -0.405  9.544   1.000 24.355 ? 163 GLU AAA OE1 1 ? 
ATOM   1056 O  OE2 . GLU A 1 124 ? 20.987  -1.158  7.915   1.000 34.149 ? 163 GLU AAA OE2 1 ? 
ATOM   1057 N  N   . LEU A 1 125 ? 14.402  -0.178  9.767   1.000 18.005 ? 164 LEU AAA N   1 ? 
ATOM   1058 C  CA  . LEU A 1 125 ? 13.468  0.687   10.477  1.000 18.102 ? 164 LEU AAA CA  1 ? 
ATOM   1059 C  C   . LEU A 1 125 ? 14.152  1.148   11.762  1.000 19.222 ? 164 LEU AAA C   1 ? 
ATOM   1060 O  O   . LEU A 1 125 ? 14.579  0.313   12.544  1.000 19.601 ? 164 LEU AAA O   1 ? 
ATOM   1061 C  CB  . LEU A 1 125 ? 12.188  -0.103  10.810  1.000 18.734 ? 164 LEU AAA CB  1 ? 
ATOM   1062 C  CG  . LEU A 1 125 ? 11.074  0.730   11.458  1.000 18.388 ? 164 LEU AAA CG  1 ? 
ATOM   1063 C  CD1 . LEU A 1 125 ? 10.447  1.723   10.472  1.000 22.563 ? 164 LEU AAA CD1 1 ? 
ATOM   1064 C  CD2 . LEU A 1 125 ? 10.023  -0.162  12.087  1.000 20.207 ? 164 LEU AAA CD2 1 ? 
ATOM   1065 N  N   . PRO A 1 126 ? 14.266  2.455   12.020  1.000 20.928 ? 165 PRO AAA N   1 ? 
ATOM   1066 C  CA  . PRO A 1 126 ? 15.029  2.908   13.183  1.000 21.810 ? 165 PRO AAA CA  1 ? 
ATOM   1067 C  C   . PRO A 1 126 ? 14.408  2.533   14.518  1.000 21.334 ? 165 PRO AAA C   1 ? 
ATOM   1068 O  O   . PRO A 1 126 ? 13.200  2.428   14.689  1.000 19.890 ? 165 PRO AAA O   1 ? 
ATOM   1069 C  CB  . PRO A 1 126 ? 15.132  4.425   13.000  1.000 21.997 ? 165 PRO AAA CB  1 ? 
ATOM   1070 C  CG  . PRO A 1 126 ? 13.964  4.771   12.105  1.000 28.257 ? 165 PRO AAA CG  1 ? 
ATOM   1071 C  CD  . PRO A 1 126 ? 13.772  3.575   11.194  1.000 23.336 ? 165 PRO AAA CD  1 ? 
ATOM   1072 N  N   . THR A 1 127 ? 15.297  2.396   15.511  1.000 23.079 ? 166 THR AAA N   1 ? 
ATOM   1073 C  CA  . THR A 1 127 ? 14.813  2.360   16.874  1.000 21.441 ? 166 THR AAA CA  1 ? 
ATOM   1074 C  C   . THR A 1 127 ? 13.890  3.553   17.147  1.000 21.358 ? 166 THR AAA C   1 ? 
ATOM   1075 O  O   . THR A 1 127 ? 14.180  4.680   16.775  1.000 22.817 ? 166 THR AAA O   1 ? 
ATOM   1076 C  CB  . THR A 1 127 ? 15.990  2.356   17.849  1.000 23.261 ? 166 THR AAA CB  1 ? 
ATOM   1077 O  OG1 . THR A 1 127 ? 16.960  1.429   17.352  1.000 24.467 ? 166 THR AAA OG1 1 ? 
ATOM   1078 C  CG2 . THR A 1 127 ? 15.526  1.973   19.236  1.000 25.233 ? 166 THR AAA CG2 1 ? 
ATOM   1079 N  N   . GLU A 1 128 ? 12.773  3.287   17.791  1.000 20.894 ? 167 GLU AAA N   1 ? 
ATOM   1080 C  CA  . GLU A 1 128 ? 11.791  4.292   18.184  1.000 25.655 ? 167 GLU AAA CA  1 ? 
ATOM   1081 C  C   . GLU A 1 128 ? 12.425  5.247   19.204  1.000 28.558 ? 167 GLU AAA C   1 ? 
ATOM   1082 O  O   . GLU A 1 128 ? 12.907  4.797   20.243  1.000 30.414 ? 167 GLU AAA O   1 ? 
ATOM   1083 C  CB  . GLU A 1 128 ? 10.563  3.580   18.759  1.000 28.851 ? 167 GLU AAA CB  1 ? 
ATOM   1084 C  CG  . GLU A 1 128 ? 9.451   4.515   19.201  1.000 32.829 ? 167 GLU AAA CG  1 ? 
ATOM   1085 C  CD  . GLU A 1 128 ? 8.064   3.882   19.214  1.000 35.424 ? 167 GLU AAA CD  1 ? 
ATOM   1086 O  OE1 . GLU A 1 128 ? 7.989   2.649   19.338  1.000 37.019 ? 167 GLU AAA OE1 1 ? 
ATOM   1087 O  OE2 . GLU A 1 128 ? 7.069   4.618   19.075  1.000 39.982 ? 167 GLU AAA OE2 1 ? 
ATOM   1088 N  N   . GLU A 1 129 ? 12.467  6.545   18.863  1.000 29.051 ? 168 GLU AAA N   1 ? 
ATOM   1089 C  CA  . GLU A 1 129 ? 12.795  7.626   19.790  1.000 33.025 ? 168 GLU AAA CA  1 ? 
ATOM   1090 C  C   . GLU A 1 129 ? 11.518  8.020   20.539  1.000 39.765 ? 168 GLU AAA C   1 ? 
ATOM   1091 O  O   . GLU A 1 129 ? 10.462  8.194   19.916  1.000 41.046 ? 168 GLU AAA O   1 ? 
ATOM   1092 C  CB  . GLU A 1 129 ? 13.169  8.895   19.017  1.000 36.346 ? 168 GLU AAA CB  1 ? 
ATOM   1093 C  CG  . GLU A 1 129 ? 14.370  8.770   18.083  1.000 47.168 ? 168 GLU AAA CG  1 ? 
ATOM   1094 C  CD  . GLU A 1 129 ? 14.419  9.805   16.959  1.000 53.525 ? 168 GLU AAA CD  1 ? 
ATOM   1095 O  OE1 . GLU A 1 129 ? 15.199  9.607   15.997  1.000 56.986 ? 168 GLU AAA OE1 1 ? 
ATOM   1096 O  OE2 . GLU A 1 129 ? 13.670  10.813  17.028  1.000 55.946 ? 168 GLU AAA OE2 1 ? 
ATOM   1097 O  OXT . GLU A 1 129 ? 11.470  8.213   21.762  1.000 41.145 ? 168 GLU AAA OXT 1 ? 
HETATM 1098 C  C4  . HWC B 2 .   ? -3.672  -4.647  -12.106 1.000 18.350 ? 201 HWC AAA C4  1 ? 
HETATM 1099 C  C5  . HWC B 2 .   ? -3.751  -5.738  -11.232 1.000 17.537 ? 201 HWC AAA C5  1 ? 
HETATM 1100 C  C6  . HWC B 2 .   ? -3.356  -5.607  -9.902  1.000 16.379 ? 201 HWC AAA C6  1 ? 
HETATM 1101 N  N1  . HWC B 2 .   ? -2.836  -4.400  -9.511  1.000 15.522 ? 201 HWC AAA N1  1 ? 
HETATM 1102 N  N2  . HWC B 2 .   ? -4.231  -6.979  -11.655 1.000 18.663 ? 201 HWC AAA N2  1 ? 
HETATM 1103 C  C3  . HWC B 2 .   ? -3.152  -3.425  -11.609 1.000 16.086 ? 201 HWC AAA C3  1 ? 
HETATM 1104 C  C1  . HWC B 2 .   ? -2.473  -4.234  -8.100  1.000 15.719 ? 201 HWC AAA C1  1 ? 
HETATM 1105 C  C2  . HWC B 2 .   ? -2.776  -3.295  -10.337 1.000 17.782 ? 201 HWC AAA C2  1 ? 
HETATM 1106 BR BR1 . HWC B 2 .   ? -2.981  -1.921  -12.765 1.000 23.458 ? 201 HWC AAA BR1 1 ? 
HETATM 1107 O  O1  . HWC B 2 .   ? -3.403  -6.515  -9.078  1.000 16.804 ? 201 HWC AAA O1  1 ? 
HETATM 1108 C  C1  . GOL C 3 .   ? -7.541  -11.917 0.227   1.000 43.178 ? 202 GOL AAA C1  1 ? 
HETATM 1109 O  O1  . GOL C 3 .   ? -7.450  -13.270 0.675   1.000 49.652 ? 202 GOL AAA O1  1 ? 
HETATM 1110 C  C2  . GOL C 3 .   ? -8.167  -11.046 1.293   1.000 38.540 ? 202 GOL AAA C2  1 ? 
HETATM 1111 O  O2  . GOL C 3 .   ? -9.565  -10.857 1.063   1.000 33.381 ? 202 GOL AAA O2  1 ? 
HETATM 1112 C  C3  . GOL C 3 .   ? -7.405  -9.772  1.602   1.000 36.333 ? 202 GOL AAA C3  1 ? 
HETATM 1113 O  O3  . GOL C 3 .   ? -7.605  -8.750  0.623   1.000 24.644 ? 202 GOL AAA O3  1 ? 
HETATM 1114 C  C1  . GOL D 3 .   ? -7.043  -11.567 -13.886 1.000 45.342 ? 203 GOL AAA C1  1 ? 
HETATM 1115 O  O1  . GOL D 3 .   ? -8.367  -12.054 -13.675 1.000 44.917 ? 203 GOL AAA O1  1 ? 
HETATM 1116 C  C2  . GOL D 3 .   ? -5.988  -12.558 -13.440 1.000 48.320 ? 203 GOL AAA C2  1 ? 
HETATM 1117 O  O2  . GOL D 3 .   ? -6.453  -13.324 -12.327 1.000 53.307 ? 203 GOL AAA O2  1 ? 
HETATM 1118 C  C3  . GOL D 3 .   ? -4.633  -11.931 -13.154 1.000 44.925 ? 203 GOL AAA C3  1 ? 
HETATM 1119 O  O3  . GOL D 3 .   ? -3.565  -12.853 -13.390 1.000 40.133 ? 203 GOL AAA O3  1 ? 
HETATM 1120 C  C1  . GOL E 3 .   ? -1.342  -4.327  -14.865 1.000 45.536 ? 204 GOL AAA C1  1 ? 
HETATM 1121 O  O1  . GOL E 3 .   ? -0.943  -4.893  -13.621 1.000 59.478 ? 204 GOL AAA O1  1 ? 
HETATM 1122 C  C2  . GOL E 3 .   ? -0.293  -4.587  -15.923 1.000 47.571 ? 204 GOL AAA C2  1 ? 
HETATM 1123 O  O2  . GOL E 3 .   ? -0.428  -5.902  -16.463 1.000 44.111 ? 204 GOL AAA O2  1 ? 
HETATM 1124 C  C3  . GOL E 3 .   ? 1.117   -4.415  -15.412 1.000 39.954 ? 204 GOL AAA C3  1 ? 
HETATM 1125 O  O3  . GOL E 3 .   ? 2.042   -4.555  -16.487 1.000 46.755 ? 204 GOL AAA O3  1 ? 
HETATM 1126 O  O   . HOH F 4 .   ? 1.119   -8.232  8.166   1.000 38.867 ? 301 HOH AAA O   1 ? 
HETATM 1127 O  O   . HOH F 4 .   ? -6.473  4.844   -16.382 1.000 29.401 ? 302 HOH AAA O   1 ? 
HETATM 1128 O  O   . HOH F 4 .   ? 9.024   5.839   16.246  1.000 37.036 ? 303 HOH AAA O   1 ? 
HETATM 1129 O  O   . HOH F 4 .   ? -5.088  5.159   16.174  1.000 31.937 ? 304 HOH AAA O   1 ? 
HETATM 1130 O  O   . HOH F 4 .   ? 14.118  4.018   22.206  1.000 44.046 ? 305 HOH AAA O   1 ? 
HETATM 1131 O  O   . HOH F 4 .   ? 9.034   9.021   18.059  1.000 32.682 ? 306 HOH AAA O   1 ? 
HETATM 1132 O  O   . HOH F 4 .   ? -2.903  -5.796  -16.702 1.000 39.628 ? 307 HOH AAA O   1 ? 
HETATM 1133 O  O   . HOH F 4 .   ? -14.221 -14.216 -2.362  1.000 39.417 ? 308 HOH AAA O   1 ? 
HETATM 1134 O  O   . HOH F 4 .   ? 14.979  7.976   -2.818  1.000 38.363 ? 309 HOH AAA O   1 ? 
HETATM 1135 O  O   . HOH F 4 .   ? 10.738  -11.405 -9.366  1.000 41.589 ? 310 HOH AAA O   1 ? 
HETATM 1136 O  O   . HOH F 4 .   ? 18.112  2.620   10.545  1.000 35.443 ? 311 HOH AAA O   1 ? 
HETATM 1137 O  O   . HOH F 4 .   ? -14.112 11.976  17.971  1.000 34.499 ? 312 HOH AAA O   1 ? 
HETATM 1138 O  O   . HOH F 4 .   ? 6.846   -10.028 -19.350 1.000 21.727 ? 313 HOH AAA O   1 ? 
HETATM 1139 O  O   . HOH F 4 .   ? -9.124  -2.178  2.539   1.000 29.892 ? 314 HOH AAA O   1 ? 
HETATM 1140 O  O   . HOH F 4 .   ? 1.767   -6.281  -18.442 1.000 28.316 ? 315 HOH AAA O   1 ? 
HETATM 1141 O  O   . HOH F 4 .   ? -12.703 13.393  6.274   1.000 39.697 ? 316 HOH AAA O   1 ? 
HETATM 1142 O  O   . HOH F 4 .   ? -9.616  7.543   1.346   1.000 29.431 ? 317 HOH AAA O   1 ? 
HETATM 1143 O  O   . HOH F 4 .   ? -7.940  4.056   -8.883  1.000 22.394 ? 318 HOH AAA O   1 ? 
HETATM 1144 O  O   . HOH F 4 .   ? 3.064   -6.747  8.301   1.000 38.111 ? 319 HOH AAA O   1 ? 
HETATM 1145 O  O   . HOH F 4 .   ? -13.504 5.716   1.831   1.000 29.000 ? 320 HOH AAA O   1 ? 
HETATM 1146 O  O   . HOH F 4 .   ? 21.419  -0.923  11.473  1.000 26.202 ? 321 HOH AAA O   1 ? 
HETATM 1147 O  O   . HOH F 4 .   ? 10.766  -8.713  -10.381 1.000 34.387 ? 322 HOH AAA O   1 ? 
HETATM 1148 O  O   . HOH F 4 .   ? -2.995  7.855   -9.850  1.000 33.760 ? 323 HOH AAA O   1 ? 
HETATM 1149 O  O   . HOH F 4 .   ? -3.717  -6.776  -6.300  1.000 14.563 ? 324 HOH AAA O   1 ? 
HETATM 1150 O  O   . HOH F 4 .   ? -9.455  -14.027 -1.409  1.000 36.745 ? 325 HOH AAA O   1 ? 
HETATM 1151 O  O   . HOH F 4 .   ? 4.878   9.677   19.263  1.000 40.532 ? 326 HOH AAA O   1 ? 
HETATM 1152 O  O   . HOH F 4 .   ? 17.498  2.524   5.068   1.000 32.899 ? 327 HOH AAA O   1 ? 
HETATM 1153 O  O   . HOH F 4 .   ? -7.944  12.148  3.343   1.000 39.279 ? 328 HOH AAA O   1 ? 
HETATM 1154 O  O   . HOH F 4 .   ? -11.426 -0.125  -0.947  1.000 17.671 ? 329 HOH AAA O   1 ? 
HETATM 1155 O  O   . HOH F 4 .   ? -2.904  -2.655  -4.793  1.000 15.971 ? 330 HOH AAA O   1 ? 
HETATM 1156 O  O   . HOH F 4 .   ? -15.432 -3.439  -16.851 1.000 36.322 ? 331 HOH AAA O   1 ? 
HETATM 1157 O  O   . HOH F 4 .   ? -9.085  -8.245  -17.999 1.000 36.726 ? 332 HOH AAA O   1 ? 
HETATM 1158 O  O   . HOH F 4 .   ? 9.980   7.807   -10.801 1.000 35.149 ? 333 HOH AAA O   1 ? 
HETATM 1159 O  O   . HOH F 4 .   ? -4.005  -3.351  5.657   1.000 24.879 ? 334 HOH AAA O   1 ? 
HETATM 1160 O  O   . HOH F 4 .   ? -15.992 7.157   -7.040  1.000 37.269 ? 335 HOH AAA O   1 ? 
HETATM 1161 O  O   . HOH F 4 .   ? -3.083  -0.764  -6.799  1.000 15.840 ? 336 HOH AAA O   1 ? 
HETATM 1162 O  O   . HOH F 4 .   ? -6.918  0.053   -2.419  1.000 15.168 ? 337 HOH AAA O   1 ? 
HETATM 1163 O  O   . HOH F 4 .   ? -11.715 -0.091  -19.744 1.000 35.569 ? 338 HOH AAA O   1 ? 
HETATM 1164 O  O   . HOH F 4 .   ? 5.237   -11.778 -17.102 1.000 33.972 ? 339 HOH AAA O   1 ? 
HETATM 1165 O  O   . HOH F 4 .   ? -11.224 1.409   -7.201  1.000 17.168 ? 340 HOH AAA O   1 ? 
HETATM 1166 O  O   . HOH F 4 .   ? -12.838 -11.459 -13.663 1.000 41.163 ? 341 HOH AAA O   1 ? 
HETATM 1167 O  O   . HOH F 4 .   ? 0.700   -14.936 -7.656  1.000 24.503 ? 342 HOH AAA O   1 ? 
HETATM 1168 O  O   . HOH F 4 .   ? -5.350  -4.130  -3.617  1.000 18.324 ? 343 HOH AAA O   1 ? 
HETATM 1169 O  O   . HOH F 4 .   ? 8.316   -11.144 1.955   1.000 40.105 ? 344 HOH AAA O   1 ? 
HETATM 1170 O  O   . HOH F 4 .   ? 16.577  5.979   16.391  1.000 27.352 ? 345 HOH AAA O   1 ? 
HETATM 1171 O  O   . HOH F 4 .   ? 7.258   5.499   -10.434 1.000 23.868 ? 346 HOH AAA O   1 ? 
HETATM 1172 O  O   . HOH F 4 .   ? 15.321  -7.593  0.187   1.000 25.378 ? 347 HOH AAA O   1 ? 
HETATM 1173 O  O   . HOH F 4 .   ? -5.624  11.055  8.467   1.000 23.649 ? 348 HOH AAA O   1 ? 
HETATM 1174 O  O   . HOH F 4 .   ? -15.150 -3.322  -9.366  1.000 23.430 ? 349 HOH AAA O   1 ? 
HETATM 1175 O  O   . HOH F 4 .   ? 10.374  -9.909  -3.507  1.000 22.843 ? 350 HOH AAA O   1 ? 
HETATM 1176 O  O   . HOH F 4 .   ? 6.012   3.365   15.430  1.000 21.824 ? 351 HOH AAA O   1 ? 
HETATM 1177 O  O   . HOH F 4 .   ? -6.503  -6.002  -16.660 1.000 24.838 ? 352 HOH AAA O   1 ? 
HETATM 1178 O  O   . HOH F 4 .   ? 17.448  -0.629  19.167  1.000 23.704 ? 353 HOH AAA O   1 ? 
HETATM 1179 O  O   . HOH F 4 .   ? -11.484 1.800   -4.438  1.000 20.498 ? 354 HOH AAA O   1 ? 
HETATM 1180 O  O   . HOH F 4 .   ? 9.409   8.877   -4.504  1.000 35.800 ? 355 HOH AAA O   1 ? 
HETATM 1181 O  O   . HOH F 4 .   ? 14.397  -3.191  -8.427  1.000 28.851 ? 356 HOH AAA O   1 ? 
HETATM 1182 O  O   . HOH F 4 .   ? -6.229  6.388   -1.897  1.000 33.579 ? 357 HOH AAA O   1 ? 
HETATM 1183 O  O   . HOH F 4 .   ? 5.440   3.817   21.218  1.000 27.829 ? 358 HOH AAA O   1 ? 
HETATM 1184 O  O   . HOH F 4 .   ? -4.056  -9.613  1.859   1.000 27.932 ? 359 HOH AAA O   1 ? 
HETATM 1185 O  O   . HOH F 4 .   ? -1.911  -5.219  -4.934  1.000 15.274 ? 360 HOH AAA O   1 ? 
HETATM 1186 O  O   . HOH F 4 .   ? -15.356 9.977   11.064  1.000 36.480 ? 361 HOH AAA O   1 ? 
HETATM 1187 O  O   . HOH F 4 .   ? -1.690  9.436   -2.797  1.000 24.260 ? 362 HOH AAA O   1 ? 
HETATM 1188 O  O   . HOH F 4 .   ? -4.954  7.343   -4.236  1.000 28.758 ? 363 HOH AAA O   1 ? 
HETATM 1189 O  O   . HOH F 4 .   ? -7.295  1.867   10.101  1.000 41.968 ? 364 HOH AAA O   1 ? 
HETATM 1190 O  O   . HOH F 4 .   ? 13.275  1.729   -10.679 1.000 31.419 ? 365 HOH AAA O   1 ? 
HETATM 1191 O  O   . HOH F 4 .   ? 12.464  0.535   18.468  1.000 34.136 ? 366 HOH AAA O   1 ? 
HETATM 1192 O  O   . HOH F 4 .   ? 14.109  -4.685  -6.313  1.000 26.622 ? 367 HOH AAA O   1 ? 
HETATM 1193 O  O   . HOH F 4 .   ? -14.641 -6.074  -8.406  1.000 21.627 ? 368 HOH AAA O   1 ? 
HETATM 1194 O  O   . HOH F 4 .   ? -0.050  5.783   -11.563 1.000 26.601 ? 369 HOH AAA O   1 ? 
HETATM 1195 O  O   . HOH F 4 .   ? -3.344  -0.533  8.823   1.000 21.353 ? 370 HOH AAA O   1 ? 
HETATM 1196 O  O   . HOH F 4 .   ? -4.017  0.668   -9.976  1.000 28.186 ? 371 HOH AAA O   1 ? 
HETATM 1197 O  O   . HOH F 4 .   ? 23.259  0.216   9.002   1.000 41.174 ? 372 HOH AAA O   1 ? 
HETATM 1198 O  O   . HOH F 4 .   ? -11.109 8.898   4.264   1.000 26.003 ? 373 HOH AAA O   1 ? 
HETATM 1199 O  O   . HOH F 4 .   ? 0.225   -8.404  -15.107 1.000 25.539 ? 374 HOH AAA O   1 ? 
HETATM 1200 O  O   . HOH F 4 .   ? 11.673  -4.595  10.799  1.000 25.077 ? 375 HOH AAA O   1 ? 
HETATM 1201 O  O   . HOH F 4 .   ? -4.356  13.666  11.175  1.000 39.496 ? 376 HOH AAA O   1 ? 
HETATM 1202 O  O   . HOH F 4 .   ? 7.137   -6.837  6.750   1.000 30.693 ? 377 HOH AAA O   1 ? 
HETATM 1203 O  O   . HOH F 4 .   ? 18.588  -6.315  5.401   1.000 33.525 ? 378 HOH AAA O   1 ? 
HETATM 1204 O  O   . HOH F 4 .   ? -14.048 4.379   -5.568  1.000 30.101 ? 379 HOH AAA O   1 ? 
HETATM 1205 O  O   . HOH F 4 .   ? 4.926   9.707   8.174   1.000 29.000 ? 380 HOH AAA O   1 ? 
HETATM 1206 O  O   . HOH F 4 .   ? 17.766  -2.279  -1.250  1.000 31.094 ? 381 HOH AAA O   1 ? 
HETATM 1207 O  O   . HOH F 4 .   ? 1.774   -10.481 -17.573 1.000 37.678 ? 382 HOH AAA O   1 ? 
HETATM 1208 O  O   . HOH F 4 .   ? -0.488  -9.630  4.510   1.000 34.784 ? 383 HOH AAA O   1 ? 
HETATM 1209 O  O   . HOH F 4 .   ? 7.928   10.267  0.332   1.000 33.984 ? 384 HOH AAA O   1 ? 
HETATM 1210 O  O   . HOH F 4 .   ? -6.462  -1.469  -4.567  1.000 18.616 ? 385 HOH AAA O   1 ? 
HETATM 1211 O  O   . HOH F 4 .   ? -6.200  0.947   -11.413 1.000 22.610 ? 386 HOH AAA O   1 ? 
HETATM 1212 O  O   . HOH F 4 .   ? -13.220 1.441   2.410   1.000 21.339 ? 387 HOH AAA O   1 ? 
HETATM 1213 O  O   . HOH F 4 .   ? -15.173 -4.776  -13.880 1.000 31.703 ? 388 HOH AAA O   1 ? 
HETATM 1214 O  O   . HOH F 4 .   ? 5.568   8.189   -10.344 1.000 32.081 ? 389 HOH AAA O   1 ? 
HETATM 1215 O  O   . HOH F 4 .   ? 17.807  5.587   1.190   1.000 35.644 ? 390 HOH AAA O   1 ? 
HETATM 1216 O  O   . HOH F 4 .   ? 5.956   3.745   -12.211 1.000 21.204 ? 391 HOH AAA O   1 ? 
HETATM 1217 O  O   . HOH F 4 .   ? -14.052 -15.335 -9.721  1.000 40.017 ? 392 HOH AAA O   1 ? 
HETATM 1218 O  O   . HOH F 4 .   ? 3.709   10.896  -8.522  1.000 42.580 ? 393 HOH AAA O   1 ? 
HETATM 1219 O  O   . HOH F 4 .   ? 4.744   -0.275  15.488  1.000 20.434 ? 394 HOH AAA O   1 ? 
HETATM 1220 O  O   . HOH F 4 .   ? 0.634   8.859   10.974  1.000 31.267 ? 395 HOH AAA O   1 ? 
HETATM 1221 O  O   . HOH F 4 .   ? 1.394   2.697   21.728  1.000 19.522 ? 396 HOH AAA O   1 ? 
HETATM 1222 O  O   . HOH F 4 .   ? 12.868  -1.713  -12.955 1.000 32.196 ? 397 HOH AAA O   1 ? 
HETATM 1223 O  O   . HOH F 4 .   ? 5.296   2.373   17.949  1.000 25.343 ? 398 HOH AAA O   1 ? 
HETATM 1224 O  O   . HOH F 4 .   ? -0.474  -2.206  15.980  1.000 31.189 ? 399 HOH AAA O   1 ? 
HETATM 1225 O  O   . HOH F 4 .   ? -14.103 4.129   6.055   1.000 22.400 ? 400 HOH AAA O   1 ? 
HETATM 1226 O  O   . HOH F 4 .   ? -11.147 3.951   12.061  1.000 37.227 ? 401 HOH AAA O   1 ? 
HETATM 1227 O  O   . HOH F 4 .   ? 6.771   -14.232 -10.056 1.000 35.763 ? 402 HOH AAA O   1 ? 
HETATM 1228 O  O   . HOH F 4 .   ? 13.769  5.570   -9.579  1.000 33.697 ? 403 HOH AAA O   1 ? 
HETATM 1229 O  O   . HOH F 4 .   ? -4.414  -6.813  -14.735 1.000 30.961 ? 404 HOH AAA O   1 ? 
HETATM 1230 O  O   . HOH F 4 .   ? -3.686  -8.871  4.321   1.000 33.184 ? 405 HOH AAA O   1 ? 
HETATM 1231 O  O   . HOH F 4 .   ? 14.791  8.009   13.035  1.000 30.008 ? 406 HOH AAA O   1 ? 
HETATM 1232 O  O   . HOH F 4 .   ? -9.793  0.131   -3.152  1.000 16.035 ? 407 HOH AAA O   1 ? 
HETATM 1233 O  O   . HOH F 4 .   ? 15.606  -10.366 5.894   1.000 35.691 ? 408 HOH AAA O   1 ? 
HETATM 1234 O  O   . HOH F 4 .   ? 5.871   -12.718 -0.433  1.000 29.593 ? 409 HOH AAA O   1 ? 
HETATM 1235 O  O   . HOH F 4 .   ? -0.360  -5.490  11.901  1.000 42.252 ? 410 HOH AAA O   1 ? 
HETATM 1236 O  O   . HOH F 4 .   ? -10.332 1.518   5.680   1.000 29.455 ? 411 HOH AAA O   1 ? 
HETATM 1237 O  O   . HOH F 4 .   ? -20.233 2.710   -4.472  1.000 45.032 ? 412 HOH AAA O   1 ? 
HETATM 1238 O  O   . HOH F 4 .   ? -12.646 2.256   5.016   1.000 33.513 ? 413 HOH AAA O   1 ? 
HETATM 1239 O  O   . HOH F 4 .   ? -9.113  1.161   8.133   1.000 55.237 ? 414 HOH AAA O   1 ? 
HETATM 1240 O  O   . HOH F 4 .   ? 11.347  -9.448  -0.901  1.000 27.529 ? 415 HOH AAA O   1 ? 
HETATM 1241 O  O   . HOH F 4 .   ? -1.620  3.965   -13.437 1.000 29.409 ? 416 HOH AAA O   1 ? 
HETATM 1242 O  O   . HOH F 4 .   ? -2.993  1.440   -13.217 1.000 39.231 ? 417 HOH AAA O   1 ? 
HETATM 1243 O  O   . HOH F 4 .   ? 13.374  -4.169  -10.730 1.000 42.041 ? 418 HOH AAA O   1 ? 
HETATM 1244 O  O   . HOH F 4 .   ? -5.026  -16.868 -9.965  1.000 51.406 ? 419 HOH AAA O   1 ? 
HETATM 1245 O  O   . HOH F 4 .   ? -4.260  5.108   -12.671 1.000 32.728 ? 420 HOH AAA O   1 ? 
HETATM 1246 O  O   . HOH F 4 .   ? 5.420   -7.397  9.390   1.000 39.403 ? 421 HOH AAA O   1 ? 
HETATM 1247 O  O   . HOH F 4 .   ? -4.542  1.648   10.311  1.000 32.237 ? 422 HOH AAA O   1 ? 
HETATM 1248 O  O   . HOH F 4 .   ? 16.433  -7.595  2.681   1.000 34.871 ? 423 HOH AAA O   1 ? 
HETATM 1249 O  O   . HOH F 4 .   ? 14.571  -0.439  -11.770 1.000 42.234 ? 424 HOH AAA O   1 ? 
HETATM 1250 O  O   . HOH F 4 .   ? 9.338   -8.336  2.816   1.000 47.410 ? 425 HOH AAA O   1 ? 
HETATM 1251 O  O   . HOH F 4 .   ? 12.630  -10.643 -4.721  1.000 41.062 ? 426 HOH AAA O   1 ? 
HETATM 1252 O  O   . HOH F 4 .   ? 4.000   2.304   22.035  1.000 31.551 ? 427 HOH AAA O   1 ? 
HETATM 1253 O  O   . HOH F 4 .   ? 18.073  0.109   -2.304  1.000 29.746 ? 428 HOH AAA O   1 ? 
HETATM 1254 O  O   . HOH F 4 .   ? -6.640  -2.854  5.521   1.000 34.511 ? 429 HOH AAA O   1 ? 
HETATM 1255 O  O   . HOH F 4 .   ? -16.477 -4.188  -11.621 1.000 25.004 ? 430 HOH AAA O   1 ? 
HETATM 1256 O  O   . HOH F 4 .   ? -10.994 4.579   -5.352  1.000 31.139 ? 431 HOH AAA O   1 ? 
HETATM 1257 O  O   . HOH F 4 .   ? 17.592  -7.027  -1.229  1.000 38.374 ? 432 HOH AAA O   1 ? 
HETATM 1258 O  O   . HOH F 4 .   ? -6.587  3.805   -11.886 1.000 26.574 ? 433 HOH AAA O   1 ? 
HETATM 1259 O  O   . HOH F 4 .   ? -10.627 3.806   -8.346  1.000 27.459 ? 434 HOH AAA O   1 ? 
HETATM 1260 O  O   . HOH F 4 .   ? 8.066   4.802   23.214  1.000 45.369 ? 435 HOH AAA O   1 ? 
HETATM 1261 O  O   . HOH F 4 .   ? -8.354  7.904   -1.302  1.000 34.901 ? 436 HOH AAA O   1 ? 
HETATM 1262 O  O   . HOH F 4 .   ? 7.243   9.840   -2.493  1.000 43.678 ? 437 HOH AAA O   1 ? 
HETATM 1263 O  O   . HOH F 4 .   ? 16.421  -4.594  -5.113  1.000 34.944 ? 438 HOH AAA O   1 ? 
HETATM 1264 O  O   . HOH F 4 .   ? -4.436  -4.348  8.260   1.000 41.756 ? 439 HOH AAA O   1 ? 
HETATM 1265 O  O   . HOH F 4 .   ? 12.103  9.576   -10.259 1.000 27.814 ? 440 HOH AAA O   1 ? 
HETATM 1266 O  O   . HOH F 4 .   ? 14.152  -7.187  -7.931  1.000 34.191 ? 441 HOH AAA O   1 ? 
HETATM 1267 O  O   . HOH F 4 .   ? 11.154  -8.292  -13.599 1.000 31.972 ? 442 HOH AAA O   1 ? 
HETATM 1268 O  O   . HOH F 4 .   ? -7.656  6.730   -8.069  1.000 36.924 ? 443 HOH AAA O   1 ? 
HETATM 1269 O  O   . HOH F 4 .   ? -9.596  6.658   -4.482  1.000 34.339 ? 444 HOH AAA O   1 ? 
# 
